data_1KM8
# 
_entry.id   1KM8 
# 
_audit_conform.dict_name       mmcif_pdbx.dic 
_audit_conform.dict_version    5.397 
_audit_conform.dict_location   http://mmcif.pdb.org/dictionaries/ascii/mmcif_pdbx.dic 
# 
loop_
_database_2.database_id 
_database_2.database_code 
_database_2.pdbx_database_accession 
_database_2.pdbx_DOI 
PDB   1KM8         pdb_00001km8 10.2210/pdb1km8/pdb 
RCSB  RCSB015102   ?            ?                   
WWPDB D_1000015102 ?            ?                   
# 
loop_
_pdbx_audit_revision_history.ordinal 
_pdbx_audit_revision_history.data_content_type 
_pdbx_audit_revision_history.major_revision 
_pdbx_audit_revision_history.minor_revision 
_pdbx_audit_revision_history.revision_date 
1 'Structure model' 1 0 2003-09-09 
2 'Structure model' 1 1 2008-04-27 
3 'Structure model' 1 2 2011-07-13 
4 'Structure model' 1 3 2017-10-11 
5 'Structure model' 2 0 2019-12-25 
6 'Structure model' 2 1 2023-08-16 
7 'Structure model' 2 2 2024-10-30 
# 
_pdbx_audit_revision_details.ordinal             1 
_pdbx_audit_revision_details.revision_ordinal    1 
_pdbx_audit_revision_details.data_content_type   'Structure model' 
_pdbx_audit_revision_details.provider            repository 
_pdbx_audit_revision_details.type                'Initial release' 
_pdbx_audit_revision_details.description         ? 
_pdbx_audit_revision_details.details             ? 
# 
loop_
_pdbx_audit_revision_group.ordinal 
_pdbx_audit_revision_group.revision_ordinal 
_pdbx_audit_revision_group.data_content_type 
_pdbx_audit_revision_group.group 
1  2 'Structure model' 'Version format compliance' 
2  3 'Structure model' 'Version format compliance' 
3  4 'Structure model' 'Refinement description'    
4  5 'Structure model' 'Database references'       
5  5 'Structure model' 'Derived calculations'      
6  5 'Structure model' 'Polymer sequence'          
7  6 'Structure model' 'Data collection'           
8  6 'Structure model' 'Database references'       
9  6 'Structure model' 'Derived calculations'      
10 6 'Structure model' 'Refinement description'    
11 7 'Structure model' 'Structure summary'         
# 
loop_
_pdbx_audit_revision_category.ordinal 
_pdbx_audit_revision_category.revision_ordinal 
_pdbx_audit_revision_category.data_content_type 
_pdbx_audit_revision_category.category 
1  4 'Structure model' software                      
2  5 'Structure model' entity_poly                   
3  5 'Structure model' pdbx_struct_mod_residue       
4  5 'Structure model' struct_conn                   
5  5 'Structure model' struct_ref_seq_dif            
6  6 'Structure model' chem_comp_atom                
7  6 'Structure model' chem_comp_bond                
8  6 'Structure model' database_2                    
9  6 'Structure model' pdbx_initial_refinement_model 
10 6 'Structure model' struct_site                   
11 7 'Structure model' pdbx_entry_details            
12 7 'Structure model' pdbx_modification_feature     
# 
loop_
_pdbx_audit_revision_item.ordinal 
_pdbx_audit_revision_item.revision_ordinal 
_pdbx_audit_revision_item.data_content_type 
_pdbx_audit_revision_item.item 
1 5 'Structure model' '_entity_poly.pdbx_seq_one_letter_code_can' 
2 5 'Structure model' '_pdbx_struct_mod_residue.parent_comp_id'   
3 5 'Structure model' '_struct_conn.pdbx_leaving_atom_flag'       
4 6 'Structure model' '_database_2.pdbx_DOI'                      
5 6 'Structure model' '_database_2.pdbx_database_accession'       
6 6 'Structure model' '_struct_site.pdbx_auth_asym_id'            
7 6 'Structure model' '_struct_site.pdbx_auth_comp_id'            
8 6 'Structure model' '_struct_site.pdbx_auth_seq_id'             
# 
_pdbx_database_status.entry_id                        1KM8 
_pdbx_database_status.deposit_site                    RCSB 
_pdbx_database_status.process_site                    RCSB 
_pdbx_database_status.recvd_initial_deposition_date   2001-12-14 
_pdbx_database_status.status_code                     REL 
_pdbx_database_status.status_code_sf                  REL 
_pdbx_database_status.SG_entry                        . 
_pdbx_database_status.pdb_format_compatible           Y 
_pdbx_database_status.status_code_mr                  ? 
_pdbx_database_status.status_code_cs                  ? 
_pdbx_database_status.methods_development_category    ? 
_pdbx_database_status.status_code_nmr_data            ? 
# 
loop_
_pdbx_database_related.db_name 
_pdbx_database_related.db_id 
_pdbx_database_related.details 
_pdbx_database_related.content_type 
PDB 1BC4 '1BC4 contains the same protein' unspecified 
PDB 1KM9 '1KM9 contains the same protein' unspecified 
# 
loop_
_audit_author.name 
_audit_author.pdbx_ordinal 
'Chern, S.-S.'      1 
'Musayev, F.N.'     2 
'Amiraslanov, I.R.' 3 
'Liao, Y.-D.'       4 
'Liaw, Y.-C.'       5 
# 
loop_
_citation.id 
_citation.title 
_citation.journal_abbrev 
_citation.journal_volume 
_citation.page_first 
_citation.page_last 
_citation.year 
_citation.journal_id_ASTM 
_citation.country 
_citation.journal_id_ISSN 
_citation.journal_id_CSD 
_citation.book_publisher 
_citation.pdbx_database_id_PubMed 
_citation.pdbx_database_id_DOI 
primary 'The Structure of a Cytotoxic Ribonuclease From the Oocyte of Rana Catesbeiana (Bullfrog)' 'To be Published'    ?   ?    ? 
?    ?      ?  ?         0353 ? ? ?                       
1       
;The Secondary Structure of a Pyrimidine-Guanine Sequence-Specific Ribonuclease Possessing Cytotoxic Activity From the Oocytes of Rana Catesbeiana
;
J.Biomol.NMR         8   331  344  1996 JBNME9 NE 0925-2738 0800 ? ? ?                       
2       'The Solution Structure of a Cytotoxic Ribonuclease From the Oocytes of Rana catesbeiana (bullfrog)' J.Mol.Biol.          
283 231  244  1998 JMOBAK UK 0022-2836 0070 ? ? 10.1006/jmbi.1998.2082  
3       
;The Rana catesbeiana rcr gene encoding a cytotoxic ribonuclease : Tissue distribution, cloning, purification, cytotoxicity, and active residues for RNase activity
;
J.Biol.Chem.         273 6395 6401 1998 JBCHA3 US 0021-9258 0071 ? ? 10.1074/jbc.273.11.6395 
4       'Purification and cloning of cytotoxic ribonucleases from Rana catesbeiana (bullfrog)' 'Nucleic Acids Res.' 28  4097 4104 
2000 NARHAD UK 0305-1048 0389 ? ? 10.1093/nar/28.21.4097  
# 
loop_
_citation_author.citation_id 
_citation_author.name 
_citation_author.ordinal 
_citation_author.identifier_ORCID 
primary 'Chern, S.-S.'      1  ? 
primary 'Musayev, F.N.'     2  ? 
primary 'Amiraslanov, I.R.' 3  ? 
primary 'Liao, Y.-D.'       4  ? 
primary 'Liaw, Y.-C.'       5  ? 
1       'Chen, C.'          6  ? 
1       'Hom, K.'           7  ? 
1       'Huang, R.F.'       8  ? 
1       'Chou, P.J.'        9  ? 
1       'Liao, Y.D.'        10 ? 
1       'Huang, T.'         11 ? 
2       'Chang, C.F.'       12 ? 
2       'Chen, C.'          13 ? 
2       'Chen, Y.C.'        14 ? 
2       'Hom, K.'           15 ? 
2       'F Huang, R.'       16 ? 
2       'Huang, T.H.'       17 ? 
3       'Huang, H.C.'       18 ? 
3       'Wang, S.C.'        19 ? 
3       'Leu, Y.J.'         20 ? 
3       'Lu, S.C.'          21 ? 
3       'Liao, Y.D.'        22 ? 
4       'Liao, Y.D.'        23 ? 
4       'Huang, H.C.'       24 ? 
4       'Leu, Y.J.'         25 ? 
4       'Wei, C.W.'         26 ? 
4       'C Tang, P.'        27 ? 
4       'Wang, S.C.'        28 ? 
# 
loop_
_entity.id 
_entity.type 
_entity.src_method 
_entity.pdbx_description 
_entity.formula_weight 
_entity.pdbx_number_of_molecules 
_entity.pdbx_ec 
_entity.pdbx_mutation 
_entity.pdbx_fragment 
_entity.details 
1 polymer     nat 'RIBONUCLEASE, OOCYTES' 12459.343 1  3.1.27.5 ? ? ? 
2 non-polymer syn 'PHOSPHATE ION'         94.971    1  ?        ? ? ? 
3 water       nat water                   18.015    95 ?        ? ? ? 
# 
_entity_name_com.entity_id   1 
_entity_name_com.name        RC-RNASE 
# 
_entity_poly.entity_id                      1 
_entity_poly.type                           'polypeptide(L)' 
_entity_poly.nstd_linkage                   no 
_entity_poly.nstd_monomer                   yes 
_entity_poly.pdbx_seq_one_letter_code       
;(PCA)NWATFQQKHIINTPIINCNTIMDNNIYIVGGQCKRVNTFIISSATTVKAICTGVINMNVLSTTRFQLNTCTRTSI
TPRPCPYSSRTETNYICVKCENQYPVHFAGIGRCP
;
_entity_poly.pdbx_seq_one_letter_code_can   
;QNWATFQQKHIINTPIINCNTIMDNNIYIVGGQCKRVNTFIISSATTVKAICTGVINMNVLSTTRFQLNTCTRTSITPRP
CPYSSRTETNYICVKCENQYPVHFAGIGRCP
;
_entity_poly.pdbx_strand_id                 A 
_entity_poly.pdbx_target_identifier         ? 
# 
loop_
_pdbx_entity_nonpoly.entity_id 
_pdbx_entity_nonpoly.name 
_pdbx_entity_nonpoly.comp_id 
2 'PHOSPHATE ION' PO4 
3 water           HOH 
# 
loop_
_entity_poly_seq.entity_id 
_entity_poly_seq.num 
_entity_poly_seq.mon_id 
_entity_poly_seq.hetero 
1 1   PCA n 
1 2   ASN n 
1 3   TRP n 
1 4   ALA n 
1 5   THR n 
1 6   PHE n 
1 7   GLN n 
1 8   GLN n 
1 9   LYS n 
1 10  HIS n 
1 11  ILE n 
1 12  ILE n 
1 13  ASN n 
1 14  THR n 
1 15  PRO n 
1 16  ILE n 
1 17  ILE n 
1 18  ASN n 
1 19  CYS n 
1 20  ASN n 
1 21  THR n 
1 22  ILE n 
1 23  MET n 
1 24  ASP n 
1 25  ASN n 
1 26  ASN n 
1 27  ILE n 
1 28  TYR n 
1 29  ILE n 
1 30  VAL n 
1 31  GLY n 
1 32  GLY n 
1 33  GLN n 
1 34  CYS n 
1 35  LYS n 
1 36  ARG n 
1 37  VAL n 
1 38  ASN n 
1 39  THR n 
1 40  PHE n 
1 41  ILE n 
1 42  ILE n 
1 43  SER n 
1 44  SER n 
1 45  ALA n 
1 46  THR n 
1 47  THR n 
1 48  VAL n 
1 49  LYS n 
1 50  ALA n 
1 51  ILE n 
1 52  CYS n 
1 53  THR n 
1 54  GLY n 
1 55  VAL n 
1 56  ILE n 
1 57  ASN n 
1 58  MET n 
1 59  ASN n 
1 60  VAL n 
1 61  LEU n 
1 62  SER n 
1 63  THR n 
1 64  THR n 
1 65  ARG n 
1 66  PHE n 
1 67  GLN n 
1 68  LEU n 
1 69  ASN n 
1 70  THR n 
1 71  CYS n 
1 72  THR n 
1 73  ARG n 
1 74  THR n 
1 75  SER n 
1 76  ILE n 
1 77  THR n 
1 78  PRO n 
1 79  ARG n 
1 80  PRO n 
1 81  CYS n 
1 82  PRO n 
1 83  TYR n 
1 84  SER n 
1 85  SER n 
1 86  ARG n 
1 87  THR n 
1 88  GLU n 
1 89  THR n 
1 90  ASN n 
1 91  TYR n 
1 92  ILE n 
1 93  CYS n 
1 94  VAL n 
1 95  LYS n 
1 96  CYS n 
1 97  GLU n 
1 98  ASN n 
1 99  GLN n 
1 100 TYR n 
1 101 PRO n 
1 102 VAL n 
1 103 HIS n 
1 104 PHE n 
1 105 ALA n 
1 106 GLY n 
1 107 ILE n 
1 108 GLY n 
1 109 ARG n 
1 110 CYS n 
1 111 PRO n 
# 
_entity_src_nat.entity_id                  1 
_entity_src_nat.pdbx_src_id                1 
_entity_src_nat.pdbx_alt_source_flag       sample 
_entity_src_nat.pdbx_beg_seq_num           ? 
_entity_src_nat.pdbx_end_seq_num           ? 
_entity_src_nat.common_name                bullfrog 
_entity_src_nat.pdbx_organism_scientific   'Rana catesbeiana' 
_entity_src_nat.pdbx_ncbi_taxonomy_id      8400 
_entity_src_nat.genus                      Rana 
_entity_src_nat.species                    ? 
_entity_src_nat.strain                     ? 
_entity_src_nat.tissue                     ? 
_entity_src_nat.tissue_fraction            ? 
_entity_src_nat.pdbx_secretion             ? 
_entity_src_nat.pdbx_fragment              ? 
_entity_src_nat.pdbx_variant               ? 
_entity_src_nat.pdbx_cell_line             ? 
_entity_src_nat.pdbx_atcc                  ? 
_entity_src_nat.pdbx_cellular_location     ? 
_entity_src_nat.pdbx_organ                 ? 
_entity_src_nat.pdbx_organelle             ? 
_entity_src_nat.pdbx_cell                  ? 
_entity_src_nat.pdbx_plasmid_name          ? 
_entity_src_nat.pdbx_plasmid_details       ? 
_entity_src_nat.details                    oocytes 
# 
loop_
_chem_comp.id 
_chem_comp.type 
_chem_comp.mon_nstd_flag 
_chem_comp.name 
_chem_comp.pdbx_synonyms 
_chem_comp.formula 
_chem_comp.formula_weight 
ALA 'L-peptide linking' y ALANINE             ? 'C3 H7 N O2'     89.093  
ARG 'L-peptide linking' y ARGININE            ? 'C6 H15 N4 O2 1' 175.209 
ASN 'L-peptide linking' y ASPARAGINE          ? 'C4 H8 N2 O3'    132.118 
ASP 'L-peptide linking' y 'ASPARTIC ACID'     ? 'C4 H7 N O4'     133.103 
CYS 'L-peptide linking' y CYSTEINE            ? 'C3 H7 N O2 S'   121.158 
GLN 'L-peptide linking' y GLUTAMINE           ? 'C5 H10 N2 O3'   146.144 
GLU 'L-peptide linking' y 'GLUTAMIC ACID'     ? 'C5 H9 N O4'     147.129 
GLY 'peptide linking'   y GLYCINE             ? 'C2 H5 N O2'     75.067  
HIS 'L-peptide linking' y HISTIDINE           ? 'C6 H10 N3 O2 1' 156.162 
HOH non-polymer         . WATER               ? 'H2 O'           18.015  
ILE 'L-peptide linking' y ISOLEUCINE          ? 'C6 H13 N O2'    131.173 
LEU 'L-peptide linking' y LEUCINE             ? 'C6 H13 N O2'    131.173 
LYS 'L-peptide linking' y LYSINE              ? 'C6 H15 N2 O2 1' 147.195 
MET 'L-peptide linking' y METHIONINE          ? 'C5 H11 N O2 S'  149.211 
PCA 'L-peptide linking' n 'PYROGLUTAMIC ACID' ? 'C5 H7 N O3'     129.114 
PHE 'L-peptide linking' y PHENYLALANINE       ? 'C9 H11 N O2'    165.189 
PO4 non-polymer         . 'PHOSPHATE ION'     ? 'O4 P -3'        94.971  
PRO 'L-peptide linking' y PROLINE             ? 'C5 H9 N O2'     115.130 
SER 'L-peptide linking' y SERINE              ? 'C3 H7 N O3'     105.093 
THR 'L-peptide linking' y THREONINE           ? 'C4 H9 N O3'     119.119 
TRP 'L-peptide linking' y TRYPTOPHAN          ? 'C11 H12 N2 O2'  204.225 
TYR 'L-peptide linking' y TYROSINE            ? 'C9 H11 N O3'    181.189 
VAL 'L-peptide linking' y VALINE              ? 'C5 H11 N O2'    117.146 
# 
loop_
_pdbx_poly_seq_scheme.asym_id 
_pdbx_poly_seq_scheme.entity_id 
_pdbx_poly_seq_scheme.seq_id 
_pdbx_poly_seq_scheme.mon_id 
_pdbx_poly_seq_scheme.ndb_seq_num 
_pdbx_poly_seq_scheme.pdb_seq_num 
_pdbx_poly_seq_scheme.auth_seq_num 
_pdbx_poly_seq_scheme.pdb_mon_id 
_pdbx_poly_seq_scheme.auth_mon_id 
_pdbx_poly_seq_scheme.pdb_strand_id 
_pdbx_poly_seq_scheme.pdb_ins_code 
_pdbx_poly_seq_scheme.hetero 
A 1 1   PCA 1   1   1   PCA PCA A . n 
A 1 2   ASN 2   2   2   ASN ASN A . n 
A 1 3   TRP 3   3   3   TRP TRP A . n 
A 1 4   ALA 4   4   4   ALA ALA A . n 
A 1 5   THR 5   5   5   THR THR A . n 
A 1 6   PHE 6   6   6   PHE PHE A . n 
A 1 7   GLN 7   7   7   GLN GLN A . n 
A 1 8   GLN 8   8   8   GLN GLN A . n 
A 1 9   LYS 9   9   9   LYS LYS A . n 
A 1 10  HIS 10  10  10  HIS HIS A . n 
A 1 11  ILE 11  11  11  ILE ILE A . n 
A 1 12  ILE 12  12  12  ILE ILE A . n 
A 1 13  ASN 13  13  13  ASN ASN A . n 
A 1 14  THR 14  14  14  THR THR A . n 
A 1 15  PRO 15  15  15  PRO PRO A . n 
A 1 16  ILE 16  16  16  ILE ILE A . n 
A 1 17  ILE 17  17  17  ILE ILE A . n 
A 1 18  ASN 18  18  18  ASN ASN A . n 
A 1 19  CYS 19  19  19  CYS CYS A . n 
A 1 20  ASN 20  20  20  ASN ASN A . n 
A 1 21  THR 21  21  21  THR THR A . n 
A 1 22  ILE 22  22  22  ILE ILE A . n 
A 1 23  MET 23  23  23  MET MET A . n 
A 1 24  ASP 24  24  24  ASP ASP A . n 
A 1 25  ASN 25  25  25  ASN ASN A . n 
A 1 26  ASN 26  26  26  ASN ASN A . n 
A 1 27  ILE 27  27  27  ILE ILE A . n 
A 1 28  TYR 28  28  28  TYR TYR A . n 
A 1 29  ILE 29  29  29  ILE ILE A . n 
A 1 30  VAL 30  30  30  VAL VAL A . n 
A 1 31  GLY 31  31  31  GLY GLY A . n 
A 1 32  GLY 32  32  32  GLY GLY A . n 
A 1 33  GLN 33  33  33  GLN GLN A . n 
A 1 34  CYS 34  34  34  CYS CYS A . n 
A 1 35  LYS 35  35  35  LYS LYS A . n 
A 1 36  ARG 36  36  36  ARG SER A . n 
A 1 37  VAL 37  37  37  VAL VAL A . n 
A 1 38  ASN 38  38  38  ASN ASN A . n 
A 1 39  THR 39  39  39  THR THR A . n 
A 1 40  PHE 40  40  40  PHE PHE A . n 
A 1 41  ILE 41  41  41  ILE ILE A . n 
A 1 42  ILE 42  42  42  ILE ILE A . n 
A 1 43  SER 43  43  43  SER SER A . n 
A 1 44  SER 44  44  44  SER SER A . n 
A 1 45  ALA 45  45  45  ALA ALA A . n 
A 1 46  THR 46  46  46  THR THR A . n 
A 1 47  THR 47  47  47  THR THR A . n 
A 1 48  VAL 48  48  48  VAL VAL A . n 
A 1 49  LYS 49  49  49  LYS LYS A . n 
A 1 50  ALA 50  50  50  ALA ALA A . n 
A 1 51  ILE 51  51  51  ILE ILE A . n 
A 1 52  CYS 52  52  52  CYS CYS A . n 
A 1 53  THR 53  53  53  THR THR A . n 
A 1 54  GLY 54  54  54  GLY GLY A . n 
A 1 55  VAL 55  55  55  VAL VAL A . n 
A 1 56  ILE 56  56  56  ILE ILE A . n 
A 1 57  ASN 57  57  57  ASN ASN A . n 
A 1 58  MET 58  58  58  MET MET A . n 
A 1 59  ASN 59  59  59  ASN ASN A . n 
A 1 60  VAL 60  60  60  VAL VAL A . n 
A 1 61  LEU 61  61  61  LEU LEU A . n 
A 1 62  SER 62  62  62  SER SER A . n 
A 1 63  THR 63  63  63  THR THR A . n 
A 1 64  THR 64  64  64  THR THR A . n 
A 1 65  ARG 65  65  65  ARG ARG A . n 
A 1 66  PHE 66  66  66  PHE PHE A . n 
A 1 67  GLN 67  67  67  GLN GLN A . n 
A 1 68  LEU 68  68  68  LEU LEU A . n 
A 1 69  ASN 69  69  69  ASN ASN A . n 
A 1 70  THR 70  70  70  THR THR A . n 
A 1 71  CYS 71  71  71  CYS CYS A . n 
A 1 72  THR 72  72  72  THR THR A . n 
A 1 73  ARG 73  73  73  ARG ARG A . n 
A 1 74  THR 74  74  74  THR THR A . n 
A 1 75  SER 75  75  75  SER SER A . n 
A 1 76  ILE 76  76  76  ILE ILE A . n 
A 1 77  THR 77  77  77  THR THR A . n 
A 1 78  PRO 78  78  78  PRO PRO A . n 
A 1 79  ARG 79  79  79  ARG ARG A . n 
A 1 80  PRO 80  80  80  PRO PRO A . n 
A 1 81  CYS 81  81  81  CYS CYS A . n 
A 1 82  PRO 82  82  82  PRO PRO A . n 
A 1 83  TYR 83  83  83  TYR TYR A . n 
A 1 84  SER 84  84  84  SER SER A . n 
A 1 85  SER 85  85  85  SER SER A . n 
A 1 86  ARG 86  86  86  ARG ARG A . n 
A 1 87  THR 87  87  87  THR THR A . n 
A 1 88  GLU 88  88  88  GLU GLU A . n 
A 1 89  THR 89  89  89  THR THR A . n 
A 1 90  ASN 90  90  90  ASN ASN A . n 
A 1 91  TYR 91  91  91  TYR TYR A . n 
A 1 92  ILE 92  92  92  ILE ILE A . n 
A 1 93  CYS 93  93  93  CYS CYS A . n 
A 1 94  VAL 94  94  94  VAL VAL A . n 
A 1 95  LYS 95  95  95  LYS LYS A . n 
A 1 96  CYS 96  96  96  CYS CYS A . n 
A 1 97  GLU 97  97  97  GLU GLU A . n 
A 1 98  ASN 98  98  98  ASN ASN A . n 
A 1 99  GLN 99  99  99  GLN GLN A . n 
A 1 100 TYR 100 100 100 TYR TYR A . n 
A 1 101 PRO 101 101 101 PRO PRO A . n 
A 1 102 VAL 102 102 102 VAL VAL A . n 
A 1 103 HIS 103 103 103 HIS HIS A . n 
A 1 104 PHE 104 104 104 PHE PHE A . n 
A 1 105 ALA 105 105 105 ALA ALA A . n 
A 1 106 GLY 106 106 106 GLY GLY A . n 
A 1 107 ILE 107 107 107 ILE ILE A . n 
A 1 108 GLY 108 108 108 GLY GLY A . n 
A 1 109 ARG 109 109 109 ARG ARG A . n 
A 1 110 CYS 110 110 110 CYS CYS A . n 
A 1 111 PRO 111 111 111 PRO PRO A . n 
# 
loop_
_pdbx_nonpoly_scheme.asym_id 
_pdbx_nonpoly_scheme.entity_id 
_pdbx_nonpoly_scheme.mon_id 
_pdbx_nonpoly_scheme.ndb_seq_num 
_pdbx_nonpoly_scheme.pdb_seq_num 
_pdbx_nonpoly_scheme.auth_seq_num 
_pdbx_nonpoly_scheme.pdb_mon_id 
_pdbx_nonpoly_scheme.auth_mon_id 
_pdbx_nonpoly_scheme.pdb_strand_id 
_pdbx_nonpoly_scheme.pdb_ins_code 
B 2 PO4 1  501 501 PO4 PO4 A . 
C 3 HOH 1  601 601 HOH TIP A . 
C 3 HOH 2  602 602 HOH TIP A . 
C 3 HOH 3  603 603 HOH TIP A . 
C 3 HOH 4  604 604 HOH TIP A . 
C 3 HOH 5  605 605 HOH TIP A . 
C 3 HOH 6  606 606 HOH TIP A . 
C 3 HOH 7  607 607 HOH TIP A . 
C 3 HOH 8  609 609 HOH TIP A . 
C 3 HOH 9  610 610 HOH TIP A . 
C 3 HOH 10 611 611 HOH TIP A . 
C 3 HOH 11 612 612 HOH TIP A . 
C 3 HOH 12 613 613 HOH TIP A . 
C 3 HOH 13 614 614 HOH TIP A . 
C 3 HOH 14 615 615 HOH TIP A . 
C 3 HOH 15 617 617 HOH TIP A . 
C 3 HOH 16 618 618 HOH TIP A . 
C 3 HOH 17 619 619 HOH TIP A . 
C 3 HOH 18 620 620 HOH TIP A . 
C 3 HOH 19 621 621 HOH TIP A . 
C 3 HOH 20 622 622 HOH TIP A . 
C 3 HOH 21 623 623 HOH TIP A . 
C 3 HOH 22 624 624 HOH TIP A . 
C 3 HOH 23 626 626 HOH TIP A . 
C 3 HOH 24 627 627 HOH TIP A . 
C 3 HOH 25 628 628 HOH TIP A . 
C 3 HOH 26 629 629 HOH TIP A . 
C 3 HOH 27 630 630 HOH TIP A . 
C 3 HOH 28 632 632 HOH TIP A . 
C 3 HOH 29 634 634 HOH TIP A . 
C 3 HOH 30 636 636 HOH TIP A . 
C 3 HOH 31 637 637 HOH TIP A . 
C 3 HOH 32 638 638 HOH TIP A . 
C 3 HOH 33 639 639 HOH TIP A . 
C 3 HOH 34 640 640 HOH TIP A . 
C 3 HOH 35 641 641 HOH TIP A . 
C 3 HOH 36 642 642 HOH TIP A . 
C 3 HOH 37 643 643 HOH TIP A . 
C 3 HOH 38 644 644 HOH TIP A . 
C 3 HOH 39 647 647 HOH TIP A . 
C 3 HOH 40 649 649 HOH TIP A . 
C 3 HOH 41 651 651 HOH TIP A . 
C 3 HOH 42 654 654 HOH TIP A . 
C 3 HOH 43 655 655 HOH TIP A . 
C 3 HOH 44 659 659 HOH TIP A . 
C 3 HOH 45 660 660 HOH TIP A . 
C 3 HOH 46 668 668 HOH TIP A . 
C 3 HOH 47 674 674 HOH TIP A . 
C 3 HOH 48 676 676 HOH TIP A . 
C 3 HOH 49 686 686 HOH TIP A . 
C 3 HOH 50 687 687 HOH TIP A . 
C 3 HOH 51 692 692 HOH TIP A . 
C 3 HOH 52 693 693 HOH TIP A . 
C 3 HOH 53 695 695 HOH TIP A . 
C 3 HOH 54 697 697 HOH TIP A . 
C 3 HOH 55 699 699 HOH TIP A . 
C 3 HOH 56 700 700 HOH TIP A . 
C 3 HOH 57 702 702 HOH TIP A . 
C 3 HOH 58 703 703 HOH TIP A . 
C 3 HOH 59 724 724 HOH TIP A . 
C 3 HOH 60 731 731 HOH TIP A . 
C 3 HOH 61 733 733 HOH TIP A . 
C 3 HOH 62 739 739 HOH TIP A . 
C 3 HOH 63 756 756 HOH TIP A . 
C 3 HOH 64 772 772 HOH TIP A . 
C 3 HOH 65 790 790 HOH TIP A . 
C 3 HOH 66 808 808 HOH TIP A . 
C 3 HOH 67 811 811 HOH TIP A . 
C 3 HOH 68 814 814 HOH TIP A . 
C 3 HOH 69 815 815 HOH TIP A . 
C 3 HOH 70 822 822 HOH TIP A . 
C 3 HOH 71 823 823 HOH TIP A . 
C 3 HOH 72 836 836 HOH TIP A . 
C 3 HOH 73 860 860 HOH TIP A . 
C 3 HOH 74 862 862 HOH TIP A . 
C 3 HOH 75 863 863 HOH TIP A . 
C 3 HOH 76 911 911 HOH TIP A . 
C 3 HOH 77 915 915 HOH TIP A . 
C 3 HOH 78 916 916 HOH TIP A . 
C 3 HOH 79 942 942 HOH TIP A . 
C 3 HOH 80 949 949 HOH TIP A . 
C 3 HOH 81 950 950 HOH TIP A . 
C 3 HOH 82 951 951 HOH TIP A . 
C 3 HOH 83 952 952 HOH TIP A . 
C 3 HOH 84 954 954 HOH TIP A . 
C 3 HOH 85 955 955 HOH TIP A . 
C 3 HOH 86 956 956 HOH TIP A . 
C 3 HOH 87 957 957 HOH TIP A . 
C 3 HOH 88 958 958 HOH TIP A . 
C 3 HOH 89 959 959 HOH TIP A . 
C 3 HOH 90 963 963 HOH TIP A . 
C 3 HOH 91 964 964 HOH TIP A . 
C 3 HOH 92 965 965 HOH TIP A . 
C 3 HOH 93 968 968 HOH TIP A . 
C 3 HOH 94 969 969 HOH TIP A . 
C 3 HOH 95 970 970 HOH TIP A . 
# 
loop_
_pdbx_unobs_or_zero_occ_atoms.id 
_pdbx_unobs_or_zero_occ_atoms.PDB_model_num 
_pdbx_unobs_or_zero_occ_atoms.polymer_flag 
_pdbx_unobs_or_zero_occ_atoms.occupancy_flag 
_pdbx_unobs_or_zero_occ_atoms.auth_asym_id 
_pdbx_unobs_or_zero_occ_atoms.auth_comp_id 
_pdbx_unobs_or_zero_occ_atoms.auth_seq_id 
_pdbx_unobs_or_zero_occ_atoms.PDB_ins_code 
_pdbx_unobs_or_zero_occ_atoms.auth_atom_id 
_pdbx_unobs_or_zero_occ_atoms.label_alt_id 
_pdbx_unobs_or_zero_occ_atoms.label_asym_id 
_pdbx_unobs_or_zero_occ_atoms.label_comp_id 
_pdbx_unobs_or_zero_occ_atoms.label_seq_id 
_pdbx_unobs_or_zero_occ_atoms.label_atom_id 
1 1 Y 1 A ARG 36 ? CG  ? A ARG 36 CG  
2 1 Y 1 A ARG 36 ? CD  ? A ARG 36 CD  
3 1 Y 1 A ARG 36 ? NE  ? A ARG 36 NE  
4 1 Y 1 A ARG 36 ? CZ  ? A ARG 36 CZ  
5 1 Y 1 A ARG 36 ? NH1 ? A ARG 36 NH1 
6 1 Y 1 A ARG 36 ? NH2 ? A ARG 36 NH2 
# 
loop_
_software.name 
_software.version 
_software.date 
_software.type 
_software.contact_author 
_software.contact_author_email 
_software.location 
_software.classification 
_software.language 
_software.citation_id 
_software.pdbx_ordinal 
CNS       1.0 1998 package 'Axel T. Brunger' axel.brunger@yale.edu . refinement     Fortran ? 1 
SCALEPACK .   ?    ?       ?                 ?                     ? 'data scaling' ?       ? 2 
CNS       .   ?    ?       ?                 ?                     ? phasing        ?       ? 3 
# 
_cell.entry_id           1KM8 
_cell.length_a           30.122 
_cell.length_b           45.645 
_cell.length_c           68.603 
_cell.angle_alpha        90.00 
_cell.angle_beta         90.00 
_cell.angle_gamma        90.00 
_cell.pdbx_unique_axis   ? 
_cell.Z_PDB              4 
# 
_symmetry.entry_id                         1KM8 
_symmetry.space_group_name_H-M             'P 21 21 21' 
_symmetry.pdbx_full_space_group_name_H-M   ? 
_symmetry.Int_Tables_number                19 
_symmetry.cell_setting                     ? 
# 
_exptl.entry_id          1KM8 
_exptl.crystals_number   1 
_exptl.method            'X-RAY DIFFRACTION' 
# 
_exptl_crystal.id                    1 
_exptl_crystal.density_meas          ? 
_exptl_crystal.density_percent_sol   34.98 
_exptl_crystal.density_Matthews      1.89 
_exptl_crystal.description           ? 
# 
_exptl_crystal_grow.crystal_id      1 
_exptl_crystal_grow.method          'VAPOR DIFFUSION, HANGING DROP' 
_exptl_crystal_grow.pH              8.5 
_exptl_crystal_grow.temp            298.0 
_exptl_crystal_grow.temp_details    ? 
_exptl_crystal_grow.pdbx_details    
'Ammonium phosphate, Tris hydrochloride, pH 8.5, VAPOR DIFFUSION, HANGING DROP, temperature 298.0K' 
_exptl_crystal_grow.pdbx_pH_range   ? 
# 
_diffrn.id                     1 
_diffrn.ambient_temp           115 
_diffrn.ambient_temp_details   ? 
_diffrn.crystal_id             1 
# 
_diffrn_detector.diffrn_id              1 
_diffrn_detector.detector               'IMAGE PLATE' 
_diffrn_detector.type                   'RIGAKU RAXIS IIC' 
_diffrn_detector.pdbx_collection_date   1997-11-26 
_diffrn_detector.details                mirrors 
# 
_diffrn_radiation.diffrn_id                        1 
_diffrn_radiation.wavelength_id                    1 
_diffrn_radiation.pdbx_diffrn_protocol             'SINGLE WAVELENGTH' 
_diffrn_radiation.monochromator                    'YALE MIRRORS' 
_diffrn_radiation.pdbx_monochromatic_or_laue_m_l   M 
_diffrn_radiation.pdbx_scattering_type             x-ray 
# 
_diffrn_radiation_wavelength.id           1 
_diffrn_radiation_wavelength.wavelength   1.5418 
_diffrn_radiation_wavelength.wt           1.0 
# 
_diffrn_source.diffrn_id                   1 
_diffrn_source.source                      'ROTATING ANODE' 
_diffrn_source.type                        'RIGAKU RU300' 
_diffrn_source.pdbx_wavelength             ? 
_diffrn_source.pdbx_wavelength_list        1.5418 
_diffrn_source.pdbx_synchrotron_site       ? 
_diffrn_source.pdbx_synchrotron_beamline   ? 
# 
_reflns.entry_id                     1KM8 
_reflns.d_resolution_high            1.90 
_reflns.d_resolution_low             25.14 
_reflns.limit_h_max                  15 
_reflns.limit_h_min                  0 
_reflns.limit_k_max                  23 
_reflns.limit_k_min                  0 
_reflns.limit_l_max                  35 
_reflns.limit_l_min                  0 
_reflns.number_all                   7650 
_reflns.observed_criterion_sigma_F   0.0 
_reflns.observed_criterion_F_max     528021.47 
_reflns.observed_criterion_F_min     0.950000 
_reflns.B_iso_Wilson_estimate        12.9 
_reflns.observed_criterion_sigma_I   0.0 
_reflns.number_obs                   7650 
_reflns.percent_possible_obs         96.9 
_reflns.pdbx_Rmerge_I_obs            0.042 
_reflns.pdbx_Rsym_value              ? 
_reflns.pdbx_netI_over_sigmaI        12.2 
_reflns.pdbx_redundancy              6.24 
_reflns.R_free_details               ? 
_reflns.pdbx_diffrn_id               1 
_reflns.pdbx_ordinal                 1 
# 
_reflns_shell.d_res_high             1.90 
_reflns_shell.d_res_low              1.93 
_reflns_shell.percent_possible_obs   ? 
_reflns_shell.percent_possible_all   88.3 
_reflns_shell.Rmerge_I_obs           0.138 
_reflns_shell.meanI_over_sigI_obs    10.89 
_reflns_shell.pdbx_Rsym_value        ? 
_reflns_shell.pdbx_redundancy        3.7 
_reflns_shell.number_unique_all      324 
_reflns_shell.pdbx_diffrn_id         ? 
_reflns_shell.pdbx_ordinal           1 
# 
_refine.entry_id                                 1KM8 
_refine.ls_number_reflns_all                     7884 
_refine.ls_number_reflns_obs                     7555 
_refine.ls_percent_reflns_obs                    95.8 
_refine.ls_d_res_high                            1.90 
_refine.ls_d_res_low                             25.14 
_refine.B_iso_min                                10.46 
_refine.B_iso_max                                65.31 
_refine.B_iso_mean                               22.13 
_refine.occupancy_min                            1.00 
_refine.occupancy_max                            1.00 
_refine.aniso_B[1][1]                            3.45 
_refine.aniso_B[2][2]                            1.07 
_refine.aniso_B[3][3]                            -4.52 
_refine.aniso_B[1][2]                            0.00 
_refine.aniso_B[1][3]                            0.00 
_refine.aniso_B[2][3]                            0.00 
_refine.solvent_model_param_bsol                 43.7407 
_refine.solvent_model_param_ksol                 0.334872 
_refine.solvent_model_details                    'CNS bulk solvent model used' 
_refine.ls_R_factor_R_work                       0.174 
_refine.ls_R_factor_R_free                       0.205 
_refine.ls_R_factor_R_free_error                 0.008 
_refine.ls_number_reflns_R_free                  634 
_refine.ls_percent_reflns_R_free                 8.4 
_refine.details                                  ? 
_refine.pdbx_ls_sigma_F                          0.0 
_refine.pdbx_ls_sigma_I                          0.0 
_refine.ls_R_factor_all                          0.177 
_refine.ls_R_factor_obs                          0.177 
_refine.ls_redundancy_reflns_obs                 ? 
_refine.pdbx_data_cutoff_high_absF               ? 
_refine.pdbx_data_cutoff_low_absF                ? 
_refine.ls_number_parameters                     ? 
_refine.ls_number_restraints                     ? 
_refine.ls_R_factor_R_free_error_details         ? 
_refine.pdbx_method_to_determine_struct          'MOLECULAR REPLACEMENT' 
_refine.pdbx_starting_model                      'PDB ENTRY 1ONC' 
_refine.pdbx_ls_cross_valid_method               THROUGHOUT 
_refine.pdbx_R_Free_selection_details            RANDOM 
_refine.pdbx_stereochem_target_val_spec_case     ? 
_refine.pdbx_stereochemistry_target_values       'Engh & Huber' 
_refine.pdbx_isotropic_thermal_model             Overall 
_refine.correlation_coeff_Fo_to_Fc               ? 
_refine.overall_SU_R_Cruickshank_DPI             ? 
_refine.overall_SU_R_free                        ? 
_refine.overall_SU_B                             ? 
_refine.overall_SU_ML                            ? 
_refine.pdbx_overall_ESU_R                       ? 
_refine.pdbx_overall_ESU_R_Free                  ? 
_refine.pdbx_data_cutoff_high_rms_absF           ? 
_refine.correlation_coeff_Fo_to_Fc_free          ? 
_refine.pdbx_solvent_vdw_probe_radii             ? 
_refine.pdbx_solvent_ion_probe_radii             ? 
_refine.pdbx_solvent_shrinkage_radii             ? 
_refine.pdbx_refine_id                           'X-RAY DIFFRACTION' 
_refine.pdbx_diffrn_id                           1 
_refine.pdbx_TLS_residual_ADP_flag               ? 
_refine.pdbx_overall_phase_error                 ? 
_refine.pdbx_overall_SU_R_free_Cruickshank_DPI   ? 
_refine.pdbx_overall_SU_R_Blow_DPI               ? 
_refine.pdbx_overall_SU_R_free_Blow_DPI          ? 
# 
_refine_analyze.entry_id                        1KM8 
_refine_analyze.Luzzati_d_res_low_obs           5.00 
_refine_analyze.pdbx_Luzzati_d_res_high_obs     1.90 
_refine_analyze.Luzzati_coordinate_error_obs    0.18 
_refine_analyze.Luzzati_sigma_a_obs             0.08 
_refine_analyze.Luzzati_coordinate_error_free   0.22 
_refine_analyze.Luzzati_sigma_a_free            0.15 
_refine_analyze.Luzzati_d_res_low_free          ? 
_refine_analyze.number_disordered_residues      ? 
_refine_analyze.occupancy_sum_non_hydrogen      ? 
_refine_analyze.occupancy_sum_hydrogen          ? 
_refine_analyze.pdbx_refine_id                  'X-RAY DIFFRACTION' 
# 
_refine_hist.pdbx_refine_id                   'X-RAY DIFFRACTION' 
_refine_hist.cycle_id                         LAST 
_refine_hist.pdbx_number_atoms_protein        862 
_refine_hist.pdbx_number_atoms_nucleic_acid   0 
_refine_hist.pdbx_number_atoms_ligand         5 
_refine_hist.number_atoms_solvent             95 
_refine_hist.number_atoms_total               962 
_refine_hist.d_res_high                       1.90 
_refine_hist.d_res_low                        25.14 
# 
loop_
_refine_ls_restr.type 
_refine_ls_restr.dev_ideal 
_refine_ls_restr.dev_ideal_target 
_refine_ls_restr.number 
_refine_ls_restr.weight 
_refine_ls_restr.pdbx_refine_id 
_refine_ls_restr.pdbx_restraint_function 
x_bond_d           0.005 ? ? ? 'X-RAY DIFFRACTION' ? 
x_angle_deg        1.6   ? ? ? 'X-RAY DIFFRACTION' ? 
x_dihedral_angle_d 25.3  ? ? ? 'X-RAY DIFFRACTION' ? 
x_improper_angle_d 1.16  ? ? ? 'X-RAY DIFFRACTION' ? 
# 
loop_
_refine_ls_shell.d_res_high 
_refine_ls_shell.d_res_low 
_refine_ls_shell.number_reflns_all 
_refine_ls_shell.number_reflns_obs 
_refine_ls_shell.number_reflns_R_work 
_refine_ls_shell.percent_reflns_obs 
_refine_ls_shell.R_factor_R_work 
_refine_ls_shell.R_factor_R_free 
_refine_ls_shell.R_factor_R_free_error 
_refine_ls_shell.number_reflns_R_free 
_refine_ls_shell.percent_reflns_R_free 
_refine_ls_shell.pdbx_total_number_of_bins_used 
_refine_ls_shell.redundancy_reflns_obs 
_refine_ls_shell.pdbx_refine_id 
_refine_ls_shell.R_factor_all 
1.90 1.99  948  838  754 88.4 0.185 0.259 0.020 84 8.9 . . 'X-RAY DIFFRACTION' . 
1.99 2.09  968  912  848 94.2 0.164 0.208 0.021 64 6.6 . . 'X-RAY DIFFRACTION' . 
2.09 2.22  966  924  851 95.6 0.187 0.199 0.023 73 7.5 . . 'X-RAY DIFFRACTION' . 
2.22 2.39  965  927  856 96.1 0.181 0.237 0.022 71 7.4 . . 'X-RAY DIFFRACTION' . 
2.39 2.63  980  959  868 97.8 0.199 0.27  0.021 91 9.3 . . 'X-RAY DIFFRACTION' . 
2.63 3.01  999  975  893 97.5 0.195 0.253 0.022 82 8.2 . . 'X-RAY DIFFRACTION' . 
3.01 3.80  1002 992  911 99.0 0.158 0.165 0.018 81 8.1 . . 'X-RAY DIFFRACTION' . 
3.80 25.14 1059 1028 940 97.1 0.162 0.165 0.017 88 8.3 . . 'X-RAY DIFFRACTION' . 
# 
loop_
_pdbx_xplor_file.serial_no 
_pdbx_xplor_file.param_file 
_pdbx_xplor_file.topol_file 
_pdbx_xplor_file.pdbx_refine_id 
1 protein_rep.param  protein.top      'X-RAY DIFFRACTION' 
2 carbohydrate.param carbohydrate.top 'X-RAY DIFFRACTION' 
3 water_rep.param    water.top        'X-RAY DIFFRACTION' 
4 ion.param          ion.top          'X-RAY DIFFRACTION' 
5 pca.par            pca.top          'X-RAY DIFFRACTION' 
# 
_struct.entry_id                  1KM8 
_struct.title                     'The Structure of a Cytotoxic Ribonuclease From the Oocyte of Rana Catesbeiana (Bullfrog)' 
_struct.pdbx_model_details        ? 
_struct.pdbx_CASP_flag            ? 
_struct.pdbx_model_type_details   ? 
# 
_struct_keywords.entry_id        1KM8 
_struct_keywords.pdbx_keywords   HYDROLASE 
_struct_keywords.text            'RC-RNase, HYDROLASE' 
# 
loop_
_struct_asym.id 
_struct_asym.pdbx_blank_PDB_chainid_flag 
_struct_asym.pdbx_modified 
_struct_asym.entity_id 
_struct_asym.details 
A N N 1 ? 
B N N 2 ? 
C N N 3 ? 
# 
_struct_ref.id                         1 
_struct_ref.db_code                    RNPO_RANCA 
_struct_ref.db_name                    UNP 
_struct_ref.entity_id                  1 
_struct_ref.pdbx_db_accession          P11916 
_struct_ref.pdbx_align_begin           1 
_struct_ref.pdbx_seq_one_letter_code   
;QNWATFQQKHIINTPIINCNTIMDNNIYIVGGQCKRVNTFIISSATTVKAICTGVINMNVLSTTRFQLNTCTRTSITPRP
CPYSSRTETNYICVKCENQYPVHFAGIGRCP
;
_struct_ref.pdbx_db_isoform            ? 
# 
_struct_ref_seq.align_id                      1 
_struct_ref_seq.ref_id                        1 
_struct_ref_seq.pdbx_PDB_id_code              1KM8 
_struct_ref_seq.pdbx_strand_id                A 
_struct_ref_seq.seq_align_beg                 1 
_struct_ref_seq.pdbx_seq_align_beg_ins_code   ? 
_struct_ref_seq.seq_align_end                 111 
_struct_ref_seq.pdbx_seq_align_end_ins_code   ? 
_struct_ref_seq.pdbx_db_accession             P11916 
_struct_ref_seq.db_align_beg                  1 
_struct_ref_seq.pdbx_db_align_beg_ins_code    ? 
_struct_ref_seq.db_align_end                  111 
_struct_ref_seq.pdbx_db_align_end_ins_code    ? 
_struct_ref_seq.pdbx_auth_seq_align_beg       1 
_struct_ref_seq.pdbx_auth_seq_align_end       111 
# 
_pdbx_struct_assembly.id                   1 
_pdbx_struct_assembly.details              author_defined_assembly 
_pdbx_struct_assembly.method_details       ? 
_pdbx_struct_assembly.oligomeric_details   monomeric 
_pdbx_struct_assembly.oligomeric_count     1 
# 
_pdbx_struct_assembly_gen.assembly_id       1 
_pdbx_struct_assembly_gen.oper_expression   1 
_pdbx_struct_assembly_gen.asym_id_list      A,B,C 
# 
_pdbx_struct_oper_list.id                   1 
_pdbx_struct_oper_list.type                 'identity operation' 
_pdbx_struct_oper_list.name                 1_555 
_pdbx_struct_oper_list.symmetry_operation   x,y,z 
_pdbx_struct_oper_list.matrix[1][1]         1.0000000000 
_pdbx_struct_oper_list.matrix[1][2]         0.0000000000 
_pdbx_struct_oper_list.matrix[1][3]         0.0000000000 
_pdbx_struct_oper_list.vector[1]            0.0000000000 
_pdbx_struct_oper_list.matrix[2][1]         0.0000000000 
_pdbx_struct_oper_list.matrix[2][2]         1.0000000000 
_pdbx_struct_oper_list.matrix[2][3]         0.0000000000 
_pdbx_struct_oper_list.vector[2]            0.0000000000 
_pdbx_struct_oper_list.matrix[3][1]         0.0000000000 
_pdbx_struct_oper_list.matrix[3][2]         0.0000000000 
_pdbx_struct_oper_list.matrix[3][3]         1.0000000000 
_pdbx_struct_oper_list.vector[3]            0.0000000000 
# 
_struct_biol.id                    1 
_struct_biol.pdbx_parent_biol_id   ? 
_struct_biol.details               ? 
# 
loop_
_struct_conf.conf_type_id 
_struct_conf.id 
_struct_conf.pdbx_PDB_helix_id 
_struct_conf.beg_label_comp_id 
_struct_conf.beg_label_asym_id 
_struct_conf.beg_label_seq_id 
_struct_conf.pdbx_beg_PDB_ins_code 
_struct_conf.end_label_comp_id 
_struct_conf.end_label_asym_id 
_struct_conf.end_label_seq_id 
_struct_conf.pdbx_end_PDB_ins_code 
_struct_conf.beg_auth_comp_id 
_struct_conf.beg_auth_asym_id 
_struct_conf.beg_auth_seq_id 
_struct_conf.end_auth_comp_id 
_struct_conf.end_auth_asym_id 
_struct_conf.end_auth_seq_id 
_struct_conf.pdbx_PDB_helix_class 
_struct_conf.details 
_struct_conf.pdbx_PDB_helix_length 
HELX_P HELX_P1 1 ASN A 2  ? HIS A 10 ? ASN A 2  HIS A 10 1 ? 9 
HELX_P HELX_P2 2 ASN A 18 ? MET A 23 ? ASN A 18 MET A 23 1 ? 6 
HELX_P HELX_P3 3 ASN A 25 ? ILE A 27 ? ASN A 25 ILE A 27 5 ? 3 
HELX_P HELX_P4 4 SER A 44 ? ALA A 50 ? SER A 44 ALA A 50 1 ? 7 
HELX_P HELX_P5 5 ILE A 51 ? THR A 53 ? ILE A 51 THR A 53 5 ? 3 
# 
_struct_conf_type.id          HELX_P 
_struct_conf_type.criteria    ? 
_struct_conf_type.reference   ? 
# 
loop_
_struct_conn.id 
_struct_conn.conn_type_id 
_struct_conn.pdbx_leaving_atom_flag 
_struct_conn.pdbx_PDB_id 
_struct_conn.ptnr1_label_asym_id 
_struct_conn.ptnr1_label_comp_id 
_struct_conn.ptnr1_label_seq_id 
_struct_conn.ptnr1_label_atom_id 
_struct_conn.pdbx_ptnr1_label_alt_id 
_struct_conn.pdbx_ptnr1_PDB_ins_code 
_struct_conn.pdbx_ptnr1_standard_comp_id 
_struct_conn.ptnr1_symmetry 
_struct_conn.ptnr2_label_asym_id 
_struct_conn.ptnr2_label_comp_id 
_struct_conn.ptnr2_label_seq_id 
_struct_conn.ptnr2_label_atom_id 
_struct_conn.pdbx_ptnr2_label_alt_id 
_struct_conn.pdbx_ptnr2_PDB_ins_code 
_struct_conn.ptnr1_auth_asym_id 
_struct_conn.ptnr1_auth_comp_id 
_struct_conn.ptnr1_auth_seq_id 
_struct_conn.ptnr2_auth_asym_id 
_struct_conn.ptnr2_auth_comp_id 
_struct_conn.ptnr2_auth_seq_id 
_struct_conn.ptnr2_symmetry 
_struct_conn.pdbx_ptnr3_label_atom_id 
_struct_conn.pdbx_ptnr3_label_seq_id 
_struct_conn.pdbx_ptnr3_label_comp_id 
_struct_conn.pdbx_ptnr3_label_asym_id 
_struct_conn.pdbx_ptnr3_label_alt_id 
_struct_conn.pdbx_ptnr3_PDB_ins_code 
_struct_conn.details 
_struct_conn.pdbx_dist_value 
_struct_conn.pdbx_value_order 
_struct_conn.pdbx_role 
disulf1 disulf ?    ? A CYS 19 SG ? ? ? 1_555 A CYS 71  SG ? ? A CYS 19 A CYS 71  1_555 ? ? ? ? ? ? ? 2.026 ? ? 
disulf2 disulf ?    ? A CYS 34 SG ? ? ? 1_555 A CYS 81  SG ? ? A CYS 34 A CYS 81  1_555 ? ? ? ? ? ? ? 2.030 ? ? 
disulf3 disulf ?    ? A CYS 52 SG ? ? ? 1_555 A CYS 96  SG ? ? A CYS 52 A CYS 96  1_555 ? ? ? ? ? ? ? 2.028 ? ? 
disulf4 disulf ?    ? A CYS 93 SG ? ? ? 1_555 A CYS 110 SG ? ? A CYS 93 A CYS 110 1_555 ? ? ? ? ? ? ? 2.027 ? ? 
covale1 covale both ? A PCA 1  C  ? ? ? 1_555 A ASN 2   N  ? ? A PCA 1  A ASN 2   1_555 ? ? ? ? ? ? ? 1.460 ? ? 
# 
loop_
_struct_conn_type.id 
_struct_conn_type.criteria 
_struct_conn_type.reference 
disulf ? ? 
covale ? ? 
# 
loop_
_pdbx_modification_feature.ordinal 
_pdbx_modification_feature.label_comp_id 
_pdbx_modification_feature.label_asym_id 
_pdbx_modification_feature.label_seq_id 
_pdbx_modification_feature.label_alt_id 
_pdbx_modification_feature.modified_residue_label_comp_id 
_pdbx_modification_feature.modified_residue_label_asym_id 
_pdbx_modification_feature.modified_residue_label_seq_id 
_pdbx_modification_feature.modified_residue_label_alt_id 
_pdbx_modification_feature.auth_comp_id 
_pdbx_modification_feature.auth_asym_id 
_pdbx_modification_feature.auth_seq_id 
_pdbx_modification_feature.PDB_ins_code 
_pdbx_modification_feature.symmetry 
_pdbx_modification_feature.modified_residue_auth_comp_id 
_pdbx_modification_feature.modified_residue_auth_asym_id 
_pdbx_modification_feature.modified_residue_auth_seq_id 
_pdbx_modification_feature.modified_residue_PDB_ins_code 
_pdbx_modification_feature.modified_residue_symmetry 
_pdbx_modification_feature.comp_id_linking_atom 
_pdbx_modification_feature.modified_residue_id_linking_atom 
_pdbx_modification_feature.modified_residue_id 
_pdbx_modification_feature.ref_pcm_id 
_pdbx_modification_feature.ref_comp_id 
_pdbx_modification_feature.type 
_pdbx_modification_feature.category 
1 PCA A 1  ? .   . .   . PCA A 1  ? 1_555 .   . .   . .     .  .  GLN 1 PCA 'Pyrrolidone carboxylic acid' 
'Named protein modification' 
2 CYS A 19 ? CYS A 71  ? CYS A 19 ? 1_555 CYS A 71  ? 1_555 SG SG .   . .   None                          'Disulfide bridge' 
3 CYS A 34 ? CYS A 81  ? CYS A 34 ? 1_555 CYS A 81  ? 1_555 SG SG .   . .   None                          'Disulfide bridge' 
4 CYS A 52 ? CYS A 96  ? CYS A 52 ? 1_555 CYS A 96  ? 1_555 SG SG .   . .   None                          'Disulfide bridge' 
5 CYS A 93 ? CYS A 110 ? CYS A 93 ? 1_555 CYS A 110 ? 1_555 SG SG .   . .   None                          'Disulfide bridge' 
# 
_struct_mon_prot_cis.pdbx_id                1 
_struct_mon_prot_cis.label_comp_id          ARG 
_struct_mon_prot_cis.label_seq_id           79 
_struct_mon_prot_cis.label_asym_id          A 
_struct_mon_prot_cis.label_alt_id           . 
_struct_mon_prot_cis.pdbx_PDB_ins_code      ? 
_struct_mon_prot_cis.auth_comp_id           ARG 
_struct_mon_prot_cis.auth_seq_id            79 
_struct_mon_prot_cis.auth_asym_id           A 
_struct_mon_prot_cis.pdbx_label_comp_id_2   PRO 
_struct_mon_prot_cis.pdbx_label_seq_id_2    80 
_struct_mon_prot_cis.pdbx_label_asym_id_2   A 
_struct_mon_prot_cis.pdbx_PDB_ins_code_2    ? 
_struct_mon_prot_cis.pdbx_auth_comp_id_2    PRO 
_struct_mon_prot_cis.pdbx_auth_seq_id_2     80 
_struct_mon_prot_cis.pdbx_auth_asym_id_2    A 
_struct_mon_prot_cis.pdbx_PDB_model_num     1 
_struct_mon_prot_cis.pdbx_omega_angle       -0.18 
# 
loop_
_struct_sheet.id 
_struct_sheet.type 
_struct_sheet.number_strands 
_struct_sheet.details 
A ? 4 ? 
B ? 2 ? 
C ? 3 ? 
# 
loop_
_struct_sheet_order.sheet_id 
_struct_sheet_order.range_id_1 
_struct_sheet_order.range_id_2 
_struct_sheet_order.offset 
_struct_sheet_order.sense 
A 1 2 ? parallel      
A 2 3 ? anti-parallel 
A 3 4 ? anti-parallel 
B 1 2 ? anti-parallel 
C 1 2 ? anti-parallel 
C 2 3 ? anti-parallel 
# 
loop_
_struct_sheet_range.sheet_id 
_struct_sheet_range.id 
_struct_sheet_range.beg_label_comp_id 
_struct_sheet_range.beg_label_asym_id 
_struct_sheet_range.beg_label_seq_id 
_struct_sheet_range.pdbx_beg_PDB_ins_code 
_struct_sheet_range.end_label_comp_id 
_struct_sheet_range.end_label_asym_id 
_struct_sheet_range.end_label_seq_id 
_struct_sheet_range.pdbx_end_PDB_ins_code 
_struct_sheet_range.beg_auth_comp_id 
_struct_sheet_range.beg_auth_asym_id 
_struct_sheet_range.beg_auth_seq_id 
_struct_sheet_range.end_auth_comp_id 
_struct_sheet_range.end_auth_asym_id 
_struct_sheet_range.end_auth_seq_id 
A 1 ILE A 11  ? ILE A 12  ? ILE A 11  ILE A 12  
A 2 VAL A 37  ? ILE A 42  ? VAL A 37  ILE A 42  
A 3 PHE A 66  ? ARG A 73  ? PHE A 66  ARG A 73  
A 4 TYR A 83  ? ASN A 90  ? TYR A 83  ASN A 90  
B 1 ILE A 29  ? VAL A 30  ? ILE A 29  VAL A 30  
B 2 GLN A 33  ? CYS A 34  ? GLN A 33  CYS A 34  
C 1 ASN A 57  ? LEU A 61  ? ASN A 57  LEU A 61  
C 2 ILE A 92  ? GLU A 97  ? ILE A 92  GLU A 97  
C 3 TYR A 100 ? ILE A 107 ? TYR A 100 ILE A 107 
# 
loop_
_pdbx_struct_sheet_hbond.sheet_id 
_pdbx_struct_sheet_hbond.range_id_1 
_pdbx_struct_sheet_hbond.range_id_2 
_pdbx_struct_sheet_hbond.range_1_label_atom_id 
_pdbx_struct_sheet_hbond.range_1_label_comp_id 
_pdbx_struct_sheet_hbond.range_1_label_asym_id 
_pdbx_struct_sheet_hbond.range_1_label_seq_id 
_pdbx_struct_sheet_hbond.range_1_PDB_ins_code 
_pdbx_struct_sheet_hbond.range_1_auth_atom_id 
_pdbx_struct_sheet_hbond.range_1_auth_comp_id 
_pdbx_struct_sheet_hbond.range_1_auth_asym_id 
_pdbx_struct_sheet_hbond.range_1_auth_seq_id 
_pdbx_struct_sheet_hbond.range_2_label_atom_id 
_pdbx_struct_sheet_hbond.range_2_label_comp_id 
_pdbx_struct_sheet_hbond.range_2_label_asym_id 
_pdbx_struct_sheet_hbond.range_2_label_seq_id 
_pdbx_struct_sheet_hbond.range_2_PDB_ins_code 
_pdbx_struct_sheet_hbond.range_2_auth_atom_id 
_pdbx_struct_sheet_hbond.range_2_auth_comp_id 
_pdbx_struct_sheet_hbond.range_2_auth_asym_id 
_pdbx_struct_sheet_hbond.range_2_auth_seq_id 
A 1 2 N ILE A 12 ? N ILE A 12 O ILE A 41  ? O ILE A 41  
A 2 3 N PHE A 40 ? N PHE A 40 O ASN A 69  ? O ASN A 69  
A 3 4 N LEU A 68 ? N LEU A 68 O GLU A 88  ? O GLU A 88  
B 1 2 N VAL A 30 ? N VAL A 30 O GLN A 33  ? O GLN A 33  
C 1 2 N VAL A 60 ? N VAL A 60 O VAL A 94  ? O VAL A 94  
C 2 3 N CYS A 93 ? N CYS A 93 O GLY A 106 ? O GLY A 106 
# 
_struct_site.id                   AC1 
_struct_site.pdbx_evidence_code   Software 
_struct_site.pdbx_auth_asym_id    A 
_struct_site.pdbx_auth_comp_id    PO4 
_struct_site.pdbx_auth_seq_id     501 
_struct_site.pdbx_auth_ins_code   ? 
_struct_site.pdbx_num_residues    5 
_struct_site.details              'BINDING SITE FOR RESIDUE PO4 A 501' 
# 
loop_
_struct_site_gen.id 
_struct_site_gen.site_id 
_struct_site_gen.pdbx_num_res 
_struct_site_gen.label_comp_id 
_struct_site_gen.label_asym_id 
_struct_site_gen.label_seq_id 
_struct_site_gen.pdbx_auth_ins_code 
_struct_site_gen.auth_comp_id 
_struct_site_gen.auth_asym_id 
_struct_site_gen.auth_seq_id 
_struct_site_gen.label_atom_id 
_struct_site_gen.label_alt_id 
_struct_site_gen.symmetry 
_struct_site_gen.details 
1 AC1 5 PCA A 1   ? PCA A 1   . ? 1_555 ? 
2 AC1 5 LYS A 9   ? LYS A 9   . ? 1_555 ? 
3 AC1 5 HIS A 10  ? HIS A 10  . ? 1_555 ? 
4 AC1 5 HIS A 103 ? HIS A 103 . ? 1_555 ? 
5 AC1 5 PHE A 104 ? PHE A 104 . ? 1_555 ? 
# 
_pdbx_entry_details.entry_id                   1KM8 
_pdbx_entry_details.compound_details           ? 
_pdbx_entry_details.source_details             ? 
_pdbx_entry_details.nonpolymer_details         ? 
_pdbx_entry_details.sequence_details           ? 
_pdbx_entry_details.has_ligand_of_interest     ? 
_pdbx_entry_details.has_protein_modification   Y 
# 
_pdbx_validate_torsion.id              1 
_pdbx_validate_torsion.PDB_model_num   1 
_pdbx_validate_torsion.auth_comp_id    ASN 
_pdbx_validate_torsion.auth_asym_id    A 
_pdbx_validate_torsion.auth_seq_id     57 
_pdbx_validate_torsion.PDB_ins_code    ? 
_pdbx_validate_torsion.label_alt_id    ? 
_pdbx_validate_torsion.phi             -164.30 
_pdbx_validate_torsion.psi             89.95 
# 
_pdbx_validate_main_chain_plane.id                       1 
_pdbx_validate_main_chain_plane.PDB_model_num            1 
_pdbx_validate_main_chain_plane.auth_comp_id             PCA 
_pdbx_validate_main_chain_plane.auth_asym_id             A 
_pdbx_validate_main_chain_plane.auth_seq_id              1 
_pdbx_validate_main_chain_plane.PDB_ins_code             ? 
_pdbx_validate_main_chain_plane.label_alt_id             ? 
_pdbx_validate_main_chain_plane.improper_torsion_angle   14.82 
# 
_pdbx_struct_mod_residue.id               1 
_pdbx_struct_mod_residue.label_asym_id    A 
_pdbx_struct_mod_residue.label_comp_id    PCA 
_pdbx_struct_mod_residue.label_seq_id     1 
_pdbx_struct_mod_residue.auth_asym_id     A 
_pdbx_struct_mod_residue.auth_comp_id     PCA 
_pdbx_struct_mod_residue.auth_seq_id      1 
_pdbx_struct_mod_residue.PDB_ins_code     ? 
_pdbx_struct_mod_residue.parent_comp_id   GLN 
_pdbx_struct_mod_residue.details          'PYROGLUTAMIC ACID' 
# 
loop_
_chem_comp_atom.comp_id 
_chem_comp_atom.atom_id 
_chem_comp_atom.type_symbol 
_chem_comp_atom.pdbx_aromatic_flag 
_chem_comp_atom.pdbx_stereo_config 
_chem_comp_atom.pdbx_ordinal 
ALA N    N N N 1   
ALA CA   C N S 2   
ALA C    C N N 3   
ALA O    O N N 4   
ALA CB   C N N 5   
ALA OXT  O N N 6   
ALA H    H N N 7   
ALA H2   H N N 8   
ALA HA   H N N 9   
ALA HB1  H N N 10  
ALA HB2  H N N 11  
ALA HB3  H N N 12  
ALA HXT  H N N 13  
ARG N    N N N 14  
ARG CA   C N S 15  
ARG C    C N N 16  
ARG O    O N N 17  
ARG CB   C N N 18  
ARG CG   C N N 19  
ARG CD   C N N 20  
ARG NE   N N N 21  
ARG CZ   C N N 22  
ARG NH1  N N N 23  
ARG NH2  N N N 24  
ARG OXT  O N N 25  
ARG H    H N N 26  
ARG H2   H N N 27  
ARG HA   H N N 28  
ARG HB2  H N N 29  
ARG HB3  H N N 30  
ARG HG2  H N N 31  
ARG HG3  H N N 32  
ARG HD2  H N N 33  
ARG HD3  H N N 34  
ARG HE   H N N 35  
ARG HH11 H N N 36  
ARG HH12 H N N 37  
ARG HH21 H N N 38  
ARG HH22 H N N 39  
ARG HXT  H N N 40  
ASN N    N N N 41  
ASN CA   C N S 42  
ASN C    C N N 43  
ASN O    O N N 44  
ASN CB   C N N 45  
ASN CG   C N N 46  
ASN OD1  O N N 47  
ASN ND2  N N N 48  
ASN OXT  O N N 49  
ASN H    H N N 50  
ASN H2   H N N 51  
ASN HA   H N N 52  
ASN HB2  H N N 53  
ASN HB3  H N N 54  
ASN HD21 H N N 55  
ASN HD22 H N N 56  
ASN HXT  H N N 57  
ASP N    N N N 58  
ASP CA   C N S 59  
ASP C    C N N 60  
ASP O    O N N 61  
ASP CB   C N N 62  
ASP CG   C N N 63  
ASP OD1  O N N 64  
ASP OD2  O N N 65  
ASP OXT  O N N 66  
ASP H    H N N 67  
ASP H2   H N N 68  
ASP HA   H N N 69  
ASP HB2  H N N 70  
ASP HB3  H N N 71  
ASP HD2  H N N 72  
ASP HXT  H N N 73  
CYS N    N N N 74  
CYS CA   C N R 75  
CYS C    C N N 76  
CYS O    O N N 77  
CYS CB   C N N 78  
CYS SG   S N N 79  
CYS OXT  O N N 80  
CYS H    H N N 81  
CYS H2   H N N 82  
CYS HA   H N N 83  
CYS HB2  H N N 84  
CYS HB3  H N N 85  
CYS HG   H N N 86  
CYS HXT  H N N 87  
GLN N    N N N 88  
GLN CA   C N S 89  
GLN C    C N N 90  
GLN O    O N N 91  
GLN CB   C N N 92  
GLN CG   C N N 93  
GLN CD   C N N 94  
GLN OE1  O N N 95  
GLN NE2  N N N 96  
GLN OXT  O N N 97  
GLN H    H N N 98  
GLN H2   H N N 99  
GLN HA   H N N 100 
GLN HB2  H N N 101 
GLN HB3  H N N 102 
GLN HG2  H N N 103 
GLN HG3  H N N 104 
GLN HE21 H N N 105 
GLN HE22 H N N 106 
GLN HXT  H N N 107 
GLU N    N N N 108 
GLU CA   C N S 109 
GLU C    C N N 110 
GLU O    O N N 111 
GLU CB   C N N 112 
GLU CG   C N N 113 
GLU CD   C N N 114 
GLU OE1  O N N 115 
GLU OE2  O N N 116 
GLU OXT  O N N 117 
GLU H    H N N 118 
GLU H2   H N N 119 
GLU HA   H N N 120 
GLU HB2  H N N 121 
GLU HB3  H N N 122 
GLU HG2  H N N 123 
GLU HG3  H N N 124 
GLU HE2  H N N 125 
GLU HXT  H N N 126 
GLY N    N N N 127 
GLY CA   C N N 128 
GLY C    C N N 129 
GLY O    O N N 130 
GLY OXT  O N N 131 
GLY H    H N N 132 
GLY H2   H N N 133 
GLY HA2  H N N 134 
GLY HA3  H N N 135 
GLY HXT  H N N 136 
HIS N    N N N 137 
HIS CA   C N S 138 
HIS C    C N N 139 
HIS O    O N N 140 
HIS CB   C N N 141 
HIS CG   C Y N 142 
HIS ND1  N Y N 143 
HIS CD2  C Y N 144 
HIS CE1  C Y N 145 
HIS NE2  N Y N 146 
HIS OXT  O N N 147 
HIS H    H N N 148 
HIS H2   H N N 149 
HIS HA   H N N 150 
HIS HB2  H N N 151 
HIS HB3  H N N 152 
HIS HD1  H N N 153 
HIS HD2  H N N 154 
HIS HE1  H N N 155 
HIS HE2  H N N 156 
HIS HXT  H N N 157 
HOH O    O N N 158 
HOH H1   H N N 159 
HOH H2   H N N 160 
ILE N    N N N 161 
ILE CA   C N S 162 
ILE C    C N N 163 
ILE O    O N N 164 
ILE CB   C N S 165 
ILE CG1  C N N 166 
ILE CG2  C N N 167 
ILE CD1  C N N 168 
ILE OXT  O N N 169 
ILE H    H N N 170 
ILE H2   H N N 171 
ILE HA   H N N 172 
ILE HB   H N N 173 
ILE HG12 H N N 174 
ILE HG13 H N N 175 
ILE HG21 H N N 176 
ILE HG22 H N N 177 
ILE HG23 H N N 178 
ILE HD11 H N N 179 
ILE HD12 H N N 180 
ILE HD13 H N N 181 
ILE HXT  H N N 182 
LEU N    N N N 183 
LEU CA   C N S 184 
LEU C    C N N 185 
LEU O    O N N 186 
LEU CB   C N N 187 
LEU CG   C N N 188 
LEU CD1  C N N 189 
LEU CD2  C N N 190 
LEU OXT  O N N 191 
LEU H    H N N 192 
LEU H2   H N N 193 
LEU HA   H N N 194 
LEU HB2  H N N 195 
LEU HB3  H N N 196 
LEU HG   H N N 197 
LEU HD11 H N N 198 
LEU HD12 H N N 199 
LEU HD13 H N N 200 
LEU HD21 H N N 201 
LEU HD22 H N N 202 
LEU HD23 H N N 203 
LEU HXT  H N N 204 
LYS N    N N N 205 
LYS CA   C N S 206 
LYS C    C N N 207 
LYS O    O N N 208 
LYS CB   C N N 209 
LYS CG   C N N 210 
LYS CD   C N N 211 
LYS CE   C N N 212 
LYS NZ   N N N 213 
LYS OXT  O N N 214 
LYS H    H N N 215 
LYS H2   H N N 216 
LYS HA   H N N 217 
LYS HB2  H N N 218 
LYS HB3  H N N 219 
LYS HG2  H N N 220 
LYS HG3  H N N 221 
LYS HD2  H N N 222 
LYS HD3  H N N 223 
LYS HE2  H N N 224 
LYS HE3  H N N 225 
LYS HZ1  H N N 226 
LYS HZ2  H N N 227 
LYS HZ3  H N N 228 
LYS HXT  H N N 229 
MET N    N N N 230 
MET CA   C N S 231 
MET C    C N N 232 
MET O    O N N 233 
MET CB   C N N 234 
MET CG   C N N 235 
MET SD   S N N 236 
MET CE   C N N 237 
MET OXT  O N N 238 
MET H    H N N 239 
MET H2   H N N 240 
MET HA   H N N 241 
MET HB2  H N N 242 
MET HB3  H N N 243 
MET HG2  H N N 244 
MET HG3  H N N 245 
MET HE1  H N N 246 
MET HE2  H N N 247 
MET HE3  H N N 248 
MET HXT  H N N 249 
PCA N    N N N 250 
PCA CA   C N S 251 
PCA CB   C N N 252 
PCA CG   C N N 253 
PCA CD   C N N 254 
PCA OE   O N N 255 
PCA C    C N N 256 
PCA O    O N N 257 
PCA OXT  O N N 258 
PCA H    H N N 259 
PCA HA   H N N 260 
PCA HB2  H N N 261 
PCA HB3  H N N 262 
PCA HG2  H N N 263 
PCA HG3  H N N 264 
PCA HXT  H N N 265 
PHE N    N N N 266 
PHE CA   C N S 267 
PHE C    C N N 268 
PHE O    O N N 269 
PHE CB   C N N 270 
PHE CG   C Y N 271 
PHE CD1  C Y N 272 
PHE CD2  C Y N 273 
PHE CE1  C Y N 274 
PHE CE2  C Y N 275 
PHE CZ   C Y N 276 
PHE OXT  O N N 277 
PHE H    H N N 278 
PHE H2   H N N 279 
PHE HA   H N N 280 
PHE HB2  H N N 281 
PHE HB3  H N N 282 
PHE HD1  H N N 283 
PHE HD2  H N N 284 
PHE HE1  H N N 285 
PHE HE2  H N N 286 
PHE HZ   H N N 287 
PHE HXT  H N N 288 
PO4 P    P N N 289 
PO4 O1   O N N 290 
PO4 O2   O N N 291 
PO4 O3   O N N 292 
PO4 O4   O N N 293 
PRO N    N N N 294 
PRO CA   C N S 295 
PRO C    C N N 296 
PRO O    O N N 297 
PRO CB   C N N 298 
PRO CG   C N N 299 
PRO CD   C N N 300 
PRO OXT  O N N 301 
PRO H    H N N 302 
PRO HA   H N N 303 
PRO HB2  H N N 304 
PRO HB3  H N N 305 
PRO HG2  H N N 306 
PRO HG3  H N N 307 
PRO HD2  H N N 308 
PRO HD3  H N N 309 
PRO HXT  H N N 310 
SER N    N N N 311 
SER CA   C N S 312 
SER C    C N N 313 
SER O    O N N 314 
SER CB   C N N 315 
SER OG   O N N 316 
SER OXT  O N N 317 
SER H    H N N 318 
SER H2   H N N 319 
SER HA   H N N 320 
SER HB2  H N N 321 
SER HB3  H N N 322 
SER HG   H N N 323 
SER HXT  H N N 324 
THR N    N N N 325 
THR CA   C N S 326 
THR C    C N N 327 
THR O    O N N 328 
THR CB   C N R 329 
THR OG1  O N N 330 
THR CG2  C N N 331 
THR OXT  O N N 332 
THR H    H N N 333 
THR H2   H N N 334 
THR HA   H N N 335 
THR HB   H N N 336 
THR HG1  H N N 337 
THR HG21 H N N 338 
THR HG22 H N N 339 
THR HG23 H N N 340 
THR HXT  H N N 341 
TRP N    N N N 342 
TRP CA   C N S 343 
TRP C    C N N 344 
TRP O    O N N 345 
TRP CB   C N N 346 
TRP CG   C Y N 347 
TRP CD1  C Y N 348 
TRP CD2  C Y N 349 
TRP NE1  N Y N 350 
TRP CE2  C Y N 351 
TRP CE3  C Y N 352 
TRP CZ2  C Y N 353 
TRP CZ3  C Y N 354 
TRP CH2  C Y N 355 
TRP OXT  O N N 356 
TRP H    H N N 357 
TRP H2   H N N 358 
TRP HA   H N N 359 
TRP HB2  H N N 360 
TRP HB3  H N N 361 
TRP HD1  H N N 362 
TRP HE1  H N N 363 
TRP HE3  H N N 364 
TRP HZ2  H N N 365 
TRP HZ3  H N N 366 
TRP HH2  H N N 367 
TRP HXT  H N N 368 
TYR N    N N N 369 
TYR CA   C N S 370 
TYR C    C N N 371 
TYR O    O N N 372 
TYR CB   C N N 373 
TYR CG   C Y N 374 
TYR CD1  C Y N 375 
TYR CD2  C Y N 376 
TYR CE1  C Y N 377 
TYR CE2  C Y N 378 
TYR CZ   C Y N 379 
TYR OH   O N N 380 
TYR OXT  O N N 381 
TYR H    H N N 382 
TYR H2   H N N 383 
TYR HA   H N N 384 
TYR HB2  H N N 385 
TYR HB3  H N N 386 
TYR HD1  H N N 387 
TYR HD2  H N N 388 
TYR HE1  H N N 389 
TYR HE2  H N N 390 
TYR HH   H N N 391 
TYR HXT  H N N 392 
VAL N    N N N 393 
VAL CA   C N S 394 
VAL C    C N N 395 
VAL O    O N N 396 
VAL CB   C N N 397 
VAL CG1  C N N 398 
VAL CG2  C N N 399 
VAL OXT  O N N 400 
VAL H    H N N 401 
VAL H2   H N N 402 
VAL HA   H N N 403 
VAL HB   H N N 404 
VAL HG11 H N N 405 
VAL HG12 H N N 406 
VAL HG13 H N N 407 
VAL HG21 H N N 408 
VAL HG22 H N N 409 
VAL HG23 H N N 410 
VAL HXT  H N N 411 
# 
loop_
_chem_comp_bond.comp_id 
_chem_comp_bond.atom_id_1 
_chem_comp_bond.atom_id_2 
_chem_comp_bond.value_order 
_chem_comp_bond.pdbx_aromatic_flag 
_chem_comp_bond.pdbx_stereo_config 
_chem_comp_bond.pdbx_ordinal 
ALA N   CA   sing N N 1   
ALA N   H    sing N N 2   
ALA N   H2   sing N N 3   
ALA CA  C    sing N N 4   
ALA CA  CB   sing N N 5   
ALA CA  HA   sing N N 6   
ALA C   O    doub N N 7   
ALA C   OXT  sing N N 8   
ALA CB  HB1  sing N N 9   
ALA CB  HB2  sing N N 10  
ALA CB  HB3  sing N N 11  
ALA OXT HXT  sing N N 12  
ARG N   CA   sing N N 13  
ARG N   H    sing N N 14  
ARG N   H2   sing N N 15  
ARG CA  C    sing N N 16  
ARG CA  CB   sing N N 17  
ARG CA  HA   sing N N 18  
ARG C   O    doub N N 19  
ARG C   OXT  sing N N 20  
ARG CB  CG   sing N N 21  
ARG CB  HB2  sing N N 22  
ARG CB  HB3  sing N N 23  
ARG CG  CD   sing N N 24  
ARG CG  HG2  sing N N 25  
ARG CG  HG3  sing N N 26  
ARG CD  NE   sing N N 27  
ARG CD  HD2  sing N N 28  
ARG CD  HD3  sing N N 29  
ARG NE  CZ   sing N N 30  
ARG NE  HE   sing N N 31  
ARG CZ  NH1  sing N N 32  
ARG CZ  NH2  doub N N 33  
ARG NH1 HH11 sing N N 34  
ARG NH1 HH12 sing N N 35  
ARG NH2 HH21 sing N N 36  
ARG NH2 HH22 sing N N 37  
ARG OXT HXT  sing N N 38  
ASN N   CA   sing N N 39  
ASN N   H    sing N N 40  
ASN N   H2   sing N N 41  
ASN CA  C    sing N N 42  
ASN CA  CB   sing N N 43  
ASN CA  HA   sing N N 44  
ASN C   O    doub N N 45  
ASN C   OXT  sing N N 46  
ASN CB  CG   sing N N 47  
ASN CB  HB2  sing N N 48  
ASN CB  HB3  sing N N 49  
ASN CG  OD1  doub N N 50  
ASN CG  ND2  sing N N 51  
ASN ND2 HD21 sing N N 52  
ASN ND2 HD22 sing N N 53  
ASN OXT HXT  sing N N 54  
ASP N   CA   sing N N 55  
ASP N   H    sing N N 56  
ASP N   H2   sing N N 57  
ASP CA  C    sing N N 58  
ASP CA  CB   sing N N 59  
ASP CA  HA   sing N N 60  
ASP C   O    doub N N 61  
ASP C   OXT  sing N N 62  
ASP CB  CG   sing N N 63  
ASP CB  HB2  sing N N 64  
ASP CB  HB3  sing N N 65  
ASP CG  OD1  doub N N 66  
ASP CG  OD2  sing N N 67  
ASP OD2 HD2  sing N N 68  
ASP OXT HXT  sing N N 69  
CYS N   CA   sing N N 70  
CYS N   H    sing N N 71  
CYS N   H2   sing N N 72  
CYS CA  C    sing N N 73  
CYS CA  CB   sing N N 74  
CYS CA  HA   sing N N 75  
CYS C   O    doub N N 76  
CYS C   OXT  sing N N 77  
CYS CB  SG   sing N N 78  
CYS CB  HB2  sing N N 79  
CYS CB  HB3  sing N N 80  
CYS SG  HG   sing N N 81  
CYS OXT HXT  sing N N 82  
GLN N   CA   sing N N 83  
GLN N   H    sing N N 84  
GLN N   H2   sing N N 85  
GLN CA  C    sing N N 86  
GLN CA  CB   sing N N 87  
GLN CA  HA   sing N N 88  
GLN C   O    doub N N 89  
GLN C   OXT  sing N N 90  
GLN CB  CG   sing N N 91  
GLN CB  HB2  sing N N 92  
GLN CB  HB3  sing N N 93  
GLN CG  CD   sing N N 94  
GLN CG  HG2  sing N N 95  
GLN CG  HG3  sing N N 96  
GLN CD  OE1  doub N N 97  
GLN CD  NE2  sing N N 98  
GLN NE2 HE21 sing N N 99  
GLN NE2 HE22 sing N N 100 
GLN OXT HXT  sing N N 101 
GLU N   CA   sing N N 102 
GLU N   H    sing N N 103 
GLU N   H2   sing N N 104 
GLU CA  C    sing N N 105 
GLU CA  CB   sing N N 106 
GLU CA  HA   sing N N 107 
GLU C   O    doub N N 108 
GLU C   OXT  sing N N 109 
GLU CB  CG   sing N N 110 
GLU CB  HB2  sing N N 111 
GLU CB  HB3  sing N N 112 
GLU CG  CD   sing N N 113 
GLU CG  HG2  sing N N 114 
GLU CG  HG3  sing N N 115 
GLU CD  OE1  doub N N 116 
GLU CD  OE2  sing N N 117 
GLU OE2 HE2  sing N N 118 
GLU OXT HXT  sing N N 119 
GLY N   CA   sing N N 120 
GLY N   H    sing N N 121 
GLY N   H2   sing N N 122 
GLY CA  C    sing N N 123 
GLY CA  HA2  sing N N 124 
GLY CA  HA3  sing N N 125 
GLY C   O    doub N N 126 
GLY C   OXT  sing N N 127 
GLY OXT HXT  sing N N 128 
HIS N   CA   sing N N 129 
HIS N   H    sing N N 130 
HIS N   H2   sing N N 131 
HIS CA  C    sing N N 132 
HIS CA  CB   sing N N 133 
HIS CA  HA   sing N N 134 
HIS C   O    doub N N 135 
HIS C   OXT  sing N N 136 
HIS CB  CG   sing N N 137 
HIS CB  HB2  sing N N 138 
HIS CB  HB3  sing N N 139 
HIS CG  ND1  sing Y N 140 
HIS CG  CD2  doub Y N 141 
HIS ND1 CE1  doub Y N 142 
HIS ND1 HD1  sing N N 143 
HIS CD2 NE2  sing Y N 144 
HIS CD2 HD2  sing N N 145 
HIS CE1 NE2  sing Y N 146 
HIS CE1 HE1  sing N N 147 
HIS NE2 HE2  sing N N 148 
HIS OXT HXT  sing N N 149 
HOH O   H1   sing N N 150 
HOH O   H2   sing N N 151 
ILE N   CA   sing N N 152 
ILE N   H    sing N N 153 
ILE N   H2   sing N N 154 
ILE CA  C    sing N N 155 
ILE CA  CB   sing N N 156 
ILE CA  HA   sing N N 157 
ILE C   O    doub N N 158 
ILE C   OXT  sing N N 159 
ILE CB  CG1  sing N N 160 
ILE CB  CG2  sing N N 161 
ILE CB  HB   sing N N 162 
ILE CG1 CD1  sing N N 163 
ILE CG1 HG12 sing N N 164 
ILE CG1 HG13 sing N N 165 
ILE CG2 HG21 sing N N 166 
ILE CG2 HG22 sing N N 167 
ILE CG2 HG23 sing N N 168 
ILE CD1 HD11 sing N N 169 
ILE CD1 HD12 sing N N 170 
ILE CD1 HD13 sing N N 171 
ILE OXT HXT  sing N N 172 
LEU N   CA   sing N N 173 
LEU N   H    sing N N 174 
LEU N   H2   sing N N 175 
LEU CA  C    sing N N 176 
LEU CA  CB   sing N N 177 
LEU CA  HA   sing N N 178 
LEU C   O    doub N N 179 
LEU C   OXT  sing N N 180 
LEU CB  CG   sing N N 181 
LEU CB  HB2  sing N N 182 
LEU CB  HB3  sing N N 183 
LEU CG  CD1  sing N N 184 
LEU CG  CD2  sing N N 185 
LEU CG  HG   sing N N 186 
LEU CD1 HD11 sing N N 187 
LEU CD1 HD12 sing N N 188 
LEU CD1 HD13 sing N N 189 
LEU CD2 HD21 sing N N 190 
LEU CD2 HD22 sing N N 191 
LEU CD2 HD23 sing N N 192 
LEU OXT HXT  sing N N 193 
LYS N   CA   sing N N 194 
LYS N   H    sing N N 195 
LYS N   H2   sing N N 196 
LYS CA  C    sing N N 197 
LYS CA  CB   sing N N 198 
LYS CA  HA   sing N N 199 
LYS C   O    doub N N 200 
LYS C   OXT  sing N N 201 
LYS CB  CG   sing N N 202 
LYS CB  HB2  sing N N 203 
LYS CB  HB3  sing N N 204 
LYS CG  CD   sing N N 205 
LYS CG  HG2  sing N N 206 
LYS CG  HG3  sing N N 207 
LYS CD  CE   sing N N 208 
LYS CD  HD2  sing N N 209 
LYS CD  HD3  sing N N 210 
LYS CE  NZ   sing N N 211 
LYS CE  HE2  sing N N 212 
LYS CE  HE3  sing N N 213 
LYS NZ  HZ1  sing N N 214 
LYS NZ  HZ2  sing N N 215 
LYS NZ  HZ3  sing N N 216 
LYS OXT HXT  sing N N 217 
MET N   CA   sing N N 218 
MET N   H    sing N N 219 
MET N   H2   sing N N 220 
MET CA  C    sing N N 221 
MET CA  CB   sing N N 222 
MET CA  HA   sing N N 223 
MET C   O    doub N N 224 
MET C   OXT  sing N N 225 
MET CB  CG   sing N N 226 
MET CB  HB2  sing N N 227 
MET CB  HB3  sing N N 228 
MET CG  SD   sing N N 229 
MET CG  HG2  sing N N 230 
MET CG  HG3  sing N N 231 
MET SD  CE   sing N N 232 
MET CE  HE1  sing N N 233 
MET CE  HE2  sing N N 234 
MET CE  HE3  sing N N 235 
MET OXT HXT  sing N N 236 
PCA N   CA   sing N N 237 
PCA N   CD   sing N N 238 
PCA N   H    sing N N 239 
PCA CA  CB   sing N N 240 
PCA CA  C    sing N N 241 
PCA CA  HA   sing N N 242 
PCA CB  CG   sing N N 243 
PCA CB  HB2  sing N N 244 
PCA CB  HB3  sing N N 245 
PCA CG  CD   sing N N 246 
PCA CG  HG2  sing N N 247 
PCA CG  HG3  sing N N 248 
PCA CD  OE   doub N N 249 
PCA C   O    doub N N 250 
PCA C   OXT  sing N N 251 
PCA OXT HXT  sing N N 252 
PHE N   CA   sing N N 253 
PHE N   H    sing N N 254 
PHE N   H2   sing N N 255 
PHE CA  C    sing N N 256 
PHE CA  CB   sing N N 257 
PHE CA  HA   sing N N 258 
PHE C   O    doub N N 259 
PHE C   OXT  sing N N 260 
PHE CB  CG   sing N N 261 
PHE CB  HB2  sing N N 262 
PHE CB  HB3  sing N N 263 
PHE CG  CD1  doub Y N 264 
PHE CG  CD2  sing Y N 265 
PHE CD1 CE1  sing Y N 266 
PHE CD1 HD1  sing N N 267 
PHE CD2 CE2  doub Y N 268 
PHE CD2 HD2  sing N N 269 
PHE CE1 CZ   doub Y N 270 
PHE CE1 HE1  sing N N 271 
PHE CE2 CZ   sing Y N 272 
PHE CE2 HE2  sing N N 273 
PHE CZ  HZ   sing N N 274 
PHE OXT HXT  sing N N 275 
PO4 P   O1   doub N N 276 
PO4 P   O2   sing N N 277 
PO4 P   O3   sing N N 278 
PO4 P   O4   sing N N 279 
PRO N   CA   sing N N 280 
PRO N   CD   sing N N 281 
PRO N   H    sing N N 282 
PRO CA  C    sing N N 283 
PRO CA  CB   sing N N 284 
PRO CA  HA   sing N N 285 
PRO C   O    doub N N 286 
PRO C   OXT  sing N N 287 
PRO CB  CG   sing N N 288 
PRO CB  HB2  sing N N 289 
PRO CB  HB3  sing N N 290 
PRO CG  CD   sing N N 291 
PRO CG  HG2  sing N N 292 
PRO CG  HG3  sing N N 293 
PRO CD  HD2  sing N N 294 
PRO CD  HD3  sing N N 295 
PRO OXT HXT  sing N N 296 
SER N   CA   sing N N 297 
SER N   H    sing N N 298 
SER N   H2   sing N N 299 
SER CA  C    sing N N 300 
SER CA  CB   sing N N 301 
SER CA  HA   sing N N 302 
SER C   O    doub N N 303 
SER C   OXT  sing N N 304 
SER CB  OG   sing N N 305 
SER CB  HB2  sing N N 306 
SER CB  HB3  sing N N 307 
SER OG  HG   sing N N 308 
SER OXT HXT  sing N N 309 
THR N   CA   sing N N 310 
THR N   H    sing N N 311 
THR N   H2   sing N N 312 
THR CA  C    sing N N 313 
THR CA  CB   sing N N 314 
THR CA  HA   sing N N 315 
THR C   O    doub N N 316 
THR C   OXT  sing N N 317 
THR CB  OG1  sing N N 318 
THR CB  CG2  sing N N 319 
THR CB  HB   sing N N 320 
THR OG1 HG1  sing N N 321 
THR CG2 HG21 sing N N 322 
THR CG2 HG22 sing N N 323 
THR CG2 HG23 sing N N 324 
THR OXT HXT  sing N N 325 
TRP N   CA   sing N N 326 
TRP N   H    sing N N 327 
TRP N   H2   sing N N 328 
TRP CA  C    sing N N 329 
TRP CA  CB   sing N N 330 
TRP CA  HA   sing N N 331 
TRP C   O    doub N N 332 
TRP C   OXT  sing N N 333 
TRP CB  CG   sing N N 334 
TRP CB  HB2  sing N N 335 
TRP CB  HB3  sing N N 336 
TRP CG  CD1  doub Y N 337 
TRP CG  CD2  sing Y N 338 
TRP CD1 NE1  sing Y N 339 
TRP CD1 HD1  sing N N 340 
TRP CD2 CE2  doub Y N 341 
TRP CD2 CE3  sing Y N 342 
TRP NE1 CE2  sing Y N 343 
TRP NE1 HE1  sing N N 344 
TRP CE2 CZ2  sing Y N 345 
TRP CE3 CZ3  doub Y N 346 
TRP CE3 HE3  sing N N 347 
TRP CZ2 CH2  doub Y N 348 
TRP CZ2 HZ2  sing N N 349 
TRP CZ3 CH2  sing Y N 350 
TRP CZ3 HZ3  sing N N 351 
TRP CH2 HH2  sing N N 352 
TRP OXT HXT  sing N N 353 
TYR N   CA   sing N N 354 
TYR N   H    sing N N 355 
TYR N   H2   sing N N 356 
TYR CA  C    sing N N 357 
TYR CA  CB   sing N N 358 
TYR CA  HA   sing N N 359 
TYR C   O    doub N N 360 
TYR C   OXT  sing N N 361 
TYR CB  CG   sing N N 362 
TYR CB  HB2  sing N N 363 
TYR CB  HB3  sing N N 364 
TYR CG  CD1  doub Y N 365 
TYR CG  CD2  sing Y N 366 
TYR CD1 CE1  sing Y N 367 
TYR CD1 HD1  sing N N 368 
TYR CD2 CE2  doub Y N 369 
TYR CD2 HD2  sing N N 370 
TYR CE1 CZ   doub Y N 371 
TYR CE1 HE1  sing N N 372 
TYR CE2 CZ   sing Y N 373 
TYR CE2 HE2  sing N N 374 
TYR CZ  OH   sing N N 375 
TYR OH  HH   sing N N 376 
TYR OXT HXT  sing N N 377 
VAL N   CA   sing N N 378 
VAL N   H    sing N N 379 
VAL N   H2   sing N N 380 
VAL CA  C    sing N N 381 
VAL CA  CB   sing N N 382 
VAL CA  HA   sing N N 383 
VAL C   O    doub N N 384 
VAL C   OXT  sing N N 385 
VAL CB  CG1  sing N N 386 
VAL CB  CG2  sing N N 387 
VAL CB  HB   sing N N 388 
VAL CG1 HG11 sing N N 389 
VAL CG1 HG12 sing N N 390 
VAL CG1 HG13 sing N N 391 
VAL CG2 HG21 sing N N 392 
VAL CG2 HG22 sing N N 393 
VAL CG2 HG23 sing N N 394 
VAL OXT HXT  sing N N 395 
# 
_pdbx_initial_refinement_model.id               1 
_pdbx_initial_refinement_model.entity_id_list   ? 
_pdbx_initial_refinement_model.type             'experimental model' 
_pdbx_initial_refinement_model.source_name      PDB 
_pdbx_initial_refinement_model.accession_code   1ONC 
_pdbx_initial_refinement_model.details          'PDB ENTRY 1ONC' 
# 
_atom_sites.entry_id                    1KM8 
_atom_sites.fract_transf_matrix[1][1]   -0.00658408 
_atom_sites.fract_transf_matrix[1][2]   0.00701192 
_atom_sites.fract_transf_matrix[1][3]   0.03177405 
_atom_sites.fract_transf_matrix[2][1]   0.00766790 
_atom_sites.fract_transf_matrix[2][2]   -0.01964838 
_atom_sites.fract_transf_matrix[2][3]   0.00592493 
_atom_sites.fract_transf_matrix[3][1]   0.01334542 
_atom_sites.fract_transf_matrix[3][2]   0.00566504 
_atom_sites.fract_transf_matrix[3][3]   0.00151521 
_atom_sites.fract_transf_vector[1]      0.354502 
_atom_sites.fract_transf_vector[2]      0.072521 
_atom_sites.fract_transf_vector[3]      0.331274 
# 
loop_
_atom_type.symbol 
C 
N 
O 
P 
S 
# 
loop_
_atom_site.group_PDB 
_atom_site.id 
_atom_site.type_symbol 
_atom_site.label_atom_id 
_atom_site.label_alt_id 
_atom_site.label_comp_id 
_atom_site.label_asym_id 
_atom_site.label_entity_id 
_atom_site.label_seq_id 
_atom_site.pdbx_PDB_ins_code 
_atom_site.Cartn_x 
_atom_site.Cartn_y 
_atom_site.Cartn_z 
_atom_site.occupancy 
_atom_site.B_iso_or_equiv 
_atom_site.pdbx_formal_charge 
_atom_site.auth_seq_id 
_atom_site.auth_comp_id 
_atom_site.auth_asym_id 
_atom_site.auth_atom_id 
_atom_site.pdbx_PDB_model_num 
HETATM 1   N N   . PCA A 1 1   ? -3.413  -4.488  8.717   1.00 16.00 ? 1   PCA A N   1 
HETATM 2   C CA  . PCA A 1 1   ? -3.940  -5.422  9.718   1.00 16.67 ? 1   PCA A CA  1 
HETATM 3   C CB  . PCA A 1 1   ? -3.464  -4.908  11.036  1.00 17.67 ? 1   PCA A CB  1 
HETATM 4   C CG  . PCA A 1 1   ? -2.750  -3.759  10.690  1.00 17.85 ? 1   PCA A CG  1 
HETATM 5   C CD  . PCA A 1 1   ? -2.678  -3.455  9.285   1.00 17.91 ? 1   PCA A CD  1 
HETATM 6   O OE  . PCA A 1 1   ? -2.119  -2.508  8.630   1.00 18.41 ? 1   PCA A OE  1 
HETATM 7   C C   . PCA A 1 1   ? -5.461  -5.439  9.667   1.00 15.71 ? 1   PCA A C   1 
HETATM 8   O O   . PCA A 1 1   ? -6.106  -6.199  10.404  1.00 15.61 ? 1   PCA A O   1 
ATOM   9   N N   . ASN A 1 2   ? -6.073  -4.175  9.266   1.00 14.15 ? 2   ASN A N   1 
ATOM   10  C CA  . ASN A 1 2   ? -7.526  -4.170  9.140   1.00 13.14 ? 2   ASN A CA  1 
ATOM   11  C C   . ASN A 1 2   ? -7.822  -3.154  8.041   1.00 12.18 ? 2   ASN A C   1 
ATOM   12  O O   . ASN A 1 2   ? -6.920  -2.453  7.594   1.00 12.79 ? 2   ASN A O   1 
ATOM   13  C CB  . ASN A 1 2   ? -8.187  -3.756  10.460  1.00 13.34 ? 2   ASN A CB  1 
ATOM   14  C CG  . ASN A 1 2   ? -7.415  -2.666  11.186  1.00 16.07 ? 2   ASN A CG  1 
ATOM   15  O OD1 . ASN A 1 2   ? -6.744  -2.925  12.188  1.00 17.75 ? 2   ASN A OD1 1 
ATOM   16  N ND2 . ASN A 1 2   ? -7.502  -1.443  10.680  1.00 13.28 ? 2   ASN A ND2 1 
ATOM   17  N N   . TRP A 1 3   ? -9.073  -3.074  7.608   1.00 12.88 ? 3   TRP A N   1 
ATOM   18  C CA  . TRP A 1 3   ? -9.454  -2.169  6.529   1.00 13.86 ? 3   TRP A CA  1 
ATOM   19  C C   . TRP A 1 3   ? -9.110  -0.701  6.787   1.00 12.47 ? 3   TRP A C   1 
ATOM   20  O O   . TRP A 1 3   ? -8.535  -0.041  5.926   1.00 14.16 ? 3   TRP A O   1 
ATOM   21  C CB  . TRP A 1 3   ? -10.951 -2.325  6.244   1.00 13.65 ? 3   TRP A CB  1 
ATOM   22  C CG  . TRP A 1 3   ? -11.518 -1.396  5.201   1.00 16.87 ? 3   TRP A CG  1 
ATOM   23  C CD1 . TRP A 1 3   ? -12.670 -0.673  5.306   1.00 18.27 ? 3   TRP A CD1 1 
ATOM   24  C CD2 . TRP A 1 3   ? -10.992 -1.120  3.892   1.00 17.08 ? 3   TRP A CD2 1 
ATOM   25  N NE1 . TRP A 1 3   ? -12.896 0.034   4.153   1.00 20.16 ? 3   TRP A NE1 1 
ATOM   26  C CE2 . TRP A 1 3   ? -11.882 -0.221  3.265   1.00 18.47 ? 3   TRP A CE2 1 
ATOM   27  C CE3 . TRP A 1 3   ? -9.851  -1.544  3.188   1.00 16.45 ? 3   TRP A CE3 1 
ATOM   28  C CZ2 . TRP A 1 3   ? -11.681 0.266   1.969   1.00 17.26 ? 3   TRP A CZ2 1 
ATOM   29  C CZ3 . TRP A 1 3   ? -9.646  -1.058  1.891   1.00 17.41 ? 3   TRP A CZ3 1 
ATOM   30  C CH2 . TRP A 1 3   ? -10.560 -0.161  1.299   1.00 17.93 ? 3   TRP A CH2 1 
ATOM   31  N N   . ALA A 1 4   ? -9.452  -0.191  7.966   1.00 13.17 ? 4   ALA A N   1 
ATOM   32  C CA  . ALA A 1 4   ? -9.167  1.204   8.288   1.00 13.43 ? 4   ALA A CA  1 
ATOM   33  C C   . ALA A 1 4   ? -7.681  1.546   8.173   1.00 13.59 ? 4   ALA A C   1 
ATOM   34  O O   . ALA A 1 4   ? -7.316  2.560   7.581   1.00 13.28 ? 4   ALA A O   1 
ATOM   35  C CB  . ALA A 1 4   ? -9.672  1.529   9.692   1.00 13.29 ? 4   ALA A CB  1 
ATOM   36  N N   . THR A 1 5   ? -6.826  0.695   8.735   1.00 12.70 ? 5   THR A N   1 
ATOM   37  C CA  . THR A 1 5   ? -5.387  0.941   8.705   1.00 13.36 ? 5   THR A CA  1 
ATOM   38  C C   . THR A 1 5   ? -4.808  0.744   7.308   1.00 14.16 ? 5   THR A C   1 
ATOM   39  O O   . THR A 1 5   ? -3.899  1.463   6.899   1.00 13.04 ? 5   THR A O   1 
ATOM   40  C CB  . THR A 1 5   ? -4.647  0.027   9.699   1.00 14.62 ? 5   THR A CB  1 
ATOM   41  O OG1 . THR A 1 5   ? -5.259  0.137   10.992  1.00 16.64 ? 5   THR A OG1 1 
ATOM   42  C CG2 . THR A 1 5   ? -3.195  0.444   9.815   1.00 13.58 ? 5   THR A CG2 1 
ATOM   43  N N   . PHE A 1 6   ? -5.330  -0.238  6.583   1.00 14.10 ? 6   PHE A N   1 
ATOM   44  C CA  . PHE A 1 6   ? -4.870  -0.493  5.227   1.00 13.82 ? 6   PHE A CA  1 
ATOM   45  C C   . PHE A 1 6   ? -5.102  0.770   4.390   1.00 12.89 ? 6   PHE A C   1 
ATOM   46  O O   . PHE A 1 6   ? -4.225  1.198   3.640   1.00 11.18 ? 6   PHE A O   1 
ATOM   47  C CB  . PHE A 1 6   ? -5.632  -1.692  4.647   1.00 14.40 ? 6   PHE A CB  1 
ATOM   48  C CG  . PHE A 1 6   ? -5.322  -1.984  3.200   1.00 14.66 ? 6   PHE A CG  1 
ATOM   49  C CD1 . PHE A 1 6   ? -5.907  -1.238  2.182   1.00 15.41 ? 6   PHE A CD1 1 
ATOM   50  C CD2 . PHE A 1 6   ? -4.453  -3.014  2.856   1.00 14.05 ? 6   PHE A CD2 1 
ATOM   51  C CE1 . PHE A 1 6   ? -5.633  -1.513  0.842   1.00 16.71 ? 6   PHE A CE1 1 
ATOM   52  C CE2 . PHE A 1 6   ? -4.169  -3.299  1.511   1.00 15.68 ? 6   PHE A CE2 1 
ATOM   53  C CZ  . PHE A 1 6   ? -4.761  -2.546  0.508   1.00 14.51 ? 6   PHE A CZ  1 
ATOM   54  N N   . GLN A 1 7   ? -6.284  1.365   4.524   1.00 14.08 ? 7   GLN A N   1 
ATOM   55  C CA  . GLN A 1 7   ? -6.613  2.579   3.777   1.00 14.71 ? 7   GLN A CA  1 
ATOM   56  C C   . GLN A 1 7   ? -5.654  3.713   4.093   1.00 13.80 ? 7   GLN A C   1 
ATOM   57  O O   . GLN A 1 7   ? -5.155  4.383   3.194   1.00 14.13 ? 7   GLN A O   1 
ATOM   58  C CB  . GLN A 1 7   ? -8.019  3.065   4.109   1.00 16.10 ? 7   GLN A CB  1 
ATOM   59  C CG  . GLN A 1 7   ? -9.142  2.155   3.710   1.00 21.30 ? 7   GLN A CG  1 
ATOM   60  C CD  . GLN A 1 7   ? -10.480 2.746   4.105   1.00 23.50 ? 7   GLN A CD  1 
ATOM   61  O OE1 . GLN A 1 7   ? -10.929 3.737   3.528   1.00 22.46 ? 7   GLN A OE1 1 
ATOM   62  N NE2 . GLN A 1 7   ? -11.115 2.152   5.109   1.00 24.62 ? 7   GLN A NE2 1 
ATOM   63  N N   . GLN A 1 8   ? -5.411  3.932   5.383   1.00 14.71 ? 8   GLN A N   1 
ATOM   64  C CA  . GLN A 1 8   ? -4.520  5.005   5.814   1.00 15.06 ? 8   GLN A CA  1 
ATOM   65  C C   . GLN A 1 8   ? -3.101  4.806   5.311   1.00 14.71 ? 8   GLN A C   1 
ATOM   66  O O   . GLN A 1 8   ? -2.432  5.755   4.899   1.00 13.02 ? 8   GLN A O   1 
ATOM   67  C CB  . GLN A 1 8   ? -4.500  5.106   7.344   1.00 17.59 ? 8   GLN A CB  1 
ATOM   68  C CG  . GLN A 1 8   ? -3.936  6.425   7.855   1.00 22.41 ? 8   GLN A CG  1 
ATOM   69  C CD  . GLN A 1 8   ? -3.922  6.522   9.370   1.00 26.61 ? 8   GLN A CD  1 
ATOM   70  O OE1 . GLN A 1 8   ? -4.881  6.143   10.039  1.00 29.61 ? 8   GLN A OE1 1 
ATOM   71  N NE2 . GLN A 1 8   ? -2.834  7.049   9.916   1.00 30.64 ? 8   GLN A NE2 1 
ATOM   72  N N   . LYS A 1 9   ? -2.636  3.566   5.347   1.00 13.57 ? 9   LYS A N   1 
ATOM   73  C CA  . LYS A 1 9   ? -1.282  3.273   4.910   1.00 14.37 ? 9   LYS A CA  1 
ATOM   74  C C   . LYS A 1 9   ? -1.074  3.250   3.401   1.00 13.37 ? 9   LYS A C   1 
ATOM   75  O O   . LYS A 1 9   ? -0.028  3.675   2.915   1.00 14.06 ? 9   LYS A O   1 
ATOM   76  C CB  . LYS A 1 9   ? -0.828  1.913   5.459   1.00 15.34 ? 9   LYS A CB  1 
ATOM   77  C CG  . LYS A 1 9   ? -0.523  1.876   6.952   1.00 15.37 ? 9   LYS A CG  1 
ATOM   78  C CD  . LYS A 1 9   ? -0.148  0.458   7.375   1.00 18.05 ? 9   LYS A CD  1 
ATOM   79  C CE  . LYS A 1 9   ? 0.149   0.365   8.871   1.00 20.40 ? 9   LYS A CE  1 
ATOM   80  N NZ  . LYS A 1 9   ? 0.303   -1.061  9.300   1.00 22.49 ? 9   LYS A NZ  1 
ATOM   81  N N   . HIS A 1 10  ? -2.073  2.786   2.659   1.00 11.90 ? 10  HIS A N   1 
ATOM   82  C CA  . HIS A 1 10  ? -1.900  2.611   1.224   1.00 11.78 ? 10  HIS A CA  1 
ATOM   83  C C   . HIS A 1 10  ? -2.702  3.415   0.211   1.00 12.07 ? 10  HIS A C   1 
ATOM   84  O O   . HIS A 1 10  ? -2.215  3.674   -0.884  1.00 14.30 ? 10  HIS A O   1 
ATOM   85  C CB  . HIS A 1 10  ? -2.115  1.132   0.884   1.00 11.01 ? 10  HIS A CB  1 
ATOM   86  C CG  . HIS A 1 10  ? -1.216  0.192   1.624   1.00 11.89 ? 10  HIS A CG  1 
ATOM   87  N ND1 . HIS A 1 10  ? 0.132   0.079   1.352   1.00 14.65 ? 10  HIS A ND1 1 
ATOM   88  C CD2 . HIS A 1 10  ? -1.477  -0.711  2.598   1.00 11.51 ? 10  HIS A CD2 1 
ATOM   89  C CE1 . HIS A 1 10  ? 0.659   -0.853  2.127   1.00 11.36 ? 10  HIS A CE1 1 
ATOM   90  N NE2 . HIS A 1 10  ? -0.295  -1.347  2.892   1.00 13.99 ? 10  HIS A NE2 1 
ATOM   91  N N   . ILE A 1 11  ? -3.922  3.800   0.553   1.00 12.33 ? 11  ILE A N   1 
ATOM   92  C CA  . ILE A 1 11  ? -4.762  4.488   -0.418  1.00 12.18 ? 11  ILE A CA  1 
ATOM   93  C C   . ILE A 1 11  ? -4.748  6.012   -0.447  1.00 13.67 ? 11  ILE A C   1 
ATOM   94  O O   . ILE A 1 11  ? -4.920  6.666   0.578   1.00 12.08 ? 11  ILE A O   1 
ATOM   95  C CB  . ILE A 1 11  ? -6.233  4.017   -0.280  1.00 13.03 ? 11  ILE A CB  1 
ATOM   96  C CG1 . ILE A 1 11  ? -6.318  2.500   -0.471  1.00 14.82 ? 11  ILE A CG1 1 
ATOM   97  C CG2 . ILE A 1 11  ? -7.110  4.706   -1.317  1.00 14.36 ? 11  ILE A CG2 1 
ATOM   98  C CD1 . ILE A 1 11  ? -7.723  1.934   -0.284  1.00 16.50 ? 11  ILE A CD1 1 
ATOM   99  N N   . ILE A 1 12  ? -4.542  6.564   -1.642  1.00 13.06 ? 12  ILE A N   1 
ATOM   100 C CA  . ILE A 1 12  ? -4.563  8.007   -1.847  1.00 14.26 ? 12  ILE A CA  1 
ATOM   101 C C   . ILE A 1 12  ? -5.401  8.294   -3.090  1.00 14.70 ? 12  ILE A C   1 
ATOM   102 O O   . ILE A 1 12  ? -5.357  7.542   -4.061  1.00 15.78 ? 12  ILE A O   1 
ATOM   103 C CB  . ILE A 1 12  ? -3.147  8.598   -2.017  1.00 14.79 ? 12  ILE A CB  1 
ATOM   104 C CG1 . ILE A 1 12  ? -2.369  7.819   -3.077  1.00 16.81 ? 12  ILE A CG1 1 
ATOM   105 C CG2 . ILE A 1 12  ? -2.428  8.588   -0.671  1.00 14.85 ? 12  ILE A CG2 1 
ATOM   106 C CD1 . ILE A 1 12  ? -1.012  8.419   -3.399  1.00 15.60 ? 12  ILE A CD1 1 
ATOM   107 N N   . ASN A 1 13  ? -6.178  9.370   -3.042  1.00 14.16 ? 13  ASN A N   1 
ATOM   108 C CA  . ASN A 1 13  ? -7.062  9.755   -4.142  1.00 15.22 ? 13  ASN A CA  1 
ATOM   109 C C   . ASN A 1 13  ? -6.368  10.402  -5.332  1.00 15.21 ? 13  ASN A C   1 
ATOM   110 O O   . ASN A 1 13  ? -6.803  10.245  -6.477  1.00 16.47 ? 13  ASN A O   1 
ATOM   111 C CB  . ASN A 1 13  ? -8.141  10.715  -3.627  1.00 15.55 ? 13  ASN A CB  1 
ATOM   112 C CG  . ASN A 1 13  ? -9.041  10.080  -2.590  1.00 19.05 ? 13  ASN A CG  1 
ATOM   113 O OD1 . ASN A 1 13  ? -9.994  9.380   -2.923  1.00 20.89 ? 13  ASN A OD1 1 
ATOM   114 N ND2 . ASN A 1 13  ? -8.736  10.315  -1.318  1.00 18.27 ? 13  ASN A ND2 1 
ATOM   115 N N   . THR A 1 14  ? -5.300  11.143  -5.061  1.00 14.38 ? 14  THR A N   1 
ATOM   116 C CA  . THR A 1 14  ? -4.571  11.827  -6.114  1.00 17.21 ? 14  THR A CA  1 
ATOM   117 C C   . THR A 1 14  ? -3.116  11.386  -6.099  1.00 19.20 ? 14  THR A C   1 
ATOM   118 O O   . THR A 1 14  ? -2.621  10.883  -5.090  1.00 19.94 ? 14  THR A O   1 
ATOM   119 C CB  . THR A 1 14  ? -4.650  13.360  -5.932  1.00 18.32 ? 14  THR A CB  1 
ATOM   120 O OG1 . THR A 1 14  ? -4.076  13.724  -4.671  1.00 19.60 ? 14  THR A OG1 1 
ATOM   121 C CG2 . THR A 1 14  ? -6.106  13.824  -5.974  1.00 17.74 ? 14  THR A CG2 1 
ATOM   122 N N   . PRO A 1 15  ? -2.409  11.566  -7.221  1.00 20.85 ? 15  PRO A N   1 
ATOM   123 C CA  . PRO A 1 15  ? -1.006  11.155  -7.254  1.00 21.86 ? 15  PRO A CA  1 
ATOM   124 C C   . PRO A 1 15  ? -0.071  12.073  -6.470  1.00 23.52 ? 15  PRO A C   1 
ATOM   125 O O   . PRO A 1 15  ? -0.086  13.292  -6.638  1.00 23.78 ? 15  PRO A O   1 
ATOM   126 C CB  . PRO A 1 15  ? -0.697  11.135  -8.746  1.00 22.91 ? 15  PRO A CB  1 
ATOM   127 C CG  . PRO A 1 15  ? -1.513  12.270  -9.254  1.00 24.68 ? 15  PRO A CG  1 
ATOM   128 C CD  . PRO A 1 15  ? -2.832  12.102  -8.527  1.00 21.28 ? 15  PRO A CD  1 
ATOM   129 N N   . ILE A 1 16  ? 0.718   11.471  -5.591  1.00 22.54 ? 16  ILE A N   1 
ATOM   130 C CA  . ILE A 1 16  ? 1.694   12.195  -4.791  1.00 22.90 ? 16  ILE A CA  1 
ATOM   131 C C   . ILE A 1 16  ? 2.982   11.415  -5.014  1.00 22.99 ? 16  ILE A C   1 
ATOM   132 O O   . ILE A 1 16  ? 3.170   10.345  -4.440  1.00 24.00 ? 16  ILE A O   1 
ATOM   133 C CB  . ILE A 1 16  ? 1.338   12.181  -3.291  1.00 23.26 ? 16  ILE A CB  1 
ATOM   134 C CG1 . ILE A 1 16  ? -0.043  12.803  -3.072  1.00 23.11 ? 16  ILE A CG1 1 
ATOM   135 C CG2 . ILE A 1 16  ? 2.385   12.965  -2.506  1.00 26.02 ? 16  ILE A CG2 1 
ATOM   136 C CD1 . ILE A 1 16  ? -0.508  12.775  -1.622  1.00 24.83 ? 16  ILE A CD1 1 
ATOM   137 N N   . ILE A 1 17  ? 3.855   11.951  -5.861  1.00 21.28 ? 17  ILE A N   1 
ATOM   138 C CA  . ILE A 1 17  ? 5.111   11.288  -6.196  1.00 21.87 ? 17  ILE A CA  1 
ATOM   139 C C   . ILE A 1 17  ? 6.233   11.461  -5.175  1.00 20.99 ? 17  ILE A C   1 
ATOM   140 O O   . ILE A 1 17  ? 7.137   10.623  -5.093  1.00 22.03 ? 17  ILE A O   1 
ATOM   141 C CB  . ILE A 1 17  ? 5.624   11.770  -7.567  1.00 23.50 ? 17  ILE A CB  1 
ATOM   142 C CG1 . ILE A 1 17  ? 4.516   11.623  -8.612  1.00 26.06 ? 17  ILE A CG1 1 
ATOM   143 C CG2 . ILE A 1 17  ? 6.838   10.954  -7.989  1.00 28.10 ? 17  ILE A CG2 1 
ATOM   144 C CD1 . ILE A 1 17  ? 4.014   10.201  -8.785  1.00 27.57 ? 17  ILE A CD1 1 
ATOM   145 N N   . ASN A 1 18  ? 6.179   12.535  -4.397  1.00 18.22 ? 18  ASN A N   1 
ATOM   146 C CA  . ASN A 1 18  ? 7.218   12.776  -3.405  1.00 17.54 ? 18  ASN A CA  1 
ATOM   147 C C   . ASN A 1 18  ? 7.127   11.831  -2.211  1.00 15.95 ? 18  ASN A C   1 
ATOM   148 O O   . ASN A 1 18  ? 6.450   12.114  -1.219  1.00 15.74 ? 18  ASN A O   1 
ATOM   149 C CB  . ASN A 1 18  ? 7.174   14.215  -2.898  1.00 18.52 ? 18  ASN A CB  1 
ATOM   150 C CG  . ASN A 1 18  ? 8.447   14.602  -2.172  1.00 19.19 ? 18  ASN A CG  1 
ATOM   151 O OD1 . ASN A 1 18  ? 9.077   13.769  -1.520  1.00 19.26 ? 18  ASN A OD1 1 
ATOM   152 N ND2 . ASN A 1 18  ? 8.829   15.869  -2.275  1.00 19.30 ? 18  ASN A ND2 1 
ATOM   153 N N   . CYS A 1 19  ? 7.833   10.715  -2.310  1.00 14.87 ? 19  CYS A N   1 
ATOM   154 C CA  . CYS A 1 19  ? 7.862   9.725   -1.248  1.00 14.81 ? 19  CYS A CA  1 
ATOM   155 C C   . CYS A 1 19  ? 8.413   10.284  0.061   1.00 15.52 ? 19  CYS A C   1 
ATOM   156 O O   . CYS A 1 19  ? 8.017   9.852   1.140   1.00 15.75 ? 19  CYS A O   1 
ATOM   157 C CB  . CYS A 1 19  ? 8.732   8.550   -1.668  1.00 15.37 ? 19  CYS A CB  1 
ATOM   158 S SG  . CYS A 1 19  ? 7.959   7.382   -2.818  1.00 14.84 ? 19  CYS A SG  1 
ATOM   159 N N   . ASN A 1 20  ? 9.328   11.242  -0.034  1.00 14.79 ? 20  ASN A N   1 
ATOM   160 C CA  . ASN A 1 20  ? 9.941   11.827  1.153   1.00 15.19 ? 20  ASN A CA  1 
ATOM   161 C C   . ASN A 1 20  ? 8.966   12.530  2.094   1.00 17.05 ? 20  ASN A C   1 
ATOM   162 O O   . ASN A 1 20  ? 9.087   12.424  3.315   1.00 15.62 ? 20  ASN A O   1 
ATOM   163 C CB  . ASN A 1 20  ? 11.045  12.800  0.737   1.00 16.11 ? 20  ASN A CB  1 
ATOM   164 C CG  . ASN A 1 20  ? 12.257  12.090  0.167   1.00 16.48 ? 20  ASN A CG  1 
ATOM   165 O OD1 . ASN A 1 20  ? 12.861  12.552  -0.800  1.00 19.79 ? 20  ASN A OD1 1 
ATOM   166 N ND2 . ASN A 1 20  ? 12.622  10.967  0.769   1.00 15.86 ? 20  ASN A ND2 1 
ATOM   167 N N   . THR A 1 21  ? 8.002   13.252  1.538   1.00 15.99 ? 21  THR A N   1 
ATOM   168 C CA  . THR A 1 21  ? 7.043   13.962  2.373   1.00 18.48 ? 21  THR A CA  1 
ATOM   169 C C   . THR A 1 21  ? 5.882   13.082  2.814   1.00 18.48 ? 21  THR A C   1 
ATOM   170 O O   . THR A 1 21  ? 5.388   13.211  3.935   1.00 18.56 ? 21  THR A O   1 
ATOM   171 C CB  . THR A 1 21  ? 6.486   15.197  1.642   1.00 20.36 ? 21  THR A CB  1 
ATOM   172 O OG1 . THR A 1 21  ? 5.865   14.790  0.417   1.00 21.16 ? 21  THR A OG1 1 
ATOM   173 C CG2 . THR A 1 21  ? 7.608   16.178  1.332   1.00 22.50 ? 21  THR A CG2 1 
ATOM   174 N N   . ILE A 1 22  ? 5.456   12.175  1.942   1.00 17.62 ? 22  ILE A N   1 
ATOM   175 C CA  . ILE A 1 22  ? 4.339   11.300  2.269   1.00 18.07 ? 22  ILE A CA  1 
ATOM   176 C C   . ILE A 1 22  ? 4.707   10.177  3.245   1.00 18.36 ? 22  ILE A C   1 
ATOM   177 O O   . ILE A 1 22  ? 3.849   9.698   3.989   1.00 17.73 ? 22  ILE A O   1 
ATOM   178 C CB  . ILE A 1 22  ? 3.717   10.699  0.980   1.00 20.59 ? 22  ILE A CB  1 
ATOM   179 C CG1 . ILE A 1 22  ? 2.351   10.094  1.297   1.00 22.66 ? 22  ILE A CG1 1 
ATOM   180 C CG2 . ILE A 1 22  ? 4.641   9.644   0.385   1.00 18.45 ? 22  ILE A CG2 1 
ATOM   181 C CD1 . ILE A 1 22  ? 1.578   9.673   0.076   1.00 24.81 ? 22  ILE A CD1 1 
ATOM   182 N N   . MET A 1 23  ? 5.974   9.763   3.260   1.00 15.67 ? 23  MET A N   1 
ATOM   183 C CA  . MET A 1 23  ? 6.405   8.700   4.168   1.00 15.92 ? 23  MET A CA  1 
ATOM   184 C C   . MET A 1 23  ? 6.716   9.220   5.570   1.00 16.91 ? 23  MET A C   1 
ATOM   185 O O   . MET A 1 23  ? 6.900   8.437   6.499   1.00 19.61 ? 23  MET A O   1 
ATOM   186 C CB  . MET A 1 23  ? 7.644   7.980   3.622   1.00 15.59 ? 23  MET A CB  1 
ATOM   187 C CG  . MET A 1 23  ? 7.385   7.049   2.442   1.00 15.91 ? 23  MET A CG  1 
ATOM   188 S SD  . MET A 1 23  ? 6.139   5.784   2.802   1.00 17.14 ? 23  MET A SD  1 
ATOM   189 C CE  . MET A 1 23  ? 6.968   4.814   4.092   1.00 15.24 ? 23  MET A CE  1 
ATOM   190 N N   . ASP A 1 24  ? 6.785   10.539  5.719   1.00 16.89 ? 24  ASP A N   1 
ATOM   191 C CA  . ASP A 1 24  ? 7.074   11.147  7.011   1.00 20.09 ? 24  ASP A CA  1 
ATOM   192 C C   . ASP A 1 24  ? 5.793   11.199  7.835   1.00 21.38 ? 24  ASP A C   1 
ATOM   193 O O   . ASP A 1 24  ? 5.161   12.248  7.959   1.00 21.25 ? 24  ASP A O   1 
ATOM   194 C CB  . ASP A 1 24  ? 7.642   12.555  6.805   1.00 22.12 ? 24  ASP A CB  1 
ATOM   195 C CG  . ASP A 1 24  ? 8.046   13.226  8.108   1.00 24.24 ? 24  ASP A CG  1 
ATOM   196 O OD1 . ASP A 1 24  ? 8.369   12.516  9.087   1.00 27.62 ? 24  ASP A OD1 1 
ATOM   197 O OD2 . ASP A 1 24  ? 8.057   14.472  8.146   1.00 27.50 ? 24  ASP A OD2 1 
ATOM   198 N N   . ASN A 1 25  ? 5.411   10.048  8.384   1.00 23.07 ? 25  ASN A N   1 
ATOM   199 C CA  . ASN A 1 25  ? 4.201   9.932   9.198   1.00 25.99 ? 25  ASN A CA  1 
ATOM   200 C C   . ASN A 1 25  ? 4.419   8.835   10.236  1.00 27.02 ? 25  ASN A C   1 
ATOM   201 O O   . ASN A 1 25  ? 5.027   7.805   9.941   1.00 25.73 ? 25  ASN A O   1 
ATOM   202 C CB  . ASN A 1 25  ? 2.999   9.575   8.316   1.00 27.24 ? 25  ASN A CB  1 
ATOM   203 C CG  . ASN A 1 25  ? 1.676   9.653   9.067   1.00 29.39 ? 25  ASN A CG  1 
ATOM   204 O OD1 . ASN A 1 25  ? 0.903   10.595  8.889   1.00 33.15 ? 25  ASN A OD1 1 
ATOM   205 N ND2 . ASN A 1 25  ? 1.416   8.665   9.914   1.00 28.21 ? 25  ASN A ND2 1 
ATOM   206 N N   . ASN A 1 26  ? 3.918   9.059   11.447  1.00 29.11 ? 26  ASN A N   1 
ATOM   207 C CA  . ASN A 1 26  ? 4.072   8.096   12.534  1.00 31.64 ? 26  ASN A CA  1 
ATOM   208 C C   . ASN A 1 26  ? 3.608   6.684   12.198  1.00 30.54 ? 26  ASN A C   1 
ATOM   209 O O   . ASN A 1 26  ? 4.155   5.707   12.708  1.00 30.34 ? 26  ASN A O   1 
ATOM   210 C CB  . ASN A 1 26  ? 3.333   8.595   13.777  1.00 35.88 ? 26  ASN A CB  1 
ATOM   211 C CG  . ASN A 1 26  ? 4.017   9.789   14.417  1.00 40.43 ? 26  ASN A CG  1 
ATOM   212 O OD1 . ASN A 1 26  ? 4.269   10.801  13.762  1.00 43.93 ? 26  ASN A OD1 1 
ATOM   213 N ND2 . ASN A 1 26  ? 4.324   9.675   15.703  1.00 44.06 ? 26  ASN A ND2 1 
ATOM   214 N N   . ILE A 1 27  ? 2.611   6.572   11.331  1.00 29.36 ? 27  ILE A N   1 
ATOM   215 C CA  . ILE A 1 27  ? 2.092   5.267   10.960  1.00 28.21 ? 27  ILE A CA  1 
ATOM   216 C C   . ILE A 1 27  ? 3.123   4.408   10.224  1.00 28.34 ? 27  ILE A C   1 
ATOM   217 O O   . ILE A 1 27  ? 2.950   3.196   10.102  1.00 29.12 ? 27  ILE A O   1 
ATOM   218 C CB  . ILE A 1 27  ? 0.820   5.414   10.089  1.00 28.71 ? 27  ILE A CB  1 
ATOM   219 C CG1 . ILE A 1 27  ? 0.035   4.101   10.087  1.00 27.86 ? 27  ILE A CG1 1 
ATOM   220 C CG2 . ILE A 1 27  ? 1.201   5.805   8.664   1.00 28.10 ? 27  ILE A CG2 1 
ATOM   221 C CD1 . ILE A 1 27  ? -1.333  4.217   9.447   1.00 26.14 ? 27  ILE A CD1 1 
ATOM   222 N N   . TYR A 1 28  ? 4.199   5.028   9.750   1.00 27.72 ? 28  TYR A N   1 
ATOM   223 C CA  . TYR A 1 28  ? 5.236   4.295   9.027   1.00 27.82 ? 28  TYR A CA  1 
ATOM   224 C C   . TYR A 1 28  ? 6.500   4.034   9.845   1.00 30.88 ? 28  TYR A C   1 
ATOM   225 O O   . TYR A 1 28  ? 7.575   3.816   9.284   1.00 30.55 ? 28  TYR A O   1 
ATOM   226 C CB  . TYR A 1 28  ? 5.618   5.038   7.745   1.00 23.23 ? 28  TYR A CB  1 
ATOM   227 C CG  . TYR A 1 28  ? 4.468   5.204   6.789   1.00 18.31 ? 28  TYR A CG  1 
ATOM   228 C CD1 . TYR A 1 28  ? 3.779   4.097   6.300   1.00 19.09 ? 28  TYR A CD1 1 
ATOM   229 C CD2 . TYR A 1 28  ? 4.050   6.465   6.390   1.00 17.73 ? 28  TYR A CD2 1 
ATOM   230 C CE1 . TYR A 1 28  ? 2.691   4.248   5.435   1.00 17.63 ? 28  TYR A CE1 1 
ATOM   231 C CE2 . TYR A 1 28  ? 2.966   6.628   5.527   1.00 17.36 ? 28  TYR A CE2 1 
ATOM   232 C CZ  . TYR A 1 28  ? 2.291   5.513   5.055   1.00 17.57 ? 28  TYR A CZ  1 
ATOM   233 O OH  . TYR A 1 28  ? 1.213   5.671   4.217   1.00 16.81 ? 28  TYR A OH  1 
ATOM   234 N N   . ILE A 1 29  ? 6.372   4.050   11.166  1.00 34.69 ? 29  ILE A N   1 
ATOM   235 C CA  . ILE A 1 29  ? 7.514   3.797   12.039  1.00 39.22 ? 29  ILE A CA  1 
ATOM   236 C C   . ILE A 1 29  ? 7.405   2.401   12.647  1.00 41.49 ? 29  ILE A C   1 
ATOM   237 O O   . ILE A 1 29  ? 6.848   2.228   13.732  1.00 43.92 ? 29  ILE A O   1 
ATOM   238 C CB  . ILE A 1 29  ? 7.592   4.834   13.179  1.00 38.97 ? 29  ILE A CB  1 
ATOM   239 C CG1 . ILE A 1 29  ? 7.641   6.247   12.593  1.00 39.62 ? 29  ILE A CG1 1 
ATOM   240 C CG2 . ILE A 1 29  ? 8.828   4.579   14.027  1.00 39.45 ? 29  ILE A CG2 1 
ATOM   241 C CD1 . ILE A 1 29  ? 8.808   6.490   11.658  1.00 39.99 ? 29  ILE A CD1 1 
ATOM   242 N N   . VAL A 1 30  ? 7.944   1.412   11.938  1.00 43.44 ? 30  VAL A N   1 
ATOM   243 C CA  . VAL A 1 30  ? 7.910   0.023   12.385  1.00 44.49 ? 30  VAL A CA  1 
ATOM   244 C C   . VAL A 1 30  ? 9.220   -0.367  13.070  1.00 45.34 ? 30  VAL A C   1 
ATOM   245 O O   . VAL A 1 30  ? 10.298  -0.231  12.492  1.00 45.57 ? 30  VAL A O   1 
ATOM   246 C CB  . VAL A 1 30  ? 7.672   -0.937  11.193  1.00 44.28 ? 30  VAL A CB  1 
ATOM   247 C CG1 . VAL A 1 30  ? 7.490   -2.362  11.696  1.00 43.82 ? 30  VAL A CG1 1 
ATOM   248 C CG2 . VAL A 1 30  ? 6.457   -0.483  10.397  1.00 43.76 ? 30  VAL A CG2 1 
ATOM   249 N N   . GLY A 1 31  ? 9.119   -0.859  14.301  1.00 46.01 ? 31  GLY A N   1 
ATOM   250 C CA  . GLY A 1 31  ? 10.306  -1.254  15.034  1.00 46.10 ? 31  GLY A CA  1 
ATOM   251 C C   . GLY A 1 31  ? 11.237  -0.082  15.284  1.00 46.90 ? 31  GLY A C   1 
ATOM   252 O O   . GLY A 1 31  ? 12.437  -0.167  15.026  1.00 46.99 ? 31  GLY A O   1 
ATOM   253 N N   . GLY A 1 32  ? 10.676  1.021   15.775  1.00 46.80 ? 32  GLY A N   1 
ATOM   254 C CA  . GLY A 1 32  ? 11.466  2.206   16.067  1.00 46.65 ? 32  GLY A CA  1 
ATOM   255 C C   . GLY A 1 32  ? 11.990  2.973   14.863  1.00 46.34 ? 32  GLY A C   1 
ATOM   256 O O   . GLY A 1 32  ? 12.118  4.196   14.910  1.00 46.79 ? 32  GLY A O   1 
ATOM   257 N N   . GLN A 1 33  ? 12.292  2.264   13.781  1.00 44.70 ? 33  GLN A N   1 
ATOM   258 C CA  . GLN A 1 33  ? 12.819  2.903   12.584  1.00 43.21 ? 33  GLN A CA  1 
ATOM   259 C C   . GLN A 1 33  ? 11.774  3.106   11.487  1.00 40.76 ? 33  GLN A C   1 
ATOM   260 O O   . GLN A 1 33  ? 10.678  2.547   11.544  1.00 40.63 ? 33  GLN A O   1 
ATOM   261 C CB  . GLN A 1 33  ? 13.990  2.081   12.042  1.00 45.70 ? 33  GLN A CB  1 
ATOM   262 C CG  . GLN A 1 33  ? 13.686  0.599   11.902  1.00 50.03 ? 33  GLN A CG  1 
ATOM   263 C CD  . GLN A 1 33  ? 14.896  -0.206  11.475  1.00 52.76 ? 33  GLN A CD  1 
ATOM   264 O OE1 . GLN A 1 33  ? 15.405  -0.045  10.365  1.00 54.56 ? 33  GLN A OE1 1 
ATOM   265 N NE2 . GLN A 1 33  ? 15.363  -1.082  12.356  1.00 53.42 ? 33  GLN A NE2 1 
ATOM   266 N N   . CYS A 1 34  ? 12.125  3.919   10.495  1.00 36.05 ? 34  CYS A N   1 
ATOM   267 C CA  . CYS A 1 34  ? 11.232  4.200   9.376   1.00 31.56 ? 34  CYS A CA  1 
ATOM   268 C C   . CYS A 1 34  ? 11.058  2.951   8.519   1.00 30.25 ? 34  CYS A C   1 
ATOM   269 O O   . CYS A 1 34  ? 12.026  2.251   8.221   1.00 30.26 ? 34  CYS A O   1 
ATOM   270 C CB  . CYS A 1 34  ? 11.792  5.344   8.528   1.00 28.85 ? 34  CYS A CB  1 
ATOM   271 S SG  . CYS A 1 34  ? 13.540  5.137   8.064   1.00 28.70 ? 34  CYS A SG  1 
ATOM   272 N N   . LYS A 1 35  ? 9.814   2.686   8.130   1.00 28.70 ? 35  LYS A N   1 
ATOM   273 C CA  . LYS A 1 35  ? 9.456   1.527   7.317   1.00 28.29 ? 35  LYS A CA  1 
ATOM   274 C C   . LYS A 1 35  ? 10.312  1.435   6.062   1.00 26.56 ? 35  LYS A C   1 
ATOM   275 O O   . LYS A 1 35  ? 10.604  2.445   5.422   1.00 26.72 ? 35  LYS A O   1 
ATOM   276 C CB  . LYS A 1 35  ? 7.975   1.606   6.937   1.00 30.41 ? 35  LYS A CB  1 
ATOM   277 C CG  . LYS A 1 35  ? 7.392   0.316   6.394   1.00 34.33 ? 35  LYS A CG  1 
ATOM   278 C CD  . LYS A 1 35  ? 5.896   0.455   6.152   1.00 35.09 ? 35  LYS A CD  1 
ATOM   279 C CE  . LYS A 1 35  ? 5.259   -0.876  5.781   1.00 36.26 ? 35  LYS A CE  1 
ATOM   280 N NZ  . LYS A 1 35  ? 3.804   -0.718  5.504   1.00 37.85 ? 35  LYS A NZ  1 
ATOM   281 N N   . ARG A 1 36  ? 10.697  0.212   5.712   1.00 25.19 ? 36  ARG A N   1 
ATOM   282 C CA  . ARG A 1 36  ? 11.540  -0.051  4.553   1.00 24.46 ? 36  ARG A CA  1 
ATOM   283 C C   . ARG A 1 36  ? 10.874  0.184   3.194   1.00 23.21 ? 36  ARG A C   1 
ATOM   284 O O   . ARG A 1 36  ? 11.472  0.784   2.301   1.00 22.69 ? 36  ARG A O   1 
ATOM   285 C CB  . ARG A 1 36  ? 12.060  -1.488  4.621   1.00 26.32 ? 36  ARG A CB  1 
ATOM   286 N N   . VAL A 1 37  ? 9.647   -0.295  3.031   1.00 21.03 ? 37  VAL A N   1 
ATOM   287 C CA  . VAL A 1 37  ? 8.936   -0.129  1.766   1.00 20.88 ? 37  VAL A CA  1 
ATOM   288 C C   . VAL A 1 37  ? 7.443   0.018   1.997   1.00 19.91 ? 37  VAL A C   1 
ATOM   289 O O   . VAL A 1 37  ? 6.889   -0.551  2.935   1.00 19.47 ? 37  VAL A O   1 
ATOM   290 C CB  . VAL A 1 37  ? 9.160   -1.342  0.825   1.00 22.56 ? 37  VAL A CB  1 
ATOM   291 C CG1 . VAL A 1 37  ? 8.339   -1.187  -0.446  1.00 25.60 ? 37  VAL A CG1 1 
ATOM   292 C CG2 . VAL A 1 37  ? 10.624  -1.467  0.475   1.00 24.50 ? 37  VAL A CG2 1 
ATOM   293 N N   . ASN A 1 38  ? 6.799   0.806   1.143   1.00 18.35 ? 38  ASN A N   1 
ATOM   294 C CA  . ASN A 1 38  ? 5.363   1.004   1.227   1.00 15.56 ? 38  ASN A CA  1 
ATOM   295 C C   . ASN A 1 38  ? 4.838   1.376   -0.144  1.00 14.53 ? 38  ASN A C   1 
ATOM   296 O O   . ASN A 1 38  ? 5.380   2.257   -0.811  1.00 14.08 ? 38  ASN A O   1 
ATOM   297 C CB  . ASN A 1 38  ? 5.011   2.098   2.233   1.00 15.68 ? 38  ASN A CB  1 
ATOM   298 C CG  . ASN A 1 38  ? 3.516   2.210   2.461   1.00 16.57 ? 38  ASN A CG  1 
ATOM   299 O OD1 . ASN A 1 38  ? 2.834   3.040   1.856   1.00 16.64 ? 38  ASN A OD1 1 
ATOM   300 N ND2 . ASN A 1 38  ? 2.990   1.348   3.321   1.00 15.96 ? 38  ASN A ND2 1 
ATOM   301 N N   . THR A 1 39  ? 3.793   0.685   -0.576  1.00 13.87 ? 39  THR A N   1 
ATOM   302 C CA  . THR A 1 39  ? 3.214   0.962   -1.878  1.00 13.80 ? 39  THR A CA  1 
ATOM   303 C C   . THR A 1 39  ? 1.900   1.710   -1.731  1.00 13.58 ? 39  THR A C   1 
ATOM   304 O O   . THR A 1 39  ? 1.024   1.313   -0.959  1.00 15.10 ? 39  THR A O   1 
ATOM   305 C CB  . THR A 1 39  ? 2.975   -0.341  -2.672  1.00 14.85 ? 39  THR A CB  1 
ATOM   306 O OG1 . THR A 1 39  ? 4.235   -0.981  -2.910  1.00 15.93 ? 39  THR A OG1 1 
ATOM   307 C CG2 . THR A 1 39  ? 2.308   -0.048  -4.012  1.00 14.33 ? 39  THR A CG2 1 
ATOM   308 N N   . PHE A 1 40  ? 1.779   2.803   -2.473  1.00 13.37 ? 40  PHE A N   1 
ATOM   309 C CA  . PHE A 1 40  ? 0.572   3.610   -2.458  1.00 13.46 ? 40  PHE A CA  1 
ATOM   310 C C   . PHE A 1 40  ? -0.271  3.267   -3.668  1.00 13.33 ? 40  PHE A C   1 
ATOM   311 O O   . PHE A 1 40  ? 0.244   3.080   -4.775  1.00 14.11 ? 40  PHE A O   1 
ATOM   312 C CB  . PHE A 1 40  ? 0.922   5.094   -2.481  1.00 13.19 ? 40  PHE A CB  1 
ATOM   313 C CG  . PHE A 1 40  ? 1.484   5.589   -1.190  1.00 13.26 ? 40  PHE A CG  1 
ATOM   314 C CD1 . PHE A 1 40  ? 0.644   5.915   -0.132  1.00 13.52 ? 40  PHE A CD1 1 
ATOM   315 C CD2 . PHE A 1 40  ? 2.860   5.694   -1.012  1.00 12.71 ? 40  PHE A CD2 1 
ATOM   316 C CE1 . PHE A 1 40  ? 1.166   6.337   1.087   1.00 13.85 ? 40  PHE A CE1 1 
ATOM   317 C CE2 . PHE A 1 40  ? 3.393   6.115   0.202   1.00 12.24 ? 40  PHE A CE2 1 
ATOM   318 C CZ  . PHE A 1 40  ? 2.544   6.436   1.250   1.00 14.28 ? 40  PHE A CZ  1 
ATOM   319 N N   . ILE A 1 41  ? -1.573  3.183   -3.442  1.00 12.19 ? 41  ILE A N   1 
ATOM   320 C CA  . ILE A 1 41  ? -2.523  2.860   -4.493  1.00 14.37 ? 41  ILE A CA  1 
ATOM   321 C C   . ILE A 1 41  ? -3.322  4.120   -4.778  1.00 14.57 ? 41  ILE A C   1 
ATOM   322 O O   . ILE A 1 41  ? -4.027  4.611   -3.902  1.00 14.00 ? 41  ILE A O   1 
ATOM   323 C CB  . ILE A 1 41  ? -3.493  1.755   -4.021  1.00 13.42 ? 41  ILE A CB  1 
ATOM   324 C CG1 . ILE A 1 41  ? -2.701  0.536   -3.538  1.00 15.79 ? 41  ILE A CG1 1 
ATOM   325 C CG2 . ILE A 1 41  ? -4.428  1.365   -5.145  1.00 12.24 ? 41  ILE A CG2 1 
ATOM   326 C CD1 . ILE A 1 41  ? -3.535  -0.471  -2.778  1.00 17.67 ? 41  ILE A CD1 1 
ATOM   327 N N   . ILE A 1 42  ? -3.200  4.655   -5.989  1.00 15.87 ? 42  ILE A N   1 
ATOM   328 C CA  . ILE A 1 42  ? -3.941  5.860   -6.356  1.00 19.06 ? 42  ILE A CA  1 
ATOM   329 C C   . ILE A 1 42  ? -5.298  5.424   -6.893  1.00 19.37 ? 42  ILE A C   1 
ATOM   330 O O   . ILE A 1 42  ? -5.431  5.058   -8.062  1.00 20.83 ? 42  ILE A O   1 
ATOM   331 C CB  . ILE A 1 42  ? -3.200  6.687   -7.436  1.00 20.71 ? 42  ILE A CB  1 
ATOM   332 C CG1 . ILE A 1 42  ? -1.859  7.184   -6.891  1.00 23.60 ? 42  ILE A CG1 1 
ATOM   333 C CG2 . ILE A 1 42  ? -4.046  7.880   -7.854  1.00 21.64 ? 42  ILE A CG2 1 
ATOM   334 C CD1 . ILE A 1 42  ? -0.775  6.131   -6.850  1.00 25.58 ? 42  ILE A CD1 1 
ATOM   335 N N   . SER A 1 43  ? -6.307  5.470   -6.028  1.00 19.22 ? 43  SER A N   1 
ATOM   336 C CA  . SER A 1 43  ? -7.645  5.029   -6.396  1.00 19.81 ? 43  SER A CA  1 
ATOM   337 C C   . SER A 1 43  ? -8.658  5.384   -5.315  1.00 19.46 ? 43  SER A C   1 
ATOM   338 O O   . SER A 1 43  ? -8.292  5.765   -4.202  1.00 19.29 ? 43  SER A O   1 
ATOM   339 C CB  . SER A 1 43  ? -7.626  3.506   -6.594  1.00 19.54 ? 43  SER A CB  1 
ATOM   340 O OG  . SER A 1 43  ? -8.932  2.968   -6.738  1.00 22.52 ? 43  SER A OG  1 
ATOM   341 N N   . SER A 1 44  ? -9.938  5.274   -5.651  1.00 20.19 ? 44  SER A N   1 
ATOM   342 C CA  . SER A 1 44  ? -10.978 5.530   -4.669  1.00 18.94 ? 44  SER A CA  1 
ATOM   343 C C   . SER A 1 44  ? -10.918 4.288   -3.784  1.00 18.85 ? 44  SER A C   1 
ATOM   344 O O   . SER A 1 44  ? -10.487 3.223   -4.234  1.00 19.12 ? 44  SER A O   1 
ATOM   345 C CB  . SER A 1 44  ? -12.350 5.616   -5.338  1.00 22.17 ? 44  SER A CB  1 
ATOM   346 O OG  . SER A 1 44  ? -12.740 4.357   -5.864  1.00 22.90 ? 44  SER A OG  1 
ATOM   347 N N   . ALA A 1 45  ? -11.333 4.415   -2.531  1.00 17.91 ? 45  ALA A N   1 
ATOM   348 C CA  . ALA A 1 45  ? -11.302 3.274   -1.626  1.00 17.02 ? 45  ALA A CA  1 
ATOM   349 C C   . ALA A 1 45  ? -12.298 2.196   -2.045  1.00 16.90 ? 45  ALA A C   1 
ATOM   350 O O   . ALA A 1 45  ? -12.046 1.010   -1.869  1.00 16.87 ? 45  ALA A O   1 
ATOM   351 C CB  . ALA A 1 45  ? -11.598 3.735   -0.207  1.00 17.48 ? 45  ALA A CB  1 
ATOM   352 N N   . THR A 1 46  ? -13.426 2.616   -2.602  1.00 16.83 ? 46  THR A N   1 
ATOM   353 C CA  . THR A 1 46  ? -14.463 1.682   -3.021  1.00 19.16 ? 46  THR A CA  1 
ATOM   354 C C   . THR A 1 46  ? -13.976 0.615   -3.996  1.00 17.31 ? 46  THR A C   1 
ATOM   355 O O   . THR A 1 46  ? -14.303 -0.562  -3.848  1.00 17.17 ? 46  THR A O   1 
ATOM   356 C CB  . THR A 1 46  ? -15.654 2.429   -3.651  1.00 22.33 ? 46  THR A CB  1 
ATOM   357 O OG1 . THR A 1 46  ? -16.180 3.362   -2.702  1.00 25.35 ? 46  THR A OG1 1 
ATOM   358 C CG2 . THR A 1 46  ? -16.754 1.455   -4.035  1.00 23.60 ? 46  THR A CG2 1 
ATOM   359 N N   . THR A 1 47  ? -13.201 1.026   -4.993  1.00 16.37 ? 47  THR A N   1 
ATOM   360 C CA  . THR A 1 47  ? -12.688 0.095   -5.984  1.00 15.48 ? 47  THR A CA  1 
ATOM   361 C C   . THR A 1 47  ? -11.651 -0.865  -5.413  1.00 15.79 ? 47  THR A C   1 
ATOM   362 O O   . THR A 1 47  ? -11.539 -2.004  -5.865  1.00 14.89 ? 47  THR A O   1 
ATOM   363 C CB  . THR A 1 47  ? -12.085 0.853   -7.177  1.00 17.10 ? 47  THR A CB  1 
ATOM   364 O OG1 . THR A 1 47  ? -13.120 1.610   -7.823  1.00 18.42 ? 47  THR A OG1 1 
ATOM   365 C CG2 . THR A 1 47  ? -11.478 -0.114  -8.175  1.00 16.35 ? 47  THR A CG2 1 
ATOM   366 N N   . VAL A 1 48  ? -10.891 -0.410  -4.422  1.00 13.91 ? 48  VAL A N   1 
ATOM   367 C CA  . VAL A 1 48  ? -9.892  -1.269  -3.797  1.00 13.97 ? 48  VAL A CA  1 
ATOM   368 C C   . VAL A 1 48  ? -10.626 -2.298  -2.939  1.00 14.32 ? 48  VAL A C   1 
ATOM   369 O O   . VAL A 1 48  ? -10.275 -3.476  -2.921  1.00 14.23 ? 48  VAL A O   1 
ATOM   370 C CB  . VAL A 1 48  ? -8.918  -0.456  -2.914  1.00 13.17 ? 48  VAL A CB  1 
ATOM   371 C CG1 . VAL A 1 48  ? -7.951  -1.390  -2.206  1.00 13.25 ? 48  VAL A CG1 1 
ATOM   372 C CG2 . VAL A 1 48  ? -8.149  0.533   -3.776  1.00 12.41 ? 48  VAL A CG2 1 
ATOM   373 N N   . LYS A 1 49  ? -11.657 -1.843  -2.233  1.00 13.68 ? 49  LYS A N   1 
ATOM   374 C CA  . LYS A 1 49  ? -12.459 -2.729  -1.395  1.00 15.07 ? 49  LYS A CA  1 
ATOM   375 C C   . LYS A 1 49  ? -13.124 -3.799  -2.262  1.00 13.48 ? 49  LYS A C   1 
ATOM   376 O O   . LYS A 1 49  ? -13.287 -4.941  -1.835  1.00 13.56 ? 49  LYS A O   1 
ATOM   377 C CB  . LYS A 1 49  ? -13.537 -1.925  -0.658  1.00 16.42 ? 49  LYS A CB  1 
ATOM   378 C CG  . LYS A 1 49  ? -14.450 -2.762  0.234   1.00 22.98 ? 49  LYS A CG  1 
ATOM   379 C CD  . LYS A 1 49  ? -15.569 -1.919  0.841   1.00 26.70 ? 49  LYS A CD  1 
ATOM   380 C CE  . LYS A 1 49  ? -16.468 -2.764  1.734   1.00 31.67 ? 49  LYS A CE  1 
ATOM   381 N NZ  . LYS A 1 49  ? -17.062 -3.925  1.002   1.00 34.53 ? 49  LYS A NZ  1 
ATOM   382 N N   . ALA A 1 50  ? -13.497 -3.424  -3.484  1.00 13.27 ? 50  ALA A N   1 
ATOM   383 C CA  . ALA A 1 50  ? -14.170 -4.340  -4.402  1.00 13.43 ? 50  ALA A CA  1 
ATOM   384 C C   . ALA A 1 50  ? -13.323 -5.546  -4.811  1.00 13.82 ? 50  ALA A C   1 
ATOM   385 O O   . ALA A 1 50  ? -13.843 -6.520  -5.356  1.00 14.31 ? 50  ALA A O   1 
ATOM   386 C CB  . ALA A 1 50  ? -14.642 -3.582  -5.644  1.00 13.71 ? 50  ALA A CB  1 
ATOM   387 N N   . ILE A 1 51  ? -12.019 -5.479  -4.571  1.00 13.07 ? 51  ILE A N   1 
ATOM   388 C CA  . ILE A 1 51  ? -11.153 -6.604  -4.901  1.00 13.02 ? 51  ILE A CA  1 
ATOM   389 C C   . ILE A 1 51  ? -11.616 -7.822  -4.097  1.00 13.08 ? 51  ILE A C   1 
ATOM   390 O O   . ILE A 1 51  ? -11.545 -8.964  -4.559  1.00 13.48 ? 51  ILE A O   1 
ATOM   391 C CB  . ILE A 1 51  ? -9.680  -6.325  -4.511  1.00 14.12 ? 51  ILE A CB  1 
ATOM   392 C CG1 . ILE A 1 51  ? -9.104  -5.189  -5.361  1.00 13.11 ? 51  ILE A CG1 1 
ATOM   393 C CG2 . ILE A 1 51  ? -8.849  -7.580  -4.705  1.00 14.08 ? 51  ILE A CG2 1 
ATOM   394 C CD1 . ILE A 1 51  ? -7.734  -4.700  -4.884  1.00 15.30 ? 51  ILE A CD1 1 
ATOM   395 N N   . CYS A 1 52  ? -12.117 -7.553  -2.896  1.00 11.98 ? 52  CYS A N   1 
ATOM   396 C CA  . CYS A 1 52  ? -12.543 -8.596  -1.969  1.00 12.99 ? 52  CYS A CA  1 
ATOM   397 C C   . CYS A 1 52  ? -14.016 -8.980  -1.896  1.00 13.32 ? 52  CYS A C   1 
ATOM   398 O O   . CYS A 1 52  ? -14.412 -9.732  -1.002  1.00 14.35 ? 52  CYS A O   1 
ATOM   399 C CB  . CYS A 1 52  ? -12.086 -8.211  -0.569  1.00 10.46 ? 52  CYS A CB  1 
ATOM   400 S SG  . CYS A 1 52  ? -10.284 -8.064  -0.364  1.00 13.36 ? 52  CYS A SG  1 
ATOM   401 N N   . THR A 1 53  ? -14.832 -8.472  -2.808  1.00 13.75 ? 53  THR A N   1 
ATOM   402 C CA  . THR A 1 53  ? -16.256 -8.796  -2.789  1.00 13.58 ? 53  THR A CA  1 
ATOM   403 C C   . THR A 1 53  ? -16.465 -10.307 -2.850  1.00 15.66 ? 53  THR A C   1 
ATOM   404 O O   . THR A 1 53  ? -15.968 -10.975 -3.757  1.00 16.77 ? 53  THR A O   1 
ATOM   405 C CB  . THR A 1 53  ? -16.986 -8.142  -3.976  1.00 12.50 ? 53  THR A CB  1 
ATOM   406 O OG1 . THR A 1 53  ? -16.775 -6.727  -3.931  1.00 13.47 ? 53  THR A OG1 1 
ATOM   407 C CG2 . THR A 1 53  ? -18.480 -8.425  -3.908  1.00 13.73 ? 53  THR A CG2 1 
ATOM   408 N N   . GLY A 1 54  ? -17.199 -10.841 -1.880  1.00 16.25 ? 54  GLY A N   1 
ATOM   409 C CA  . GLY A 1 54  ? -17.463 -12.269 -1.856  1.00 16.75 ? 54  GLY A CA  1 
ATOM   410 C C   . GLY A 1 54  ? -16.321 -13.149 -1.371  1.00 17.76 ? 54  GLY A C   1 
ATOM   411 O O   . GLY A 1 54  ? -16.427 -14.376 -1.426  1.00 18.93 ? 54  GLY A O   1 
ATOM   412 N N   . VAL A 1 55  ? -15.236 -12.549 -0.889  1.00 16.14 ? 55  VAL A N   1 
ATOM   413 C CA  . VAL A 1 55  ? -14.097 -13.331 -0.406  1.00 15.54 ? 55  VAL A CA  1 
ATOM   414 C C   . VAL A 1 55  ? -13.990 -13.276 1.120   1.00 15.70 ? 55  VAL A C   1 
ATOM   415 O O   . VAL A 1 55  ? -13.828 -12.204 1.703   1.00 16.05 ? 55  VAL A O   1 
ATOM   416 C CB  . VAL A 1 55  ? -12.770 -12.839 -1.029  1.00 15.76 ? 55  VAL A CB  1 
ATOM   417 C CG1 . VAL A 1 55  ? -11.634 -13.758 -0.613  1.00 16.53 ? 55  VAL A CG1 1 
ATOM   418 C CG2 . VAL A 1 55  ? -12.887 -12.808 -2.549  1.00 13.90 ? 55  VAL A CG2 1 
ATOM   419 N N   . ILE A 1 56  ? -14.061 -14.444 1.752   1.00 15.22 ? 56  ILE A N   1 
ATOM   420 C CA  . ILE A 1 56  ? -14.019 -14.555 3.209   1.00 14.63 ? 56  ILE A CA  1 
ATOM   421 C C   . ILE A 1 56  ? -12.632 -14.582 3.830   1.00 12.53 ? 56  ILE A C   1 
ATOM   422 O O   . ILE A 1 56  ? -12.391 -13.938 4.850   1.00 12.42 ? 56  ILE A O   1 
ATOM   423 C CB  . ILE A 1 56  ? -14.766 -15.823 3.683   1.00 17.29 ? 56  ILE A CB  1 
ATOM   424 C CG1 . ILE A 1 56  ? -16.165 -15.862 3.066   1.00 20.64 ? 56  ILE A CG1 1 
ATOM   425 C CG2 . ILE A 1 56  ? -14.869 -15.832 5.206   1.00 18.40 ? 56  ILE A CG2 1 
ATOM   426 C CD1 . ILE A 1 56  ? -17.026 -14.685 3.442   1.00 22.59 ? 56  ILE A CD1 1 
ATOM   427 N N   . ASN A 1 57  ? -11.718 -15.338 3.233   1.00 12.89 ? 57  ASN A N   1 
ATOM   428 C CA  . ASN A 1 57  ? -10.375 -15.432 3.786   1.00 14.14 ? 57  ASN A CA  1 
ATOM   429 C C   . ASN A 1 57  ? -9.328  -16.005 2.842   1.00 15.36 ? 57  ASN A C   1 
ATOM   430 O O   . ASN A 1 57  ? -9.111  -17.215 2.800   1.00 15.07 ? 57  ASN A O   1 
ATOM   431 C CB  . ASN A 1 57  ? -10.390 -16.268 5.077   1.00 15.18 ? 57  ASN A CB  1 
ATOM   432 C CG  . ASN A 1 57  ? -9.026  -16.332 5.750   1.00 16.24 ? 57  ASN A CG  1 
ATOM   433 O OD1 . ASN A 1 57  ? -8.351  -15.317 5.896   1.00 17.17 ? 57  ASN A OD1 1 
ATOM   434 N ND2 . ASN A 1 57  ? -8.618  -17.530 6.169   1.00 16.44 ? 57  ASN A ND2 1 
ATOM   435 N N   . MET A 1 58  ? -8.682  -15.133 2.076   1.00 16.33 ? 58  MET A N   1 
ATOM   436 C CA  . MET A 1 58  ? -7.610  -15.570 1.192   1.00 17.95 ? 58  MET A CA  1 
ATOM   437 C C   . MET A 1 58  ? -6.982  -14.419 0.428   1.00 17.50 ? 58  MET A C   1 
ATOM   438 O O   . MET A 1 58  ? -7.574  -13.345 0.301   1.00 16.99 ? 58  MET A O   1 
ATOM   439 C CB  . MET A 1 58  ? -8.095  -16.648 0.212   1.00 22.95 ? 58  MET A CB  1 
ATOM   440 C CG  . MET A 1 58  ? -9.075  -16.201 -0.849  1.00 27.31 ? 58  MET A CG  1 
ATOM   441 S SD  . MET A 1 58  ? -9.355  -17.533 -2.068  1.00 37.39 ? 58  MET A SD  1 
ATOM   442 C CE  . MET A 1 58  ? -10.575 -18.521 -1.215  1.00 33.53 ? 58  MET A CE  1 
ATOM   443 N N   . ASN A 1 59  ? -5.761  -14.645 -0.045  1.00 17.43 ? 59  ASN A N   1 
ATOM   444 C CA  . ASN A 1 59  ? -5.047  -13.647 -0.828  1.00 16.70 ? 59  ASN A CA  1 
ATOM   445 C C   . ASN A 1 59  ? -5.728  -13.621 -2.191  1.00 17.31 ? 59  ASN A C   1 
ATOM   446 O O   . ASN A 1 59  ? -6.040  -14.673 -2.757  1.00 16.22 ? 59  ASN A O   1 
ATOM   447 C CB  . ASN A 1 59  ? -3.575  -14.037 -0.992  1.00 18.20 ? 59  ASN A CB  1 
ATOM   448 C CG  . ASN A 1 59  ? -2.743  -13.752 0.248   1.00 20.29 ? 59  ASN A CG  1 
ATOM   449 O OD1 . ASN A 1 59  ? -1.669  -14.328 0.430   1.00 24.50 ? 59  ASN A OD1 1 
ATOM   450 N ND2 . ASN A 1 59  ? -3.221  -12.848 1.095   1.00 17.37 ? 59  ASN A ND2 1 
ATOM   451 N N   . VAL A 1 60  ? -5.965  -12.424 -2.714  1.00 15.09 ? 60  VAL A N   1 
ATOM   452 C CA  . VAL A 1 60  ? -6.633  -12.273 -3.999  1.00 15.36 ? 60  VAL A CA  1 
ATOM   453 C C   . VAL A 1 60  ? -5.873  -11.309 -4.892  1.00 16.33 ? 60  VAL A C   1 
ATOM   454 O O   . VAL A 1 60  ? -5.435  -10.252 -4.442  1.00 13.70 ? 60  VAL A O   1 
ATOM   455 C CB  . VAL A 1 60  ? -8.065  -11.716 -3.822  1.00 16.73 ? 60  VAL A CB  1 
ATOM   456 C CG1 . VAL A 1 60  ? -8.725  -11.522 -5.184  1.00 17.19 ? 60  VAL A CG1 1 
ATOM   457 C CG2 . VAL A 1 60  ? -8.888  -12.653 -2.958  1.00 16.90 ? 60  VAL A CG2 1 
ATOM   458 N N   . LEU A 1 61  ? -5.712  -11.680 -6.158  1.00 15.26 ? 61  LEU A N   1 
ATOM   459 C CA  . LEU A 1 61  ? -5.042  -10.818 -7.126  1.00 16.71 ? 61  LEU A CA  1 
ATOM   460 C C   . LEU A 1 61  ? -6.152  -10.020 -7.801  1.00 16.78 ? 61  LEU A C   1 
ATOM   461 O O   . LEU A 1 61  ? -7.104  -10.592 -8.324  1.00 17.95 ? 61  LEU A O   1 
ATOM   462 C CB  . LEU A 1 61  ? -4.295  -11.657 -8.165  1.00 17.29 ? 61  LEU A CB  1 
ATOM   463 C CG  . LEU A 1 61  ? -3.488  -10.913 -9.237  1.00 18.79 ? 61  LEU A CG  1 
ATOM   464 C CD1 . LEU A 1 61  ? -2.383  -10.092 -8.582  1.00 20.03 ? 61  LEU A CD1 1 
ATOM   465 C CD2 . LEU A 1 61  ? -2.884  -11.919 -10.212 1.00 20.08 ? 61  LEU A CD2 1 
ATOM   466 N N   . SER A 1 62  ? -6.036  -8.700  -7.784  1.00 16.60 ? 62  SER A N   1 
ATOM   467 C CA  . SER A 1 62  ? -7.054  -7.851  -8.386  1.00 16.22 ? 62  SER A CA  1 
ATOM   468 C C   . SER A 1 62  ? -7.190  -8.075  -9.891  1.00 18.51 ? 62  SER A C   1 
ATOM   469 O O   . SER A 1 62  ? -6.235  -8.479  -10.558 1.00 16.70 ? 62  SER A O   1 
ATOM   470 C CB  . SER A 1 62  ? -6.728  -6.380  -8.124  1.00 15.29 ? 62  SER A CB  1 
ATOM   471 O OG  . SER A 1 62  ? -5.553  -5.988  -8.820  1.00 14.26 ? 62  SER A OG  1 
ATOM   472 N N   . THR A 1 63  ? -8.388  -7.825  -10.412 1.00 18.92 ? 63  THR A N   1 
ATOM   473 C CA  . THR A 1 63  ? -8.654  -7.950  -11.839 1.00 21.35 ? 63  THR A CA  1 
ATOM   474 C C   . THR A 1 63  ? -8.622  -6.527  -12.377 1.00 20.46 ? 63  THR A C   1 
ATOM   475 O O   . THR A 1 63  ? -8.692  -6.294  -13.579 1.00 20.78 ? 63  THR A O   1 
ATOM   476 C CB  . THR A 1 63  ? -10.039 -8.574  -12.122 1.00 21.63 ? 63  THR A CB  1 
ATOM   477 O OG1 . THR A 1 63  ? -11.053 -7.841  -11.429 1.00 25.26 ? 63  THR A OG1 1 
ATOM   478 C CG2 . THR A 1 63  ? -10.068 -10.023 -11.675 1.00 25.41 ? 63  THR A CG2 1 
ATOM   479 N N   . THR A 1 64  ? -8.519  -5.577  -11.452 1.00 20.53 ? 64  THR A N   1 
ATOM   480 C CA  . THR A 1 64  ? -8.448  -4.159  -11.785 1.00 19.85 ? 64  THR A CA  1 
ATOM   481 C C   . THR A 1 64  ? -6.976  -3.760  -11.745 1.00 17.24 ? 64  THR A C   1 
ATOM   482 O O   . THR A 1 64  ? -6.252  -4.145  -10.828 1.00 15.31 ? 64  THR A O   1 
ATOM   483 C CB  . THR A 1 64  ? -9.210  -3.300  -10.751 1.00 21.68 ? 64  THR A CB  1 
ATOM   484 O OG1 . THR A 1 64  ? -10.595 -3.665  -10.749 1.00 26.14 ? 64  THR A OG1 1 
ATOM   485 C CG2 . THR A 1 64  ? -9.082  -1.825  -11.086 1.00 23.43 ? 64  THR A CG2 1 
ATOM   486 N N   . ARG A 1 65  ? -6.529  -3.004  -12.742 1.00 15.98 ? 65  ARG A N   1 
ATOM   487 C CA  . ARG A 1 65  ? -5.145  -2.556  -12.777 1.00 17.42 ? 65  ARG A CA  1 
ATOM   488 C C   . ARG A 1 65  ? -5.107  -1.178  -12.113 1.00 17.67 ? 65  ARG A C   1 
ATOM   489 O O   . ARG A 1 65  ? -5.954  -0.331  -12.389 1.00 17.67 ? 65  ARG A O   1 
ATOM   490 C CB  . ARG A 1 65  ? -4.653  -2.486  -14.228 1.00 20.26 ? 65  ARG A CB  1 
ATOM   491 C CG  . ARG A 1 65  ? -3.218  -2.954  -14.407 1.00 23.41 ? 65  ARG A CG  1 
ATOM   492 C CD  . ARG A 1 65  ? -2.874  -3.204  -15.862 1.00 22.04 ? 65  ARG A CD  1 
ATOM   493 N NE  . ARG A 1 65  ? -2.936  -1.989  -16.667 1.00 25.60 ? 65  ARG A NE  1 
ATOM   494 C CZ  . ARG A 1 65  ? -1.929  -1.539  -17.408 1.00 25.81 ? 65  ARG A CZ  1 
ATOM   495 N NH1 . ARG A 1 65  ? -0.782  -2.205  -17.442 1.00 27.11 ? 65  ARG A NH1 1 
ATOM   496 N NH2 . ARG A 1 65  ? -2.069  -0.428  -18.117 1.00 26.59 ? 65  ARG A NH2 1 
ATOM   497 N N   . PHE A 1 66  ? -4.134  -0.959  -11.233 1.00 16.21 ? 66  PHE A N   1 
ATOM   498 C CA  . PHE A 1 66  ? -4.026  0.307   -10.507 1.00 16.03 ? 66  PHE A CA  1 
ATOM   499 C C   . PHE A 1 66  ? -2.742  1.080   -10.785 1.00 17.65 ? 66  PHE A C   1 
ATOM   500 O O   . PHE A 1 66  ? -1.707  0.494   -11.115 1.00 15.94 ? 66  PHE A O   1 
ATOM   501 C CB  . PHE A 1 66  ? -4.067  0.053   -9.000  1.00 14.94 ? 66  PHE A CB  1 
ATOM   502 C CG  . PHE A 1 66  ? -5.349  -0.549  -8.509  1.00 14.74 ? 66  PHE A CG  1 
ATOM   503 C CD1 . PHE A 1 66  ? -6.442  0.259   -8.209  1.00 17.22 ? 66  PHE A CD1 1 
ATOM   504 C CD2 . PHE A 1 66  ? -5.458  -1.921  -8.312  1.00 16.58 ? 66  PHE A CD2 1 
ATOM   505 C CE1 . PHE A 1 66  ? -7.624  -0.294  -7.714  1.00 14.90 ? 66  PHE A CE1 1 
ATOM   506 C CE2 . PHE A 1 66  ? -6.637  -2.483  -7.818  1.00 15.25 ? 66  PHE A CE2 1 
ATOM   507 C CZ  . PHE A 1 66  ? -7.718  -1.665  -7.518  1.00 16.04 ? 66  PHE A CZ  1 
ATOM   508 N N   . GLN A 1 67  ? -2.816  2.400   -10.625 1.00 16.23 ? 67  GLN A N   1 
ATOM   509 C CA  . GLN A 1 67  ? -1.639  3.241   -10.777 1.00 17.28 ? 67  GLN A CA  1 
ATOM   510 C C   . GLN A 1 67  ? -1.013  3.166   -9.390  1.00 16.14 ? 67  GLN A C   1 
ATOM   511 O O   . GLN A 1 67  ? -1.685  3.418   -8.385  1.00 14.54 ? 67  GLN A O   1 
ATOM   512 C CB  . GLN A 1 67  ? -2.016  4.686   -11.093 1.00 22.57 ? 67  GLN A CB  1 
ATOM   513 C CG  . GLN A 1 67  ? -0.800  5.580   -11.305 1.00 29.26 ? 67  GLN A CG  1 
ATOM   514 C CD  . GLN A 1 67  ? -1.162  7.019   -11.635 1.00 34.57 ? 67  GLN A CD  1 
ATOM   515 O OE1 . GLN A 1 67  ? -0.285  7.850   -11.878 1.00 37.62 ? 67  GLN A OE1 1 
ATOM   516 N NE2 . GLN A 1 67  ? -2.458  7.320   -11.644 1.00 35.75 ? 67  GLN A NE2 1 
ATOM   517 N N   . LEU A 1 68  ? 0.267   2.818   -9.334  1.00 14.08 ? 68  LEU A N   1 
ATOM   518 C CA  . LEU A 1 68  ? 0.951   2.666   -8.058  1.00 14.54 ? 68  LEU A CA  1 
ATOM   519 C C   . LEU A 1 68  ? 2.231   3.480   -7.944  1.00 14.41 ? 68  LEU A C   1 
ATOM   520 O O   . LEU A 1 68  ? 2.850   3.841   -8.940  1.00 15.88 ? 68  LEU A O   1 
ATOM   521 C CB  . LEU A 1 68  ? 1.317   1.195   -7.850  1.00 15.03 ? 68  LEU A CB  1 
ATOM   522 C CG  . LEU A 1 68  ? 0.261   0.120   -8.125  1.00 14.13 ? 68  LEU A CG  1 
ATOM   523 C CD1 . LEU A 1 68  ? 0.896   -1.267  -8.057  1.00 17.25 ? 68  LEU A CD1 1 
ATOM   524 C CD2 . LEU A 1 68  ? -0.850  0.249   -7.111  1.00 16.83 ? 68  LEU A CD2 1 
ATOM   525 N N   . ASN A 1 69  ? 2.615   3.760   -6.707  1.00 15.41 ? 69  ASN A N   1 
ATOM   526 C CA  . ASN A 1 69  ? 3.859   4.452   -6.424  1.00 14.42 ? 69  ASN A CA  1 
ATOM   527 C C   . ASN A 1 69  ? 4.437   3.747   -5.213  1.00 14.63 ? 69  ASN A C   1 
ATOM   528 O O   . ASN A 1 69  ? 3.848   3.766   -4.133  1.00 13.99 ? 69  ASN A O   1 
ATOM   529 C CB  . ASN A 1 69  ? 3.652   5.937   -6.113  1.00 14.43 ? 69  ASN A CB  1 
ATOM   530 C CG  . ASN A 1 69  ? 4.959   6.633   -5.764  1.00 16.70 ? 69  ASN A CG  1 
ATOM   531 O OD1 . ASN A 1 69  ? 6.030   6.207   -6.200  1.00 17.73 ? 69  ASN A OD1 1 
ATOM   532 N ND2 . ASN A 1 69  ? 4.879   7.705   -4.986  1.00 17.70 ? 69  ASN A ND2 1 
ATOM   533 N N   . THR A 1 70  ? 5.574   3.090   -5.405  1.00 15.63 ? 70  THR A N   1 
ATOM   534 C CA  . THR A 1 70  ? 6.216   2.380   -4.315  1.00 15.00 ? 70  THR A CA  1 
ATOM   535 C C   . THR A 1 70  ? 7.388   3.196   -3.809  1.00 14.51 ? 70  THR A C   1 
ATOM   536 O O   . THR A 1 70  ? 8.252   3.616   -4.577  1.00 15.01 ? 70  THR A O   1 
ATOM   537 C CB  . THR A 1 70  ? 6.710   0.989   -4.750  1.00 16.74 ? 70  THR A CB  1 
ATOM   538 O OG1 . THR A 1 70  ? 5.585   0.169   -5.093  1.00 18.52 ? 70  THR A OG1 1 
ATOM   539 C CG2 . THR A 1 70  ? 7.491   0.322   -3.619  1.00 17.61 ? 70  THR A CG2 1 
ATOM   540 N N   . CYS A 1 71  ? 7.399   3.418   -2.503  1.00 14.42 ? 71  CYS A N   1 
ATOM   541 C CA  . CYS A 1 71  ? 8.449   4.180   -1.850  1.00 12.55 ? 71  CYS A CA  1 
ATOM   542 C C   . CYS A 1 71  ? 9.395   3.234   -1.132  1.00 14.92 ? 71  CYS A C   1 
ATOM   543 O O   . CYS A 1 71  ? 8.971   2.467   -0.266  1.00 16.61 ? 71  CYS A O   1 
ATOM   544 C CB  . CYS A 1 71  ? 7.824   5.134   -0.841  1.00 13.75 ? 71  CYS A CB  1 
ATOM   545 S SG  . CYS A 1 71  ? 6.705   6.367   -1.593  1.00 14.58 ? 71  CYS A SG  1 
ATOM   546 N N   . THR A 1 72  ? 10.675  3.292   -1.485  1.00 14.91 ? 72  THR A N   1 
ATOM   547 C CA  . THR A 1 72  ? 11.677  2.428   -0.863  1.00 16.20 ? 72  THR A CA  1 
ATOM   548 C C   . THR A 1 72  ? 12.729  3.243   -0.121  1.00 16.24 ? 72  THR A C   1 
ATOM   549 O O   . THR A 1 72  ? 13.309  4.176   -0.674  1.00 15.09 ? 72  THR A O   1 
ATOM   550 C CB  . THR A 1 72  ? 12.385  1.555   -1.915  1.00 16.97 ? 72  THR A CB  1 
ATOM   551 O OG1 . THR A 1 72  ? 11.404  0.833   -2.671  1.00 18.51 ? 72  THR A OG1 1 
ATOM   552 C CG2 . THR A 1 72  ? 13.320  0.558   -1.235  1.00 20.68 ? 72  THR A CG2 1 
ATOM   553 N N   . ARG A 1 73  ? 12.964  2.883   1.136   1.00 16.64 ? 73  ARG A N   1 
ATOM   554 C CA  . ARG A 1 73  ? 13.942  3.566   1.978   1.00 17.82 ? 73  ARG A CA  1 
ATOM   555 C C   . ARG A 1 73  ? 15.334  3.305   1.416   1.00 18.20 ? 73  ARG A C   1 
ATOM   556 O O   . ARG A 1 73  ? 15.673  2.164   1.102   1.00 18.67 ? 73  ARG A O   1 
ATOM   557 C CB  . ARG A 1 73  ? 13.846  3.022   3.405   1.00 19.50 ? 73  ARG A CB  1 
ATOM   558 C CG  . ARG A 1 73  ? 14.738  3.693   4.424   1.00 20.33 ? 73  ARG A CG  1 
ATOM   559 C CD  . ARG A 1 73  ? 14.671  2.931   5.742   1.00 22.66 ? 73  ARG A CD  1 
ATOM   560 N NE  . ARG A 1 73  ? 15.196  1.576   5.604   1.00 22.64 ? 73  ARG A NE  1 
ATOM   561 C CZ  . ARG A 1 73  ? 15.002  0.597   6.483   1.00 25.55 ? 73  ARG A CZ  1 
ATOM   562 N NH1 . ARG A 1 73  ? 14.284  0.809   7.578   1.00 22.88 ? 73  ARG A NH1 1 
ATOM   563 N NH2 . ARG A 1 73  ? 15.534  -0.601  6.269   1.00 27.54 ? 73  ARG A NH2 1 
ATOM   564 N N   . THR A 1 74  ? 16.143  4.352   1.281   1.00 18.35 ? 74  THR A N   1 
ATOM   565 C CA  . THR A 1 74  ? 17.485  4.170   0.743   1.00 18.52 ? 74  THR A CA  1 
ATOM   566 C C   . THR A 1 74  ? 18.503  4.034   1.868   1.00 20.67 ? 74  THR A C   1 
ATOM   567 O O   . THR A 1 74  ? 19.573  3.453   1.684   1.00 21.47 ? 74  THR A O   1 
ATOM   568 C CB  . THR A 1 74  ? 17.897  5.346   -0.167  1.00 16.97 ? 74  THR A CB  1 
ATOM   569 O OG1 . THR A 1 74  ? 18.068  6.533   0.615   1.00 17.84 ? 74  THR A OG1 1 
ATOM   570 C CG2 . THR A 1 74  ? 16.824  5.595   -1.223  1.00 18.99 ? 74  THR A CG2 1 
ATOM   571 N N   . SER A 1 75  ? 18.158  4.562   3.035   1.00 21.62 ? 75  SER A N   1 
ATOM   572 C CA  . SER A 1 75  ? 19.047  4.502   4.185   1.00 24.05 ? 75  SER A CA  1 
ATOM   573 C C   . SER A 1 75  ? 18.287  4.769   5.474   1.00 23.86 ? 75  SER A C   1 
ATOM   574 O O   . SER A 1 75  ? 17.242  5.414   5.465   1.00 23.82 ? 75  SER A O   1 
ATOM   575 C CB  . SER A 1 75  ? 20.168  5.534   4.024   1.00 26.35 ? 75  SER A CB  1 
ATOM   576 O OG  . SER A 1 75  ? 21.023  5.534   5.153   1.00 30.92 ? 75  SER A OG  1 
ATOM   577 N N   . ILE A 1 76  ? 18.811  4.261   6.584   1.00 23.69 ? 76  ILE A N   1 
ATOM   578 C CA  . ILE A 1 76  ? 18.188  4.480   7.878   1.00 24.12 ? 76  ILE A CA  1 
ATOM   579 C C   . ILE A 1 76  ? 18.815  5.709   8.529   1.00 24.92 ? 76  ILE A C   1 
ATOM   580 O O   . ILE A 1 76  ? 20.002  5.715   8.860   1.00 23.00 ? 76  ILE A O   1 
ATOM   581 C CB  . ILE A 1 76  ? 18.380  3.268   8.812   1.00 26.65 ? 76  ILE A CB  1 
ATOM   582 C CG1 . ILE A 1 76  ? 17.741  2.025   8.191   1.00 27.71 ? 76  ILE A CG1 1 
ATOM   583 C CG2 . ILE A 1 76  ? 17.748  3.549   10.168  1.00 26.96 ? 76  ILE A CG2 1 
ATOM   584 C CD1 . ILE A 1 76  ? 17.966  0.762   8.993   1.00 28.39 ? 76  ILE A CD1 1 
ATOM   585 N N   . THR A 1 77  ? 18.008  6.751   8.701   1.00 23.60 ? 77  THR A N   1 
ATOM   586 C CA  . THR A 1 77  ? 18.462  8.001   9.299   1.00 24.38 ? 77  THR A CA  1 
ATOM   587 C C   . THR A 1 77  ? 17.401  8.475   10.280  1.00 25.10 ? 77  THR A C   1 
ATOM   588 O O   . THR A 1 77  ? 16.332  7.872   10.387  1.00 26.21 ? 77  THR A O   1 
ATOM   589 C CB  . THR A 1 77  ? 18.608  9.106   8.226   1.00 24.46 ? 77  THR A CB  1 
ATOM   590 O OG1 . THR A 1 77  ? 17.308  9.437   7.713   1.00 24.81 ? 77  THR A OG1 1 
ATOM   591 C CG2 . THR A 1 77  ? 19.480  8.629   7.078   1.00 24.47 ? 77  THR A CG2 1 
ATOM   592 N N   . PRO A 1 78  ? 17.689  9.545   11.035  1.00 25.72 ? 78  PRO A N   1 
ATOM   593 C CA  . PRO A 1 78  ? 16.651  10.006  11.960  1.00 25.73 ? 78  PRO A CA  1 
ATOM   594 C C   . PRO A 1 78  ? 15.517  10.497  11.056  1.00 25.51 ? 78  PRO A C   1 
ATOM   595 O O   . PRO A 1 78  ? 15.764  10.838  9.900   1.00 24.27 ? 78  PRO A O   1 
ATOM   596 C CB  . PRO A 1 78  ? 17.339  11.147  12.700  1.00 26.38 ? 78  PRO A CB  1 
ATOM   597 C CG  . PRO A 1 78  ? 18.775  10.709  12.723  1.00 27.35 ? 78  PRO A CG  1 
ATOM   598 C CD  . PRO A 1 78  ? 18.976  10.206  11.316  1.00 26.31 ? 78  PRO A CD  1 
ATOM   599 N N   . ARG A 1 79  ? 14.284  10.533  11.550  1.00 25.34 ? 79  ARG A N   1 
ATOM   600 C CA  . ARG A 1 79  ? 13.180  10.982  10.702  1.00 26.96 ? 79  ARG A CA  1 
ATOM   601 C C   . ARG A 1 79  ? 13.346  12.447  10.304  1.00 25.22 ? 79  ARG A C   1 
ATOM   602 O O   . ARG A 1 79  ? 13.792  13.271  11.101  1.00 25.45 ? 79  ARG A O   1 
ATOM   603 C CB  . ARG A 1 79  ? 11.831  10.773  11.401  1.00 30.70 ? 79  ARG A CB  1 
ATOM   604 C CG  . ARG A 1 79  ? 11.620  11.585  12.664  1.00 36.48 ? 79  ARG A CG  1 
ATOM   605 C CD  . ARG A 1 79  ? 10.240  11.313  13.256  1.00 41.10 ? 79  ARG A CD  1 
ATOM   606 N NE  . ARG A 1 79  ? 9.166   11.673  12.331  1.00 43.70 ? 79  ARG A NE  1 
ATOM   607 C CZ  . ARG A 1 79  ? 7.871   11.468  12.564  1.00 45.83 ? 79  ARG A CZ  1 
ATOM   608 N NH1 . ARG A 1 79  ? 7.477   10.898  13.697  1.00 45.94 ? 79  ARG A NH1 1 
ATOM   609 N NH2 . ARG A 1 79  ? 6.969   11.836  11.665  1.00 46.91 ? 79  ARG A NH2 1 
ATOM   610 N N   . PRO A 1 80  ? 12.999  12.790  9.055   1.00 23.12 ? 80  PRO A N   1 
ATOM   611 C CA  . PRO A 1 80  ? 12.474  11.896  8.017   1.00 21.78 ? 80  PRO A CA  1 
ATOM   612 C C   . PRO A 1 80  ? 13.578  11.140  7.275   1.00 20.76 ? 80  PRO A C   1 
ATOM   613 O O   . PRO A 1 80  ? 14.665  11.674  7.065   1.00 20.13 ? 80  PRO A O   1 
ATOM   614 C CB  . PRO A 1 80  ? 11.723  12.854  7.099   1.00 22.32 ? 80  PRO A CB  1 
ATOM   615 C CG  . PRO A 1 80  ? 12.609  14.066  7.129   1.00 22.79 ? 80  PRO A CG  1 
ATOM   616 C CD  . PRO A 1 80  ? 12.966  14.192  8.599   1.00 23.44 ? 80  PRO A CD  1 
ATOM   617 N N   . CYS A 1 81  ? 13.301  9.897   6.888   1.00 19.31 ? 81  CYS A N   1 
ATOM   618 C CA  . CYS A 1 81  ? 14.272  9.089   6.153   1.00 19.34 ? 81  CYS A CA  1 
ATOM   619 C C   . CYS A 1 81  ? 14.141  9.366   4.661   1.00 18.53 ? 81  CYS A C   1 
ATOM   620 O O   . CYS A 1 81  ? 13.097  9.829   4.201   1.00 18.97 ? 81  CYS A O   1 
ATOM   621 C CB  . CYS A 1 81  ? 14.022  7.600   6.383   1.00 20.44 ? 81  CYS A CB  1 
ATOM   622 S SG  . CYS A 1 81  ? 14.281  7.026   8.087   1.00 20.73 ? 81  CYS A SG  1 
ATOM   623 N N   . PRO A 1 82  ? 15.201  9.086   3.886   1.00 16.54 ? 82  PRO A N   1 
ATOM   624 C CA  . PRO A 1 82  ? 15.179  9.307   2.440   1.00 16.24 ? 82  PRO A CA  1 
ATOM   625 C C   . PRO A 1 82  ? 14.558  8.114   1.717   1.00 15.47 ? 82  PRO A C   1 
ATOM   626 O O   . PRO A 1 82  ? 14.841  6.965   2.055   1.00 14.83 ? 82  PRO A O   1 
ATOM   627 C CB  . PRO A 1 82  ? 16.655  9.483   2.104   1.00 17.10 ? 82  PRO A CB  1 
ATOM   628 C CG  . PRO A 1 82  ? 17.303  8.512   3.034   1.00 17.11 ? 82  PRO A CG  1 
ATOM   629 C CD  . PRO A 1 82  ? 16.556  8.720   4.339   1.00 17.08 ? 82  PRO A CD  1 
ATOM   630 N N   . TYR A 1 83  ? 13.708  8.393   0.730   1.00 14.09 ? 83  TYR A N   1 
ATOM   631 C CA  . TYR A 1 83  ? 13.045  7.343   -0.038  1.00 14.02 ? 83  TYR A CA  1 
ATOM   632 C C   . TYR A 1 83  ? 13.140  7.576   -1.537  1.00 15.06 ? 83  TYR A C   1 
ATOM   633 O O   . TYR A 1 83  ? 13.131  8.720   -2.004  1.00 15.29 ? 83  TYR A O   1 
ATOM   634 C CB  . TYR A 1 83  ? 11.553  7.266   0.305   1.00 14.50 ? 83  TYR A CB  1 
ATOM   635 C CG  . TYR A 1 83  ? 11.228  6.685   1.655   1.00 12.73 ? 83  TYR A CG  1 
ATOM   636 C CD1 . TYR A 1 83  ? 11.295  7.461   2.806   1.00 15.10 ? 83  TYR A CD1 1 
ATOM   637 C CD2 . TYR A 1 83  ? 10.846  5.352   1.783   1.00 13.03 ? 83  TYR A CD2 1 
ATOM   638 C CE1 . TYR A 1 83  ? 10.989  6.921   4.059   1.00 13.88 ? 83  TYR A CE1 1 
ATOM   639 C CE2 . TYR A 1 83  ? 10.540  4.802   3.027   1.00 13.61 ? 83  TYR A CE2 1 
ATOM   640 C CZ  . TYR A 1 83  ? 10.613  5.592   4.159   1.00 14.36 ? 83  TYR A CZ  1 
ATOM   641 O OH  . TYR A 1 83  ? 10.305  5.055   5.381   1.00 17.29 ? 83  TYR A OH  1 
ATOM   642 N N   . SER A 1 84  ? 13.214  6.483   -2.286  1.00 14.52 ? 84  SER A N   1 
ATOM   643 C CA  . SER A 1 84  ? 13.238  6.545   -3.741  1.00 15.77 ? 84  SER A CA  1 
ATOM   644 C C   . SER A 1 84  ? 11.817  6.184   -4.178  1.00 16.18 ? 84  SER A C   1 
ATOM   645 O O   . SER A 1 84  ? 11.058  5.588   -3.409  1.00 15.72 ? 84  SER A O   1 
ATOM   646 C CB  . SER A 1 84  ? 14.252  5.547   -4.314  1.00 17.80 ? 84  SER A CB  1 
ATOM   647 O OG  . SER A 1 84  ? 13.909  4.212   -3.991  1.00 23.54 ? 84  SER A OG  1 
ATOM   648 N N   . SER A 1 85  ? 11.450  6.551   -5.400  1.00 15.02 ? 85  SER A N   1 
ATOM   649 C CA  . SER A 1 85  ? 10.109  6.282   -5.902  1.00 15.94 ? 85  SER A CA  1 
ATOM   650 C C   . SER A 1 85  ? 10.081  5.468   -7.183  1.00 17.78 ? 85  SER A C   1 
ATOM   651 O O   . SER A 1 85  ? 10.916  5.653   -8.068  1.00 18.11 ? 85  SER A O   1 
ATOM   652 C CB  . SER A 1 85  ? 9.374   7.603   -6.142  1.00 17.24 ? 85  SER A CB  1 
ATOM   653 O OG  . SER A 1 85  ? 8.196   7.406   -6.904  1.00 18.55 ? 85  SER A OG  1 
ATOM   654 N N   . ARG A 1 86  ? 9.113   4.559   -7.271  1.00 18.34 ? 86  ARG A N   1 
ATOM   655 C CA  . ARG A 1 86  ? 8.934   3.742   -8.464  1.00 20.64 ? 86  ARG A CA  1 
ATOM   656 C C   . ARG A 1 86  ? 7.451   3.689   -8.802  1.00 19.30 ? 86  ARG A C   1 
ATOM   657 O O   . ARG A 1 86  ? 6.655   3.085   -8.074  1.00 17.71 ? 86  ARG A O   1 
ATOM   658 C CB  . ARG A 1 86  ? 9.453   2.318   -8.259  1.00 24.22 ? 86  ARG A CB  1 
ATOM   659 C CG  . ARG A 1 86  ? 9.201   1.431   -9.475  1.00 31.86 ? 86  ARG A CG  1 
ATOM   660 C CD  . ARG A 1 86  ? 9.613   -0.014  -9.236  1.00 38.12 ? 86  ARG A CD  1 
ATOM   661 N NE  . ARG A 1 86  ? 9.131   -0.905  -10.292 1.00 42.80 ? 86  ARG A NE  1 
ATOM   662 C CZ  . ARG A 1 86  ? 9.486   -0.821  -11.572 1.00 45.42 ? 86  ARG A CZ  1 
ATOM   663 N NH1 . ARG A 1 86  ? 10.339  0.116   -11.972 1.00 46.24 ? 86  ARG A NH1 1 
ATOM   664 N NH2 . ARG A 1 86  ? 8.983   -1.673  -12.458 1.00 45.78 ? 86  ARG A NH2 1 
ATOM   665 N N   . THR A 1 87  ? 7.080   4.329   -9.904  1.00 18.76 ? 87  THR A N   1 
ATOM   666 C CA  . THR A 1 87  ? 5.689   4.355   -10.334 1.00 20.08 ? 87  THR A CA  1 
ATOM   667 C C   . THR A 1 87  ? 5.441   3.301   -11.407 1.00 20.39 ? 87  THR A C   1 
ATOM   668 O O   . THR A 1 87  ? 6.317   3.002   -12.217 1.00 20.65 ? 87  THR A O   1 
ATOM   669 C CB  . THR A 1 87  ? 5.303   5.740   -10.903 1.00 20.46 ? 87  THR A CB  1 
ATOM   670 O OG1 . THR A 1 87  ? 6.144   6.056   -12.020 1.00 24.31 ? 87  THR A OG1 1 
ATOM   671 C CG2 . THR A 1 87  ? 5.467   6.813   -9.840  1.00 22.92 ? 87  THR A CG2 1 
ATOM   672 N N   . GLU A 1 88  ? 4.244   2.728   -11.395 1.00 20.92 ? 88  GLU A N   1 
ATOM   673 C CA  . GLU A 1 88  ? 3.882   1.714   -12.370 1.00 21.72 ? 88  GLU A CA  1 
ATOM   674 C C   . GLU A 1 88  ? 2.387   1.460   -12.299 1.00 21.41 ? 88  GLU A C   1 
ATOM   675 O O   . GLU A 1 88  ? 1.714   1.901   -11.364 1.00 20.29 ? 88  GLU A O   1 
ATOM   676 C CB  . GLU A 1 88  ? 4.632   0.406   -12.093 1.00 22.30 ? 88  GLU A CB  1 
ATOM   677 C CG  . GLU A 1 88  ? 4.208   -0.297  -10.807 1.00 24.09 ? 88  GLU A CG  1 
ATOM   678 C CD  . GLU A 1 88  ? 4.941   -1.610  -10.577 1.00 26.91 ? 88  GLU A CD  1 
ATOM   679 O OE1 . GLU A 1 88  ? 4.708   -2.578  -11.338 1.00 27.21 ? 88  GLU A OE1 1 
ATOM   680 O OE2 . GLU A 1 88  ? 5.750   -1.675  -9.630  1.00 26.70 ? 88  GLU A OE2 1 
ATOM   681 N N   . THR A 1 89  ? 1.874   0.763   -13.306 1.00 19.74 ? 89  THR A N   1 
ATOM   682 C CA  . THR A 1 89  ? 0.466   0.410   -13.359 1.00 21.11 ? 89  THR A CA  1 
ATOM   683 C C   . THR A 1 89  ? 0.473   -1.111  -13.320 1.00 20.60 ? 89  THR A C   1 
ATOM   684 O O   . THR A 1 89  ? 1.110   -1.753  -14.154 1.00 21.00 ? 89  THR A O   1 
ATOM   685 C CB  . THR A 1 89  ? -0.182  0.908   -14.658 1.00 24.03 ? 89  THR A CB  1 
ATOM   686 O OG1 . THR A 1 89  ? -0.042  2.331   -14.741 1.00 26.49 ? 89  THR A OG1 1 
ATOM   687 C CG2 . THR A 1 89  ? -1.658  0.551   -14.692 1.00 26.19 ? 89  THR A CG2 1 
ATOM   688 N N   . ASN A 1 90  ? -0.225  -1.699  -12.356 1.00 18.25 ? 90  ASN A N   1 
ATOM   689 C CA  . ASN A 1 90  ? -0.207  -3.146  -12.257 1.00 18.53 ? 90  ASN A CA  1 
ATOM   690 C C   . ASN A 1 90  ? -1.328  -3.667  -11.374 1.00 18.96 ? 90  ASN A C   1 
ATOM   691 O O   . ASN A 1 90  ? -2.027  -2.894  -10.714 1.00 17.76 ? 90  ASN A O   1 
ATOM   692 C CB  . ASN A 1 90  ? 1.150   -3.572  -11.687 1.00 18.27 ? 90  ASN A CB  1 
ATOM   693 C CG  . ASN A 1 90  ? 1.609   -4.919  -12.195 1.00 21.69 ? 90  ASN A CG  1 
ATOM   694 O OD1 . ASN A 1 90  ? 2.779   -5.279  -12.055 1.00 23.77 ? 90  ASN A OD1 1 
ATOM   695 N ND2 . ASN A 1 90  ? 0.694   -5.674  -12.784 1.00 18.20 ? 90  ASN A ND2 1 
ATOM   696 N N   . TYR A 1 91  ? -1.510  -4.982  -11.384 1.00 17.57 ? 91  TYR A N   1 
ATOM   697 C CA  . TYR A 1 91  ? -2.525  -5.612  -10.558 1.00 16.84 ? 91  TYR A CA  1 
ATOM   698 C C   . TYR A 1 91  ? -1.855  -5.796  -9.207  1.00 16.45 ? 91  TYR A C   1 
ATOM   699 O O   . TYR A 1 91  ? -0.628  -5.845  -9.123  1.00 17.76 ? 91  TYR A O   1 
ATOM   700 C CB  . TYR A 1 91  ? -2.918  -6.965  -11.143 1.00 17.42 ? 91  TYR A CB  1 
ATOM   701 C CG  . TYR A 1 91  ? -3.463  -6.854  -12.543 1.00 17.49 ? 91  TYR A CG  1 
ATOM   702 C CD1 . TYR A 1 91  ? -4.754  -6.386  -12.769 1.00 15.82 ? 91  TYR A CD1 1 
ATOM   703 C CD2 . TYR A 1 91  ? -2.672  -7.165  -13.647 1.00 17.83 ? 91  TYR A CD2 1 
ATOM   704 C CE1 . TYR A 1 91  ? -5.248  -6.228  -14.069 1.00 18.21 ? 91  TYR A CE1 1 
ATOM   705 C CE2 . TYR A 1 91  ? -3.155  -7.005  -14.951 1.00 18.78 ? 91  TYR A CE2 1 
ATOM   706 C CZ  . TYR A 1 91  ? -4.442  -6.538  -15.152 1.00 19.48 ? 91  TYR A CZ  1 
ATOM   707 O OH  . TYR A 1 91  ? -4.926  -6.371  -16.427 1.00 19.02 ? 91  TYR A OH  1 
ATOM   708 N N   . ILE A 1 92  ? -2.648  -5.894  -8.149  1.00 15.46 ? 92  ILE A N   1 
ATOM   709 C CA  . ILE A 1 92  ? -2.081  -6.053  -6.820  1.00 13.83 ? 92  ILE A CA  1 
ATOM   710 C C   . ILE A 1 92  ? -2.699  -7.229  -6.078  1.00 12.65 ? 92  ILE A C   1 
ATOM   711 O O   . ILE A 1 92  ? -3.822  -7.629  -6.361  1.00 13.11 ? 92  ILE A O   1 
ATOM   712 C CB  . ILE A 1 92  ? -2.287  -4.765  -5.989  1.00 15.01 ? 92  ILE A CB  1 
ATOM   713 C CG1 . ILE A 1 92  ? -3.779  -4.456  -5.859  1.00 16.06 ? 92  ILE A CG1 1 
ATOM   714 C CG2 . ILE A 1 92  ? -1.594  -3.589  -6.676  1.00 12.41 ? 92  ILE A CG2 1 
ATOM   715 C CD1 . ILE A 1 92  ? -4.081  -3.239  -4.983  1.00 16.69 ? 92  ILE A CD1 1 
ATOM   716 N N   . CYS A 1 93  ? -1.948  -7.792  -5.139  1.00 12.91 ? 93  CYS A N   1 
ATOM   717 C CA  . CYS A 1 93  ? -2.453  -8.895  -4.333  1.00 13.43 ? 93  CYS A CA  1 
ATOM   718 C C   . CYS A 1 93  ? -2.689  -8.373  -2.922  1.00 13.71 ? 93  CYS A C   1 
ATOM   719 O O   . CYS A 1 93  ? -1.818  -7.726  -2.335  1.00 13.76 ? 93  CYS A O   1 
ATOM   720 C CB  . CYS A 1 93  ? -1.458  -10.058 -4.272  1.00 15.92 ? 93  CYS A CB  1 
ATOM   721 S SG  . CYS A 1 93  ? -2.150  -11.431 -3.293  1.00 18.46 ? 93  CYS A SG  1 
ATOM   722 N N   . VAL A 1 94  ? -3.875  -8.636  -2.386  1.00 12.54 ? 94  VAL A N   1 
ATOM   723 C CA  . VAL A 1 94  ? -4.214  -8.183  -1.047  1.00 12.42 ? 94  VAL A CA  1 
ATOM   724 C C   . VAL A 1 94  ? -4.861  -9.323  -0.286  1.00 12.49 ? 94  VAL A C   1 
ATOM   725 O O   . VAL A 1 94  ? -5.494  -10.194 -0.884  1.00 12.56 ? 94  VAL A O   1 
ATOM   726 C CB  . VAL A 1 94  ? -5.209  -6.997  -1.083  1.00 13.15 ? 94  VAL A CB  1 
ATOM   727 C CG1 . VAL A 1 94  ? -4.569  -5.798  -1.754  1.00 12.04 ? 94  VAL A CG1 1 
ATOM   728 C CG2 . VAL A 1 94  ? -6.473  -7.395  -1.829  1.00 13.36 ? 94  VAL A CG2 1 
ATOM   729 N N   . LYS A 1 95  ? -4.688  -9.329  1.029   1.00 11.73 ? 95  LYS A N   1 
ATOM   730 C CA  . LYS A 1 95  ? -5.307  -10.363 1.840   1.00 11.67 ? 95  LYS A CA  1 
ATOM   731 C C   . LYS A 1 95  ? -6.729  -9.905  2.085   1.00 12.06 ? 95  LYS A C   1 
ATOM   732 O O   . LYS A 1 95  ? -6.956  -8.803  2.590   1.00 13.04 ? 95  LYS A O   1 
ATOM   733 C CB  . LYS A 1 95  ? -4.596  -10.529 3.183   1.00 11.03 ? 95  LYS A CB  1 
ATOM   734 C CG  . LYS A 1 95  ? -5.303  -11.525 4.124   1.00 11.85 ? 95  LYS A CG  1 
ATOM   735 C CD  . LYS A 1 95  ? -5.132  -12.958 3.637   1.00 14.63 ? 95  LYS A CD  1 
ATOM   736 C CE  . LYS A 1 95  ? -6.107  -13.921 4.307   1.00 15.43 ? 95  LYS A CE  1 
ATOM   737 N NZ  . LYS A 1 95  ? -5.934  -14.032 5.782   1.00 16.71 ? 95  LYS A NZ  1 
ATOM   738 N N   . CYS A 1 96  ? -7.680  -10.749 1.708   1.00 11.41 ? 96  CYS A N   1 
ATOM   739 C CA  . CYS A 1 96  ? -9.089  -10.458 1.899   1.00 13.40 ? 96  CYS A CA  1 
ATOM   740 C C   . CYS A 1 96  ? -9.631  -11.211 3.099   1.00 13.42 ? 96  CYS A C   1 
ATOM   741 O O   . CYS A 1 96  ? -9.501  -12.429 3.193   1.00 13.08 ? 96  CYS A O   1 
ATOM   742 C CB  . CYS A 1 96  ? -9.897  -10.878 0.677   1.00 13.45 ? 96  CYS A CB  1 
ATOM   743 S SG  . CYS A 1 96  ? -9.618  -9.918  -0.846  1.00 14.02 ? 96  CYS A SG  1 
ATOM   744 N N   . GLU A 1 97  ? -10.238 -10.475 4.020   1.00 13.54 ? 97  GLU A N   1 
ATOM   745 C CA  . GLU A 1 97  ? -10.825 -11.074 5.202   1.00 13.10 ? 97  GLU A CA  1 
ATOM   746 C C   . GLU A 1 97  ? -12.198 -10.457 5.430   1.00 13.67 ? 97  GLU A C   1 
ATOM   747 O O   . GLU A 1 97  ? -12.323 -9.252  5.636   1.00 13.29 ? 97  GLU A O   1 
ATOM   748 C CB  . GLU A 1 97  ? -9.918  -10.862 6.417   1.00 13.62 ? 97  GLU A CB  1 
ATOM   749 C CG  . GLU A 1 97  ? -8.708  -11.794 6.437   1.00 12.44 ? 97  GLU A CG  1 
ATOM   750 C CD  . GLU A 1 97  ? -7.812  -11.578 7.643   1.00 16.17 ? 97  GLU A CD  1 
ATOM   751 O OE1 . GLU A 1 97  ? -8.288  -10.995 8.641   1.00 15.14 ? 97  GLU A OE1 1 
ATOM   752 O OE2 . GLU A 1 97  ? -6.635  -12.002 7.600   1.00 12.63 ? 97  GLU A OE2 1 
ATOM   753 N N   . ASN A 1 98  ? -13.227 -11.297 5.363   1.00 14.95 ? 98  ASN A N   1 
ATOM   754 C CA  . ASN A 1 98  ? -14.609 -10.862 5.548   1.00 17.77 ? 98  ASN A CA  1 
ATOM   755 C C   . ASN A 1 98  ? -14.970 -9.783  4.525   1.00 16.05 ? 98  ASN A C   1 
ATOM   756 O O   . ASN A 1 98  ? -15.634 -8.793  4.850   1.00 16.28 ? 98  ASN A O   1 
ATOM   757 C CB  . ASN A 1 98  ? -14.806 -10.335 6.971   1.00 22.95 ? 98  ASN A CB  1 
ATOM   758 C CG  . ASN A 1 98  ? -16.266 -10.197 7.342   1.00 29.57 ? 98  ASN A CG  1 
ATOM   759 O OD1 . ASN A 1 98  ? -17.041 -11.145 7.208   1.00 32.40 ? 98  ASN A OD1 1 
ATOM   760 N ND2 . ASN A 1 98  ? -16.651 -9.014  7.815   1.00 32.64 ? 98  ASN A ND2 1 
ATOM   761 N N   . GLN A 1 99  ? -14.515 -9.989  3.293   1.00 13.88 ? 99  GLN A N   1 
ATOM   762 C CA  . GLN A 1 99  ? -14.775 -9.078  2.182   1.00 14.60 ? 99  GLN A CA  1 
ATOM   763 C C   . GLN A 1 99  ? -14.088 -7.714  2.271   1.00 15.08 ? 99  GLN A C   1 
ATOM   764 O O   . GLN A 1 99  ? -14.499 -6.762  1.604   1.00 16.01 ? 99  GLN A O   1 
ATOM   765 C CB  . GLN A 1 99  ? -16.284 -8.898  2.007   1.00 16.88 ? 99  GLN A CB  1 
ATOM   766 C CG  . GLN A 1 99  ? -16.991 -10.189 1.633   1.00 19.62 ? 99  GLN A CG  1 
ATOM   767 C CD  . GLN A 1 99  ? -18.457 -9.990  1.319   1.00 21.72 ? 99  GLN A CD  1 
ATOM   768 O OE1 . GLN A 1 99  ? -19.316 -10.123 2.188   1.00 25.89 ? 99  GLN A OE1 1 
ATOM   769 N NE2 . GLN A 1 99  ? -18.747 -9.660  0.071   1.00 21.11 ? 99  GLN A NE2 1 
ATOM   770 N N   . TYR A 1 100 ? -13.032 -7.633  3.072   1.00 13.66 ? 100 TYR A N   1 
ATOM   771 C CA  . TYR A 1 100 ? -12.271 -6.391  3.240   1.00 15.23 ? 100 TYR A CA  1 
ATOM   772 C C   . TYR A 1 100 ? -10.775 -6.609  3.035   1.00 13.68 ? 100 TYR A C   1 
ATOM   773 O O   . TYR A 1 100 ? -10.231 -7.620  3.470   1.00 13.69 ? 100 TYR A O   1 
ATOM   774 C CB  . TYR A 1 100 ? -12.418 -5.847  4.662   1.00 17.29 ? 100 TYR A CB  1 
ATOM   775 C CG  . TYR A 1 100 ? -13.744 -5.217  5.004   1.00 22.64 ? 100 TYR A CG  1 
ATOM   776 C CD1 . TYR A 1 100 ? -14.103 -3.979  4.483   1.00 23.49 ? 100 TYR A CD1 1 
ATOM   777 C CD2 . TYR A 1 100 ? -14.611 -5.829  5.901   1.00 23.91 ? 100 TYR A CD2 1 
ATOM   778 C CE1 . TYR A 1 100 ? -15.299 -3.357  4.855   1.00 25.98 ? 100 TYR A CE1 1 
ATOM   779 C CE2 . TYR A 1 100 ? -15.811 -5.219  6.283   1.00 27.39 ? 100 TYR A CE2 1 
ATOM   780 C CZ  . TYR A 1 100 ? -16.146 -3.982  5.758   1.00 27.35 ? 100 TYR A CZ  1 
ATOM   781 O OH  . TYR A 1 100 ? -17.310 -3.366  6.146   1.00 31.39 ? 100 TYR A OH  1 
ATOM   782 N N   . PRO A 1 101 ? -10.093 -5.671  2.358   1.00 13.31 ? 101 PRO A N   1 
ATOM   783 C CA  . PRO A 1 101 ? -8.646  -5.823  2.160   1.00 12.42 ? 101 PRO A CA  1 
ATOM   784 C C   . PRO A 1 101 ? -8.044  -5.450  3.519   1.00 13.38 ? 101 PRO A C   1 
ATOM   785 O O   . PRO A 1 101 ? -8.419  -4.423  4.088   1.00 15.24 ? 101 PRO A O   1 
ATOM   786 C CB  . PRO A 1 101 ? -8.320  -4.766  1.102   1.00 12.19 ? 101 PRO A CB  1 
ATOM   787 C CG  . PRO A 1 101 ? -9.626  -4.569  0.380   1.00 12.26 ? 101 PRO A CG  1 
ATOM   788 C CD  . PRO A 1 101 ? -10.635 -4.614  1.490   1.00 11.52 ? 101 PRO A CD  1 
ATOM   789 N N   . VAL A 1 102 ? -7.132  -6.257  4.053   1.00 10.73 ? 102 VAL A N   1 
ATOM   790 C CA  . VAL A 1 102 ? -6.547  -5.944  5.351   1.00 12.26 ? 102 VAL A CA  1 
ATOM   791 C C   . VAL A 1 102 ? -5.021  -5.923  5.364   1.00 12.99 ? 102 VAL A C   1 
ATOM   792 O O   . VAL A 1 102 ? -4.415  -5.500  6.344   1.00 14.51 ? 102 VAL A O   1 
ATOM   793 C CB  . VAL A 1 102 ? -7.023  -6.938  6.441   1.00 12.89 ? 102 VAL A CB  1 
ATOM   794 C CG1 . VAL A 1 102 ? -8.545  -6.898  6.561   1.00 11.88 ? 102 VAL A CG1 1 
ATOM   795 C CG2 . VAL A 1 102 ? -6.549  -8.340  6.112   1.00 12.00 ? 102 VAL A CG2 1 
ATOM   796 N N   . HIS A 1 103 ? -4.400  -6.375  4.279   1.00 12.68 ? 103 HIS A N   1 
ATOM   797 C CA  . HIS A 1 103 ? -2.947  -6.395  4.188   1.00 14.68 ? 103 HIS A CA  1 
ATOM   798 C C   . HIS A 1 103 ? -2.510  -6.391  2.724   1.00 14.83 ? 103 HIS A C   1 
ATOM   799 O O   . HIS A 1 103 ? -3.097  -7.084  1.893   1.00 14.92 ? 103 HIS A O   1 
ATOM   800 C CB  . HIS A 1 103 ? -2.398  -7.636  4.913   1.00 15.81 ? 103 HIS A CB  1 
ATOM   801 C CG  . HIS A 1 103 ? -0.927  -7.862  4.722   1.00 18.09 ? 103 HIS A CG  1 
ATOM   802 N ND1 . HIS A 1 103 ? -0.424  -8.813  3.858   1.00 21.90 ? 103 HIS A ND1 1 
ATOM   803 C CD2 . HIS A 1 103 ? 0.150   -7.271  5.292   1.00 20.28 ? 103 HIS A CD2 1 
ATOM   804 C CE1 . HIS A 1 103 ? 0.898   -8.799  3.906   1.00 21.28 ? 103 HIS A CE1 1 
ATOM   805 N NE2 . HIS A 1 103 ? 1.270   -7.870  4.768   1.00 23.30 ? 103 HIS A NE2 1 
ATOM   806 N N   . PHE A 1 104 ? -1.499  -5.586  2.410   1.00 13.56 ? 104 PHE A N   1 
ATOM   807 C CA  . PHE A 1 104 ? -0.979  -5.513  1.049   1.00 14.32 ? 104 PHE A CA  1 
ATOM   808 C C   . PHE A 1 104 ? 0.003   -6.675  0.908   1.00 15.28 ? 104 PHE A C   1 
ATOM   809 O O   . PHE A 1 104 ? 1.023   -6.710  1.591   1.00 14.48 ? 104 PHE A O   1 
ATOM   810 C CB  . PHE A 1 104 ? -0.251  -4.189  0.827   1.00 14.89 ? 104 PHE A CB  1 
ATOM   811 C CG  . PHE A 1 104 ? 0.090   -3.921  -0.613  1.00 16.66 ? 104 PHE A CG  1 
ATOM   812 C CD1 . PHE A 1 104 ? -0.862  -3.390  -1.480  1.00 18.93 ? 104 PHE A CD1 1 
ATOM   813 C CD2 . PHE A 1 104 ? 1.352   -4.229  -1.113  1.00 18.72 ? 104 PHE A CD2 1 
ATOM   814 C CE1 . PHE A 1 104 ? -0.565  -3.171  -2.823  1.00 20.17 ? 104 PHE A CE1 1 
ATOM   815 C CE2 . PHE A 1 104 ? 1.661   -4.014  -2.459  1.00 19.61 ? 104 PHE A CE2 1 
ATOM   816 C CZ  . PHE A 1 104 ? 0.700   -3.485  -3.311  1.00 19.71 ? 104 PHE A CZ  1 
ATOM   817 N N   . ALA A 1 105 ? -0.299  -7.609  0.010   1.00 16.53 ? 105 ALA A N   1 
ATOM   818 C CA  . ALA A 1 105 ? 0.533   -8.796  -0.168  1.00 18.10 ? 105 ALA A CA  1 
ATOM   819 C C   . ALA A 1 105 ? 1.552   -8.763  -1.302  1.00 18.59 ? 105 ALA A C   1 
ATOM   820 O O   . ALA A 1 105 ? 2.536   -9.503  -1.268  1.00 22.28 ? 105 ALA A O   1 
ATOM   821 C CB  . ALA A 1 105 ? -0.366  -10.028 -0.312  1.00 18.22 ? 105 ALA A CB  1 
ATOM   822 N N   . GLY A 1 106 ? 1.327   -7.930  -2.308  1.00 17.06 ? 106 GLY A N   1 
ATOM   823 C CA  . GLY A 1 106 ? 2.282   -7.871  -3.398  1.00 19.02 ? 106 GLY A CA  1 
ATOM   824 C C   . GLY A 1 106 ? 1.808   -7.189  -4.661  1.00 18.22 ? 106 GLY A C   1 
ATOM   825 O O   . GLY A 1 106 ? 0.649   -6.795  -4.788  1.00 17.34 ? 106 GLY A O   1 
ATOM   826 N N   . ILE A 1 107 ? 2.731   -7.047  -5.603  1.00 18.48 ? 107 ILE A N   1 
ATOM   827 C CA  . ILE A 1 107 ? 2.441   -6.412  -6.874  1.00 18.80 ? 107 ILE A CA  1 
ATOM   828 C C   . ILE A 1 107 ? 2.599   -7.437  -7.989  1.00 20.65 ? 107 ILE A C   1 
ATOM   829 O O   . ILE A 1 107 ? 3.609   -8.130  -8.053  1.00 21.38 ? 107 ILE A O   1 
ATOM   830 C CB  . ILE A 1 107 ? 3.415   -5.248  -7.137  1.00 19.17 ? 107 ILE A CB  1 
ATOM   831 C CG1 . ILE A 1 107 ? 3.331   -4.235  -5.999  1.00 19.04 ? 107 ILE A CG1 1 
ATOM   832 C CG2 . ILE A 1 107 ? 3.095   -4.588  -8.467  1.00 19.00 ? 107 ILE A CG2 1 
ATOM   833 C CD1 . ILE A 1 107 ? 4.362   -3.130  -6.084  1.00 21.95 ? 107 ILE A CD1 1 
ATOM   834 N N   . GLY A 1 108 ? 1.592   -7.538  -8.850  1.00 21.47 ? 108 GLY A N   1 
ATOM   835 C CA  . GLY A 1 108 ? 1.659   -8.461  -9.969  1.00 22.19 ? 108 GLY A CA  1 
ATOM   836 C C   . GLY A 1 108 ? 1.284   -9.904  -9.696  1.00 23.91 ? 108 GLY A C   1 
ATOM   837 O O   . GLY A 1 108 ? 0.766   -10.579 -10.582 1.00 23.42 ? 108 GLY A O   1 
ATOM   838 N N   . ARG A 1 109 ? 1.542   -10.382 -8.484  1.00 24.71 ? 109 ARG A N   1 
ATOM   839 C CA  . ARG A 1 109 ? 1.225   -11.762 -8.134  1.00 28.08 ? 109 ARG A CA  1 
ATOM   840 C C   . ARG A 1 109 ? 1.114   -11.942 -6.626  1.00 27.59 ? 109 ARG A C   1 
ATOM   841 O O   . ARG A 1 109 ? 1.619   -11.126 -5.853  1.00 28.90 ? 109 ARG A O   1 
ATOM   842 C CB  . ARG A 1 109 ? 2.313   -12.700 -8.664  1.00 31.24 ? 109 ARG A CB  1 
ATOM   843 C CG  . ARG A 1 109 ? 3.675   -12.481 -8.010  1.00 36.65 ? 109 ARG A CG  1 
ATOM   844 C CD  . ARG A 1 109 ? 4.773   -13.283 -8.700  1.00 40.95 ? 109 ARG A CD  1 
ATOM   845 N NE  . ARG A 1 109 ? 4.570   -14.724 -8.585  1.00 43.97 ? 109 ARG A NE  1 
ATOM   846 C CZ  . ARG A 1 109 ? 4.670   -15.405 -7.448  1.00 46.03 ? 109 ARG A CZ  1 
ATOM   847 N NH1 . ARG A 1 109 ? 4.974   -14.778 -6.319  1.00 47.50 ? 109 ARG A NH1 1 
ATOM   848 N NH2 . ARG A 1 109 ? 4.460   -16.716 -7.439  1.00 47.31 ? 109 ARG A NH2 1 
ATOM   849 N N   . CYS A 1 110 ? 0.447   -13.014 -6.217  1.00 26.99 ? 110 CYS A N   1 
ATOM   850 C CA  . CYS A 1 110 ? 0.293   -13.322 -4.803  1.00 26.39 ? 110 CYS A CA  1 
ATOM   851 C C   . CYS A 1 110 ? 1.391   -14.299 -4.406  1.00 28.70 ? 110 CYS A C   1 
ATOM   852 O O   . CYS A 1 110 ? 1.815   -15.124 -5.217  1.00 29.63 ? 110 CYS A O   1 
ATOM   853 C CB  . CYS A 1 110 ? -1.064  -13.974 -4.531  1.00 22.97 ? 110 CYS A CB  1 
ATOM   854 S SG  . CYS A 1 110 ? -2.529  -12.894 -4.643  1.00 20.50 ? 110 CYS A SG  1 
ATOM   855 N N   . PRO A 1 111 ? 1.862   -14.226 -3.153  1.00 30.60 ? 111 PRO A N   1 
ATOM   856 C CA  . PRO A 1 111 ? 2.917   -15.116 -2.662  1.00 33.28 ? 111 PRO A CA  1 
ATOM   857 C C   . PRO A 1 111 ? 2.436   -16.548 -2.412  1.00 35.48 ? 111 PRO A C   1 
ATOM   858 O O   . PRO A 1 111 ? 3.091   -17.482 -2.921  1.00 37.22 ? 111 PRO A O   1 
ATOM   859 C CB  . PRO A 1 111 ? 3.380   -14.420 -1.386  1.00 33.22 ? 111 PRO A CB  1 
ATOM   860 C CG  . PRO A 1 111 ? 2.122   -13.805 -0.879  1.00 32.39 ? 111 PRO A CG  1 
ATOM   861 C CD  . PRO A 1 111 ? 1.511   -13.221 -2.135  1.00 31.62 ? 111 PRO A CD  1 
ATOM   862 O OXT . PRO A 1 111 ? 1.419   -16.726 -1.711  1.00 37.72 ? 111 PRO A OXT 1 
HETATM 863 P P   . PO4 B 2 .   ? -0.559  -3.453  5.691   1.00 23.31 ? 501 PO4 A P   1 
HETATM 864 O O1  . PO4 B 2 .   ? -0.362  -3.713  4.246   1.00 21.71 ? 501 PO4 A O1  1 
HETATM 865 O O2  . PO4 B 2 .   ? -1.809  -2.669  5.890   1.00 22.57 ? 501 PO4 A O2  1 
HETATM 866 O O3  . PO4 B 2 .   ? 0.602   -2.683  6.212   1.00 23.72 ? 501 PO4 A O3  1 
HETATM 867 O O4  . PO4 B 2 .   ? -0.666  -4.746  6.420   1.00 23.76 ? 501 PO4 A O4  1 
HETATM 868 O O   . HOH C 3 .   ? 10.284  10.371  4.816   1.00 17.06 ? 601 HOH A O   1 
HETATM 869 O O   . HOH C 3 .   ? -11.116 -1.669  9.994   1.00 14.44 ? 602 HOH A O   1 
HETATM 870 O O   . HOH C 3 .   ? -13.919 -10.689 -5.549  1.00 15.23 ? 603 HOH A O   1 
HETATM 871 O O   . HOH C 3 .   ? -11.074 -4.984  8.671   1.00 13.65 ? 604 HOH A O   1 
HETATM 872 O O   . HOH C 3 .   ? -8.714  4.951   7.441   1.00 23.64 ? 605 HOH A O   1 
HETATM 873 O O   . HOH C 3 .   ? 8.878   6.723   7.369   1.00 23.85 ? 606 HOH A O   1 
HETATM 874 O O   . HOH C 3 .   ? 5.491   0.573   -7.706  1.00 24.21 ? 607 HOH A O   1 
HETATM 875 O O   . HOH C 3 .   ? -3.053  7.279   2.696   1.00 23.68 ? 609 HOH A O   1 
HETATM 876 O O   . HOH C 3 .   ? -11.062 -3.860  -7.775  1.00 23.71 ? 610 HOH A O   1 
HETATM 877 O O   . HOH C 3 .   ? 10.726  2.312   -4.909  1.00 21.24 ? 611 HOH A O   1 
HETATM 878 O O   . HOH C 3 .   ? 3.600   -1.875  0.822   1.00 21.83 ? 612 HOH A O   1 
HETATM 879 O O   . HOH C 3 .   ? -16.752 -1.839  -2.584  1.00 22.69 ? 613 HOH A O   1 
HETATM 880 O O   . HOH C 3 .   ? 1.251   9.953   4.684   1.00 26.66 ? 614 HOH A O   1 
HETATM 881 O O   . HOH C 3 .   ? -11.030 -9.211  -7.482  1.00 22.04 ? 615 HOH A O   1 
HETATM 882 O O   . HOH C 3 .   ? -11.733 -7.843  8.023   1.00 24.34 ? 617 HOH A O   1 
HETATM 883 O O   . HOH C 3 .   ? -9.970  -4.609  -15.411 1.00 32.89 ? 618 HOH A O   1 
HETATM 884 O O   . HOH C 3 .   ? -4.678  -17.280 0.212   1.00 29.70 ? 619 HOH A O   1 
HETATM 885 O O   . HOH C 3 .   ? -1.305  -12.118 3.072   1.00 20.96 ? 620 HOH A O   1 
HETATM 886 O O   . HOH C 3 .   ? -6.623  -14.349 -7.047  1.00 28.27 ? 621 HOH A O   1 
HETATM 887 O O   . HOH C 3 .   ? -8.209  -2.560  -15.185 1.00 26.57 ? 622 HOH A O   1 
HETATM 888 O O   . HOH C 3 .   ? -7.144  -4.779  -16.913 1.00 33.67 ? 623 HOH A O   1 
HETATM 889 O O   . HOH C 3 .   ? -5.589  3.399   -10.182 1.00 25.56 ? 624 HOH A O   1 
HETATM 890 O O   . HOH C 3 .   ? -15.969 -5.984  -0.494  1.00 31.82 ? 626 HOH A O   1 
HETATM 891 O O   . HOH C 3 .   ? -1.255  -16.326 -1.731  1.00 29.59 ? 627 HOH A O   1 
HETATM 892 O O   . HOH C 3 .   ? 0.978   -7.732  -14.691 1.00 27.23 ? 628 HOH A O   1 
HETATM 893 O O   . HOH C 3 .   ? 14.732  13.682  13.786  1.00 34.51 ? 629 HOH A O   1 
HETATM 894 O O   . HOH C 3 .   ? -7.228  7.645   5.233   1.00 51.21 ? 630 HOH A O   1 
HETATM 895 O O   . HOH C 3 .   ? -1.227  1.154   -20.376 1.00 40.21 ? 632 HOH A O   1 
HETATM 896 O O   . HOH C 3 .   ? -12.199 -17.321 1.265   1.00 27.12 ? 634 HOH A O   1 
HETATM 897 O O   . HOH C 3 .   ? -0.675  7.858   5.486   1.00 33.54 ? 636 HOH A O   1 
HETATM 898 O O   . HOH C 3 .   ? 8.569   8.195   -9.760  1.00 34.21 ? 637 HOH A O   1 
HETATM 899 O O   . HOH C 3 .   ? 1.851   1.384   12.036  1.00 40.11 ? 638 HOH A O   1 
HETATM 900 O O   . HOH C 3 .   ? -13.345 0.506   9.021   1.00 31.72 ? 639 HOH A O   1 
HETATM 901 O O   . HOH C 3 .   ? 2.792   -3.766  4.070   1.00 45.16 ? 640 HOH A O   1 
HETATM 902 O O   . HOH C 3 .   ? -15.794 1.346   3.934   1.00 47.33 ? 641 HOH A O   1 
HETATM 903 O O   . HOH C 3 .   ? -13.740 -7.745  -11.094 1.00 26.35 ? 642 HOH A O   1 
HETATM 904 O O   . HOH C 3 .   ? 3.261   12.312  17.442  1.00 30.58 ? 643 HOH A O   1 
HETATM 905 O O   . HOH C 3 .   ? -11.187 4.653   -9.296  1.00 34.83 ? 644 HOH A O   1 
HETATM 906 O O   . HOH C 3 .   ? 5.437   -16.960 -4.541  1.00 42.81 ? 647 HOH A O   1 
HETATM 907 O O   . HOH C 3 .   ? -11.509 -4.243  13.679  1.00 59.65 ? 649 HOH A O   1 
HETATM 908 O O   . HOH C 3 .   ? 13.016  8.295   -7.097  1.00 31.00 ? 651 HOH A O   1 
HETATM 909 O O   . HOH C 3 .   ? -9.250  2.860   -9.388  1.00 37.51 ? 654 HOH A O   1 
HETATM 910 O O   . HOH C 3 .   ? -6.325  -5.896  13.364  1.00 38.84 ? 655 HOH A O   1 
HETATM 911 O O   . HOH C 3 .   ? 2.327   -3.608  8.858   1.00 52.85 ? 659 HOH A O   1 
HETATM 912 O O   . HOH C 3 .   ? 12.913  2.972   -6.264  1.00 35.23 ? 660 HOH A O   1 
HETATM 913 O O   . HOH C 3 .   ? -10.029 8.885   -5.922  1.00 44.92 ? 668 HOH A O   1 
HETATM 914 O O   . HOH C 3 .   ? -18.435 -7.945  4.858   1.00 39.35 ? 674 HOH A O   1 
HETATM 915 O O   . HOH C 3 .   ? 10.005  -2.212  7.642   1.00 38.52 ? 676 HOH A O   1 
HETATM 916 O O   . HOH C 3 .   ? 5.286   -3.353  -1.963  1.00 34.51 ? 686 HOH A O   1 
HETATM 917 O O   . HOH C 3 .   ? 2.701   7.972   -3.483  1.00 36.52 ? 687 HOH A O   1 
HETATM 918 O O   . HOH C 3 .   ? -13.411 2.496   7.059   1.00 41.81 ? 692 HOH A O   1 
HETATM 919 O O   . HOH C 3 .   ? -10.519 -6.747  -8.635  1.00 32.05 ? 693 HOH A O   1 
HETATM 920 O O   . HOH C 3 .   ? -4.352  8.975   4.615   1.00 30.38 ? 695 HOH A O   1 
HETATM 921 O O   . HOH C 3 .   ? 4.532   -18.146 -0.733  1.00 35.50 ? 697 HOH A O   1 
HETATM 922 O O   . HOH C 3 .   ? 17.486  0.786   3.627   1.00 31.79 ? 699 HOH A O   1 
HETATM 923 O O   . HOH C 3 .   ? -10.182 9.427   1.128   1.00 29.50 ? 700 HOH A O   1 
HETATM 924 O O   . HOH C 3 .   ? -11.679 4.567   8.298   1.00 47.28 ? 702 HOH A O   1 
HETATM 925 O O   . HOH C 3 .   ? -14.029 5.753   -2.264  1.00 43.18 ? 703 HOH A O   1 
HETATM 926 O O   . HOH C 3 .   ? 11.887  -1.270  9.555   1.00 45.93 ? 724 HOH A O   1 
HETATM 927 O O   . HOH C 3 .   ? -16.945 -4.412  -2.277  1.00 37.66 ? 731 HOH A O   1 
HETATM 928 O O   . HOH C 3 .   ? -2.198  9.251   7.268   1.00 38.96 ? 733 HOH A O   1 
HETATM 929 O O   . HOH C 3 .   ? 7.204   9.763   -11.848 1.00 50.73 ? 739 HOH A O   1 
HETATM 930 O O   . HOH C 3 .   ? 1.336   4.891   -14.294 1.00 47.29 ? 756 HOH A O   1 
HETATM 931 O O   . HOH C 3 .   ? -5.223  -10.223 -12.364 1.00 42.38 ? 772 HOH A O   1 
HETATM 932 O O   . HOH C 3 .   ? 10.414  9.020   7.353   1.00 18.66 ? 790 HOH A O   1 
HETATM 933 O O   . HOH C 3 .   ? -6.883  7.866   2.054   1.00 30.42 ? 808 HOH A O   1 
HETATM 934 O O   . HOH C 3 .   ? -4.048  -23.927 -1.612  1.00 37.32 ? 811 HOH A O   1 
HETATM 935 O O   . HOH C 3 .   ? -14.320 -7.486  9.451   1.00 38.41 ? 814 HOH A O   1 
HETATM 936 O O   . HOH C 3 .   ? 5.687   -8.374  -5.579  1.00 47.02 ? 815 HOH A O   1 
HETATM 937 O O   . HOH C 3 .   ? -5.714  -15.353 -9.602  1.00 48.52 ? 822 HOH A O   1 
HETATM 938 O O   . HOH C 3 .   ? -12.361 8.578   -1.178  1.00 59.26 ? 823 HOH A O   1 
HETATM 939 O O   . HOH C 3 .   ? -14.660 4.920   5.366   1.00 62.47 ? 836 HOH A O   1 
HETATM 940 O O   . HOH C 3 .   ? 3.530   0.414   8.741   1.00 48.61 ? 860 HOH A O   1 
HETATM 941 O O   . HOH C 3 .   ? 1.936   7.988   -14.511 1.00 51.72 ? 862 HOH A O   1 
HETATM 942 O O   . HOH C 3 .   ? 11.196  14.755  3.621   1.00 44.49 ? 863 HOH A O   1 
HETATM 943 O O   . HOH C 3 .   ? -18.953 -11.079 5.002   1.00 45.29 ? 911 HOH A O   1 
HETATM 944 O O   . HOH C 3 .   ? 4.272   14.990  -5.179  1.00 54.44 ? 915 HOH A O   1 
HETATM 945 O O   . HOH C 3 .   ? 14.116  10.653  14.850  1.00 45.93 ? 916 HOH A O   1 
HETATM 946 O O   . HOH C 3 .   ? -3.875  -16.646 -3.852  1.00 38.71 ? 942 HOH A O   1 
HETATM 947 O O   . HOH C 3 .   ? 1.691   10.639  -11.871 1.00 65.31 ? 949 HOH A O   1 
HETATM 948 O O   . HOH C 3 .   ? -11.843 -5.507  -12.131 1.00 43.97 ? 950 HOH A O   1 
HETATM 949 O O   . HOH C 3 .   ? -9.460  7.068   -0.433  1.00 48.78 ? 951 HOH A O   1 
HETATM 950 O O   . HOH C 3 .   ? 4.714   -4.724  1.779   1.00 59.32 ? 952 HOH A O   1 
HETATM 951 O O   . HOH C 3 .   ? 6.733   0.600   15.913  1.00 53.76 ? 954 HOH A O   1 
HETATM 952 O O   . HOH C 3 .   ? -1.380  -14.639 -8.109  1.00 41.62 ? 955 HOH A O   1 
HETATM 953 O O   . HOH C 3 .   ? -7.373  -23.162 -1.986  1.00 50.76 ? 956 HOH A O   1 
HETATM 954 O O   . HOH C 3 .   ? 4.499   -7.907  -12.956 1.00 49.24 ? 957 HOH A O   1 
HETATM 955 O O   . HOH C 3 .   ? -4.538  1.902   -14.170 1.00 52.00 ? 958 HOH A O   1 
HETATM 956 O O   . HOH C 3 .   ? 4.404   16.575  -1.824  1.00 48.73 ? 959 HOH A O   1 
HETATM 957 O O   . HOH C 3 .   ? 13.001  12.793  16.129  1.00 47.43 ? 963 HOH A O   1 
HETATM 958 O O   . HOH C 3 .   ? 9.077   15.610  5.286   1.00 52.12 ? 964 HOH A O   1 
HETATM 959 O O   . HOH C 3 .   ? 3.567   -4.557  6.797   1.00 51.18 ? 965 HOH A O   1 
HETATM 960 O O   . HOH C 3 .   ? -9.480  -11.711 -8.507  1.00 42.51 ? 968 HOH A O   1 
HETATM 961 O O   . HOH C 3 .   ? 5.517   -9.513  -2.733  1.00 45.41 ? 969 HOH A O   1 
HETATM 962 O O   . HOH C 3 .   ? -15.761 6.662   -5.521  1.00 41.99 ? 970 HOH A O   1 
# 
